data_3HNE
#
_entry.id   3HNE
#
_cell.length_a   69.147
_cell.length_b   114.372
_cell.length_c   222.474
_cell.angle_alpha   90.00
_cell.angle_beta   90.00
_cell.angle_gamma   90.00
#
_symmetry.space_group_name_H-M   'P 21 21 21'
#
loop_
_entity.id
_entity.type
_entity.pdbx_description
1 polymer 'Ribonucleoside-diphosphate reductase large subunit'
2 non-polymer "THYMIDINE-5'-TRIPHOSPHATE"
3 non-polymer 'MAGNESIUM ION'
4 non-polymer 'SULFATE ION'
5 non-polymer "ADENOSINE-5'-TRIPHOSPHATE"
6 water water
#
_entity_poly.entity_id   1
_entity_poly.type   'polypeptide(L)'
_entity_poly.pdbx_seq_one_letter_code
;MHVIKRDGRQERVMFDKITSRIQKLCYGLNMDFVDPAQITMKVIQGLYSGVTTVELDTLAAETAATLTTKHPDYAILAAR
IAVSNLHKETKKVFSDVMEDLYNYINPHNGKHSPMVAKSTLDIVLANKDRLNSAIIYDRDFSYNYFGFKTLERSYLLKIN
GKVAERPQHMLMRVSVGIHKEDIDAAIETYNLLSERWFTHASPTLFNAGTNRPQLSSCFLLSMKDDSIEGIYDTLKQCAL
ISKSAGGIGVAVSCIRATGSYIAGTNGNSNGLVPMLRVYNNTARYVDQGGNKRPGAFAIYLEPWHLDIFEFLDLKKNTGK
EEQRARDLFFALWIPDLFMKRVETNQDWSLMCPNECPGLDEVWGEEFEKLYASYEKQGRVRKVVKAQQLWYAIIESQTET
GTPYMLYKDSCNRKSNQQNLGTIKCSNLCTEIVEYTSKDEVAVCNLASLALNMYVTSEHTYDFKKLAEVTKVVVRNLNKI
IDINYYPVPEACLSNKRHRPIGIGVQGLADAFILMRYPFESAEAQLLNKQIFETIYYGALEASCDLAKEQGPYETYEGSP
VSKGILQYDMWNVTPTDLWDWKVLKEKIAKYGIRNSLLIAPMPTASTAQILGNNESIEPYTSNIYTRRVLSGEFQIVNPH
LLKDLTERGLWHEEMKNQIIACNGSIQSIPEIPDDLKQLYKTVWEISQKTVLKMAAERGAFIDQSQSLNIHIAEPNYGKL
TSMHFYGWKQGLKTGMYYLRTRPAANPIQFTLNKEKLKDKEKVSKEEEEKERNTAAMVCSLENRDECLMCGS
;
_entity_poly.pdbx_strand_id   A,B
#
# COMPACT_ATOMS: atom_id res chain seq x y z
N MET A 14 -44.95 -47.03 11.06
CA MET A 14 -43.67 -47.57 10.54
C MET A 14 -43.07 -46.67 9.44
N PHE A 15 -43.15 -47.13 8.20
CA PHE A 15 -42.63 -46.43 7.01
C PHE A 15 -43.67 -45.41 6.61
N ASP A 16 -44.93 -45.77 6.84
CA ASP A 16 -46.05 -44.85 6.67
C ASP A 16 -45.97 -43.66 7.67
N LYS A 17 -45.22 -43.81 8.75
CA LYS A 17 -45.00 -42.72 9.70
C LYS A 17 -44.37 -41.53 9.01
N ILE A 18 -43.22 -41.76 8.36
CA ILE A 18 -42.48 -40.67 7.71
C ILE A 18 -43.26 -40.15 6.53
N THR A 19 -43.67 -41.06 5.64
CA THR A 19 -44.39 -40.74 4.39
C THR A 19 -45.58 -39.81 4.58
N SER A 20 -46.45 -40.14 5.52
CA SER A 20 -47.54 -39.27 5.91
C SER A 20 -47.03 -37.90 6.37
N ARG A 21 -45.99 -37.87 7.19
CA ARG A 21 -45.50 -36.58 7.68
C ARG A 21 -45.01 -35.70 6.52
N ILE A 22 -44.54 -36.35 5.45
CA ILE A 22 -44.06 -35.70 4.24
C ILE A 22 -45.23 -35.19 3.43
N GLN A 23 -46.24 -36.05 3.35
CA GLN A 23 -47.55 -35.71 2.78
C GLN A 23 -48.08 -34.38 3.29
N LYS A 24 -47.95 -34.15 4.61
CA LYS A 24 -48.44 -32.95 5.27
C LYS A 24 -48.03 -31.68 4.53
N LEU A 25 -46.87 -31.70 3.93
CA LEU A 25 -46.32 -30.48 3.38
C LEU A 25 -46.37 -30.37 1.87
N CYS A 26 -47.35 -31.02 1.26
CA CYS A 26 -47.44 -31.11 -0.18
C CYS A 26 -48.63 -30.38 -0.74
N TYR A 27 -49.42 -29.79 0.12
CA TYR A 27 -50.58 -29.11 -0.40
C TYR A 27 -50.05 -28.37 -1.58
N GLY A 28 -50.90 -28.09 -2.54
CA GLY A 28 -50.57 -27.24 -3.66
C GLY A 28 -49.66 -27.72 -4.75
N LEU A 29 -48.98 -28.84 -4.55
CA LEU A 29 -47.94 -29.24 -5.51
C LEU A 29 -48.47 -30.21 -6.56
N ASN A 30 -47.74 -30.38 -7.65
CA ASN A 30 -48.13 -31.34 -8.68
C ASN A 30 -48.00 -32.83 -8.28
N MET A 31 -49.10 -33.47 -7.93
CA MET A 31 -49.06 -34.80 -7.35
C MET A 31 -48.74 -35.98 -8.31
N ASP A 32 -48.57 -35.70 -9.60
CA ASP A 32 -48.26 -36.77 -10.54
C ASP A 32 -46.77 -36.95 -10.62
N PHE A 33 -46.05 -36.00 -10.05
CA PHE A 33 -44.62 -36.05 -10.18
C PHE A 33 -43.99 -36.04 -8.81
N VAL A 34 -44.58 -35.29 -7.88
CA VAL A 34 -44.08 -35.28 -6.51
C VAL A 34 -44.66 -36.46 -5.76
N ASP A 35 -43.95 -37.59 -5.79
CA ASP A 35 -44.33 -38.75 -4.99
C ASP A 35 -43.50 -38.84 -3.71
N PRO A 36 -44.17 -38.80 -2.53
CA PRO A 36 -43.48 -38.71 -1.22
C PRO A 36 -42.85 -40.04 -0.70
N ALA A 37 -43.43 -41.19 -1.06
CA ALA A 37 -42.87 -42.50 -0.75
C ALA A 37 -41.49 -42.65 -1.37
N GLN A 38 -41.26 -41.94 -2.47
CA GLN A 38 -39.94 -41.91 -3.10
C GLN A 38 -38.87 -41.19 -2.28
N ILE A 39 -39.28 -40.22 -1.46
CA ILE A 39 -38.37 -39.61 -0.49
C ILE A 39 -38.11 -40.53 0.68
N THR A 40 -39.12 -41.29 1.08
CA THR A 40 -39.01 -42.14 2.24
C THR A 40 -38.08 -43.33 2.00
N MET A 41 -38.00 -43.83 0.76
CA MET A 41 -37.08 -44.93 0.43
C MET A 41 -35.66 -44.60 0.85
N LYS A 42 -35.21 -43.40 0.47
CA LYS A 42 -33.83 -43.00 0.66
C LYS A 42 -33.60 -42.43 2.06
N VAL A 43 -34.67 -42.28 2.83
CA VAL A 43 -34.58 -41.68 4.17
C VAL A 43 -34.69 -42.71 5.27
N ILE A 44 -35.71 -43.57 5.17
CA ILE A 44 -36.00 -44.62 6.16
C ILE A 44 -34.78 -45.46 6.52
N GLN A 45 -33.70 -45.32 5.72
CA GLN A 45 -32.42 -46.03 5.92
C GLN A 45 -31.38 -45.18 6.66
N GLY A 46 -31.88 -44.13 7.32
CA GLY A 46 -31.13 -43.38 8.33
C GLY A 46 -31.84 -43.50 9.68
N LEU A 47 -32.53 -44.62 9.85
CA LEU A 47 -33.37 -44.84 11.02
C LEU A 47 -32.69 -45.75 12.03
N TYR A 48 -31.77 -45.18 12.81
CA TYR A 48 -31.12 -45.94 13.87
C TYR A 48 -31.73 -45.69 15.26
N SER A 49 -31.63 -46.70 16.14
CA SER A 49 -32.28 -46.68 17.46
C SER A 49 -31.78 -45.53 18.32
N GLY A 50 -32.53 -44.44 18.30
CA GLY A 50 -32.11 -43.14 18.81
C GLY A 50 -31.77 -42.15 17.69
N VAL A 51 -32.59 -42.10 16.65
CA VAL A 51 -32.40 -41.08 15.62
C VAL A 51 -33.38 -39.94 15.86
N THR A 52 -32.85 -38.85 16.41
CA THR A 52 -33.64 -37.67 16.73
C THR A 52 -34.29 -37.21 15.46
N THR A 53 -35.63 -37.17 15.46
CA THR A 53 -36.41 -36.93 14.22
C THR A 53 -36.26 -35.51 13.62
N VAL A 54 -35.64 -34.59 14.37
CA VAL A 54 -35.16 -33.29 13.84
C VAL A 54 -34.25 -33.51 12.62
N GLU A 55 -33.41 -34.55 12.70
CA GLU A 55 -32.41 -34.87 11.68
C GLU A 55 -32.90 -35.92 10.68
N LEU A 56 -33.90 -36.69 11.06
CA LEU A 56 -34.68 -37.39 10.04
C LEU A 56 -35.25 -36.28 9.15
N ASP A 57 -36.07 -35.41 9.74
CA ASP A 57 -36.62 -34.26 9.03
C ASP A 57 -35.59 -33.60 8.13
N THR A 58 -34.44 -33.23 8.69
CA THR A 58 -33.39 -32.53 7.94
C THR A 58 -32.84 -33.36 6.79
N LEU A 59 -32.81 -34.68 6.98
CA LEU A 59 -32.41 -35.58 5.91
C LEU A 59 -33.43 -35.43 4.77
N ALA A 60 -34.71 -35.53 5.12
CA ALA A 60 -35.82 -35.39 4.15
C ALA A 60 -35.71 -34.15 3.26
N ALA A 61 -35.37 -33.00 3.82
CA ALA A 61 -35.21 -31.81 3.00
C ALA A 61 -34.17 -32.08 1.90
N GLU A 62 -33.05 -32.67 2.30
CA GLU A 62 -31.98 -32.92 1.36
C GLU A 62 -32.40 -33.84 0.21
N THR A 63 -33.04 -34.93 0.58
CA THR A 63 -33.47 -35.89 -0.41
C THR A 63 -34.39 -35.23 -1.40
N ALA A 64 -35.37 -34.48 -0.93
CA ALA A 64 -36.30 -33.80 -1.81
C ALA A 64 -35.56 -32.91 -2.81
N ALA A 65 -34.56 -32.20 -2.31
CA ALA A 65 -33.82 -31.32 -3.20
C ALA A 65 -33.06 -32.05 -4.31
N THR A 66 -32.67 -33.30 -4.08
CA THR A 66 -31.95 -34.06 -5.09
C THR A 66 -32.92 -34.46 -6.21
N LEU A 67 -34.20 -34.53 -5.87
CA LEU A 67 -35.22 -34.97 -6.84
C LEU A 67 -35.81 -33.79 -7.56
N THR A 68 -35.13 -32.65 -7.43
CA THR A 68 -35.52 -31.43 -8.10
C THR A 68 -35.39 -31.63 -9.60
N THR A 69 -34.36 -32.39 -9.96
CA THR A 69 -34.10 -32.80 -11.31
C THR A 69 -35.30 -33.57 -11.86
N LYS A 70 -36.10 -34.18 -10.99
CA LYS A 70 -37.29 -34.93 -11.43
C LYS A 70 -38.52 -34.01 -11.67
N HIS A 71 -38.79 -33.10 -10.74
CA HIS A 71 -39.79 -32.06 -10.96
C HIS A 71 -39.41 -30.86 -10.10
N PRO A 72 -39.83 -29.65 -10.51
CA PRO A 72 -39.44 -28.48 -9.75
C PRO A 72 -40.21 -28.26 -8.47
N ASP A 73 -41.39 -28.84 -8.32
CA ASP A 73 -42.11 -28.70 -7.06
C ASP A 73 -41.48 -29.53 -5.94
N TYR A 74 -40.55 -30.44 -6.28
CA TYR A 74 -39.72 -31.11 -5.26
C TYR A 74 -38.84 -30.15 -4.47
N ALA A 75 -38.21 -29.23 -5.21
CA ALA A 75 -37.46 -28.10 -4.63
C ALA A 75 -38.30 -27.35 -3.61
N ILE A 76 -39.56 -27.13 -3.96
CA ILE A 76 -40.53 -26.39 -3.14
C ILE A 76 -40.91 -27.20 -1.89
N LEU A 77 -41.12 -28.49 -2.06
CA LEU A 77 -41.29 -29.33 -0.90
C LEU A 77 -40.05 -29.30 0.01
N ALA A 78 -38.86 -29.39 -0.60
CA ALA A 78 -37.59 -29.36 0.13
C ALA A 78 -37.51 -28.15 1.07
N ALA A 79 -37.85 -26.99 0.54
CA ALA A 79 -37.88 -25.72 1.25
C ALA A 79 -38.84 -25.80 2.40
N ARG A 80 -40.05 -26.25 2.13
CA ARG A 80 -41.11 -26.29 3.15
C ARG A 80 -40.75 -27.15 4.36
N ILE A 81 -39.96 -28.18 4.12
CA ILE A 81 -39.45 -29.00 5.20
C ILE A 81 -38.42 -28.25 6.02
N ALA A 82 -37.37 -27.77 5.38
CA ALA A 82 -36.39 -26.97 6.09
C ALA A 82 -37.04 -25.77 6.79
N VAL A 83 -38.01 -25.10 6.17
CA VAL A 83 -38.63 -23.99 6.85
C VAL A 83 -39.37 -24.47 8.10
N SER A 84 -40.03 -25.63 8.02
CA SER A 84 -40.69 -26.20 9.20
C SER A 84 -39.72 -26.34 10.36
N ASN A 85 -38.58 -26.95 10.10
CA ASN A 85 -37.50 -27.10 11.08
C ASN A 85 -37.05 -25.77 11.66
N LEU A 86 -36.92 -24.76 10.78
CA LEU A 86 -36.53 -23.43 11.23
C LEU A 86 -37.59 -22.90 12.13
N HIS A 87 -38.85 -23.12 11.78
CA HIS A 87 -39.90 -22.66 12.63
C HIS A 87 -39.88 -23.33 13.99
N LYS A 88 -39.82 -24.66 14.03
CA LYS A 88 -39.69 -25.36 15.29
C LYS A 88 -38.47 -24.85 16.06
N GLU A 89 -37.44 -24.40 15.33
CA GLU A 89 -36.19 -23.97 16.00
C GLU A 89 -36.11 -22.48 16.44
N THR A 90 -36.97 -21.61 15.91
CA THR A 90 -36.91 -20.18 16.28
C THR A 90 -38.08 -19.78 17.17
N LYS A 91 -38.02 -18.60 17.79
CA LYS A 91 -39.17 -18.01 18.49
C LYS A 91 -40.11 -17.42 17.43
N LYS A 92 -41.44 -17.47 17.65
CA LYS A 92 -42.38 -16.87 16.65
C LYS A 92 -42.52 -15.37 16.81
N VAL A 93 -42.77 -14.92 18.03
CA VAL A 93 -42.99 -13.51 18.29
C VAL A 93 -41.75 -12.67 17.92
N PHE A 94 -41.95 -11.70 17.04
CA PHE A 94 -40.89 -10.94 16.37
C PHE A 94 -40.05 -10.06 17.28
N SER A 95 -40.70 -9.24 18.11
CA SER A 95 -40.01 -8.29 18.99
C SER A 95 -39.12 -9.02 19.98
N ASP A 96 -39.47 -10.29 20.22
CA ASP A 96 -38.71 -11.16 21.11
C ASP A 96 -37.36 -11.64 20.56
N VAL A 97 -37.36 -12.01 19.28
CA VAL A 97 -36.15 -12.27 18.51
C VAL A 97 -35.29 -10.99 18.45
N MET A 98 -35.93 -9.85 18.27
CA MET A 98 -35.24 -8.59 18.29
C MET A 98 -34.51 -8.39 19.59
N GLU A 99 -35.24 -8.49 20.70
CA GLU A 99 -34.68 -8.22 22.02
C GLU A 99 -33.42 -9.00 22.29
N ASP A 100 -33.48 -10.30 22.04
CA ASP A 100 -32.35 -11.20 22.23
C ASP A 100 -31.17 -10.89 21.33
N LEU A 101 -31.45 -10.35 20.15
CA LEU A 101 -30.42 -9.89 19.26
C LEU A 101 -29.73 -8.71 19.89
N TYR A 102 -30.52 -7.78 20.38
CA TYR A 102 -29.93 -6.64 21.02
C TYR A 102 -29.12 -7.03 22.26
N ASN A 103 -29.70 -7.90 23.10
CA ASN A 103 -29.11 -8.31 24.38
C ASN A 103 -27.88 -9.16 24.34
N TYR A 104 -27.52 -9.62 23.14
CA TYR A 104 -26.38 -10.52 22.99
C TYR A 104 -25.19 -10.05 23.81
N ILE A 105 -24.63 -10.99 24.56
CA ILE A 105 -23.36 -10.80 25.21
C ILE A 105 -22.48 -11.90 24.65
N ASN A 106 -21.34 -11.52 24.11
CA ASN A 106 -20.36 -12.50 23.67
C ASN A 106 -19.64 -13.08 24.89
N PRO A 107 -19.69 -14.44 25.07
CA PRO A 107 -19.14 -15.03 26.30
C PRO A 107 -17.61 -15.08 26.36
N HIS A 108 -16.94 -15.06 25.20
CA HIS A 108 -15.45 -15.02 25.15
C HIS A 108 -14.89 -13.74 25.81
N ASN A 109 -15.36 -12.57 25.36
CA ASN A 109 -14.97 -11.26 25.93
C ASN A 109 -15.79 -10.85 27.16
N GLY A 110 -16.94 -11.48 27.36
CA GLY A 110 -17.91 -11.05 28.37
C GLY A 110 -18.63 -9.74 28.01
N LYS A 111 -18.19 -9.07 26.94
CA LYS A 111 -18.68 -7.73 26.60
C LYS A 111 -19.97 -7.68 25.75
N HIS A 112 -21.03 -7.10 26.33
CA HIS A 112 -22.29 -6.77 25.66
C HIS A 112 -22.10 -6.39 24.17
N SER A 113 -22.45 -7.29 23.26
CA SER A 113 -22.51 -6.95 21.84
C SER A 113 -23.92 -6.91 21.37
N PRO A 114 -24.41 -5.70 21.11
CA PRO A 114 -25.67 -5.60 20.39
C PRO A 114 -25.41 -6.17 18.99
N MET A 115 -26.45 -6.69 18.33
CA MET A 115 -26.36 -7.14 16.93
C MET A 115 -27.36 -6.33 16.15
N VAL A 116 -28.22 -5.64 16.91
CA VAL A 116 -29.15 -4.68 16.35
C VAL A 116 -28.99 -3.36 17.09
N ALA A 117 -29.18 -2.24 16.39
CA ALA A 117 -29.09 -0.93 17.04
C ALA A 117 -30.16 -0.81 18.10
N LYS A 118 -29.85 -0.08 19.17
CA LYS A 118 -30.82 0.27 20.21
C LYS A 118 -31.95 1.14 19.60
N SER A 119 -31.59 1.99 18.64
CA SER A 119 -32.56 2.88 17.98
C SER A 119 -33.72 2.13 17.32
N THR A 120 -33.43 1.01 16.66
CA THR A 120 -34.44 0.18 16.03
C THR A 120 -35.22 -0.54 17.15
N LEU A 121 -34.54 -1.41 17.91
CA LEU A 121 -35.18 -2.15 19.01
C LEU A 121 -36.17 -1.27 19.72
N ASP A 122 -35.79 -0.02 20.01
CA ASP A 122 -36.69 0.87 20.75
C ASP A 122 -37.85 1.41 19.91
N ILE A 123 -37.67 1.57 18.60
CA ILE A 123 -38.83 1.86 17.74
C ILE A 123 -39.73 0.64 17.77
N VAL A 124 -39.11 -0.55 17.72
CA VAL A 124 -39.83 -1.84 17.73
C VAL A 124 -40.70 -2.04 18.96
N LEU A 125 -40.13 -1.85 20.14
CA LEU A 125 -40.89 -2.08 21.35
C LEU A 125 -41.97 -1.02 21.51
N ALA A 126 -41.63 0.21 21.13
CA ALA A 126 -42.56 1.33 21.23
C ALA A 126 -43.76 1.13 20.31
N ASN A 127 -43.57 0.47 19.19
CA ASN A 127 -44.72 0.11 18.38
C ASN A 127 -44.91 -1.40 18.24
N LYS A 128 -44.70 -2.14 19.32
CA LYS A 128 -44.58 -3.60 19.20
C LYS A 128 -45.82 -4.35 18.71
N ASP A 129 -47.00 -3.89 19.09
CA ASP A 129 -48.23 -4.62 18.77
C ASP A 129 -48.59 -4.62 17.27
N ARG A 130 -48.53 -3.47 16.60
CA ARG A 130 -48.82 -3.43 15.13
C ARG A 130 -47.86 -4.29 14.37
N LEU A 131 -46.60 -4.17 14.76
CA LEU A 131 -45.48 -4.78 14.11
C LEU A 131 -45.43 -6.29 14.31
N ASN A 132 -45.60 -6.74 15.54
CA ASN A 132 -45.51 -8.16 15.79
C ASN A 132 -46.58 -8.88 15.02
N SER A 133 -47.74 -8.26 14.92
CA SER A 133 -48.88 -8.88 14.26
C SER A 133 -48.96 -8.69 12.74
N ALA A 134 -48.25 -7.69 12.22
CA ALA A 134 -48.22 -7.41 10.78
C ALA A 134 -47.56 -8.54 10.01
N ILE A 135 -46.91 -9.44 10.74
CA ILE A 135 -46.04 -10.43 10.13
C ILE A 135 -46.77 -11.73 9.83
N ILE A 136 -46.70 -12.14 8.57
CA ILE A 136 -47.29 -13.41 8.10
C ILE A 136 -46.22 -14.48 7.86
N TYR A 137 -46.06 -15.36 8.85
CA TYR A 137 -44.99 -16.38 8.88
C TYR A 137 -45.22 -17.53 7.91
N ASP A 138 -46.40 -17.58 7.30
CA ASP A 138 -46.65 -18.61 6.31
C ASP A 138 -45.91 -18.22 5.08
N ARG A 139 -45.46 -16.97 4.99
CA ARG A 139 -44.71 -16.50 3.81
C ARG A 139 -43.29 -17.05 3.76
N ASP A 140 -42.78 -17.41 4.93
CA ASP A 140 -41.55 -18.15 5.03
C ASP A 140 -41.50 -19.38 4.13
N PHE A 141 -42.67 -19.92 3.80
CA PHE A 141 -42.76 -21.10 2.97
C PHE A 141 -42.84 -20.73 1.51
N SER A 142 -42.47 -19.50 1.17
CA SER A 142 -42.54 -19.06 -0.24
C SER A 142 -41.19 -18.87 -1.00
N TYR A 143 -40.14 -19.57 -0.56
CA TYR A 143 -38.87 -19.66 -1.31
C TYR A 143 -38.73 -21.09 -1.76
N ASN A 144 -37.81 -21.36 -2.66
CA ASN A 144 -37.45 -22.74 -2.97
C ASN A 144 -36.26 -23.12 -2.05
N TYR A 145 -35.86 -24.40 -2.05
CA TYR A 145 -34.76 -24.87 -1.23
C TYR A 145 -33.46 -24.10 -1.39
N PHE A 146 -33.13 -23.72 -2.62
CA PHE A 146 -31.84 -23.11 -2.88
C PHE A 146 -31.86 -21.66 -2.52
N GLY A 147 -32.98 -21.00 -2.81
CA GLY A 147 -33.22 -19.63 -2.34
C GLY A 147 -33.15 -19.56 -0.82
N PHE A 148 -33.76 -20.54 -0.15
CA PHE A 148 -33.85 -20.57 1.31
C PHE A 148 -32.49 -20.82 1.96
N LYS A 149 -31.81 -21.87 1.55
CA LYS A 149 -30.46 -22.00 2.06
C LYS A 149 -29.59 -20.76 1.79
N THR A 150 -29.77 -20.04 0.68
CA THR A 150 -29.02 -18.80 0.55
C THR A 150 -29.29 -17.86 1.74
N LEU A 151 -30.56 -17.61 2.07
CA LEU A 151 -30.89 -16.77 3.21
C LEU A 151 -30.24 -17.33 4.45
N GLU A 152 -30.64 -18.54 4.85
CA GLU A 152 -30.11 -19.23 6.04
C GLU A 152 -28.59 -19.08 6.19
N ARG A 153 -27.86 -19.38 5.13
CA ARG A 153 -26.40 -19.21 5.08
C ARG A 153 -25.82 -17.91 5.69
N SER A 154 -26.42 -16.77 5.37
CA SER A 154 -25.72 -15.51 5.59
C SER A 154 -26.62 -14.30 5.83
N TYR A 155 -27.93 -14.52 5.88
CA TYR A 155 -28.86 -13.43 5.98
C TYR A 155 -29.68 -13.36 7.24
N LEU A 156 -30.10 -14.51 7.76
CA LEU A 156 -30.82 -14.52 9.02
C LEU A 156 -29.76 -14.54 10.09
N LEU A 157 -29.83 -13.57 10.98
CA LEU A 157 -28.84 -13.45 12.04
C LEU A 157 -28.80 -14.70 12.87
N LYS A 158 -27.59 -15.01 13.30
CA LYS A 158 -27.36 -16.13 14.17
C LYS A 158 -26.90 -15.62 15.54
N ILE A 159 -27.30 -16.34 16.60
CA ILE A 159 -26.76 -16.21 17.97
C ILE A 159 -26.10 -17.53 18.38
N ASN A 160 -24.76 -17.53 18.41
CA ASN A 160 -23.92 -18.69 18.77
C ASN A 160 -24.02 -19.88 17.76
N GLY A 161 -24.09 -19.58 16.47
CA GLY A 161 -24.25 -20.65 15.50
C GLY A 161 -25.71 -20.93 15.20
N LYS A 162 -26.59 -20.78 16.18
CA LYS A 162 -28.03 -20.96 15.93
C LYS A 162 -28.69 -19.72 15.30
N VAL A 163 -29.28 -19.91 14.10
CA VAL A 163 -30.08 -18.89 13.46
C VAL A 163 -31.15 -18.40 14.43
N ALA A 164 -31.29 -17.09 14.61
CA ALA A 164 -32.40 -16.58 15.43
C ALA A 164 -33.48 -15.91 14.60
N GLU A 165 -33.11 -15.38 13.44
CA GLU A 165 -34.09 -14.66 12.61
C GLU A 165 -34.82 -15.61 11.72
N ARG A 166 -36.14 -15.50 11.67
CA ARG A 166 -36.92 -16.10 10.60
C ARG A 166 -36.87 -15.09 9.48
N PRO A 167 -36.91 -15.54 8.23
CA PRO A 167 -36.92 -14.60 7.09
C PRO A 167 -37.86 -13.38 7.24
N GLN A 168 -39.04 -13.60 7.83
CA GLN A 168 -39.96 -12.52 8.14
C GLN A 168 -39.40 -11.57 9.16
N HIS A 169 -38.77 -12.10 10.21
CA HIS A 169 -38.01 -11.26 11.15
C HIS A 169 -36.94 -10.42 10.46
N MET A 170 -36.23 -11.05 9.54
CA MET A 170 -35.25 -10.33 8.76
C MET A 170 -35.94 -9.25 7.92
N LEU A 171 -36.96 -9.67 7.17
CA LEU A 171 -37.62 -8.73 6.30
C LEU A 171 -38.13 -7.54 7.09
N MET A 172 -38.76 -7.81 8.23
CA MET A 172 -39.35 -6.75 9.03
C MET A 172 -38.28 -5.86 9.63
N ARG A 173 -37.14 -6.43 9.99
CA ARG A 173 -36.04 -5.60 10.48
C ARG A 173 -35.60 -4.59 9.42
N VAL A 174 -35.50 -5.04 8.16
CA VAL A 174 -35.06 -4.18 7.06
C VAL A 174 -36.07 -3.04 6.89
N SER A 175 -37.35 -3.38 6.89
CA SER A 175 -38.44 -2.42 6.80
C SER A 175 -38.38 -1.35 7.89
N VAL A 176 -38.06 -1.73 9.13
CA VAL A 176 -37.89 -0.72 10.16
C VAL A 176 -36.55 -0.01 10.12
N GLY A 177 -35.53 -0.68 9.60
CA GLY A 177 -34.28 0.02 9.34
C GLY A 177 -34.57 1.21 8.44
N ILE A 178 -34.92 0.93 7.19
CA ILE A 178 -35.29 1.93 6.20
C ILE A 178 -36.33 3.00 6.65
N HIS A 179 -37.30 2.64 7.52
CA HIS A 179 -38.46 3.51 7.73
C HIS A 179 -38.64 4.08 9.13
N LYS A 180 -37.80 3.64 10.06
CA LYS A 180 -37.77 4.16 11.43
C LYS A 180 -39.15 4.32 12.04
N GLU A 181 -39.51 5.51 12.51
CA GLU A 181 -40.80 5.72 13.20
C GLU A 181 -42.01 5.82 12.25
N ASP A 182 -41.81 5.83 10.92
CA ASP A 182 -42.94 5.78 9.99
C ASP A 182 -43.53 4.38 9.76
N ILE A 183 -44.52 4.04 10.60
CA ILE A 183 -45.04 2.67 10.68
C ILE A 183 -45.80 2.20 9.43
N ASP A 184 -46.85 2.90 9.02
CA ASP A 184 -47.55 2.56 7.79
C ASP A 184 -46.49 2.17 6.79
N ALA A 185 -45.52 3.08 6.65
CA ALA A 185 -44.53 2.97 5.61
C ALA A 185 -43.69 1.75 5.79
N ALA A 186 -43.49 1.35 7.05
CA ALA A 186 -42.67 0.21 7.35
C ALA A 186 -43.40 -1.05 6.93
N ILE A 187 -44.63 -1.18 7.42
CA ILE A 187 -45.51 -2.30 7.10
C ILE A 187 -45.65 -2.50 5.60
N GLU A 188 -45.87 -1.39 4.89
CA GLU A 188 -45.95 -1.39 3.44
C GLU A 188 -44.67 -1.97 2.82
N THR A 189 -43.51 -1.42 3.14
CA THR A 189 -42.27 -1.99 2.65
C THR A 189 -42.09 -3.46 3.05
N TYR A 190 -42.77 -3.88 4.10
CA TYR A 190 -42.67 -5.27 4.47
C TYR A 190 -43.55 -6.15 3.60
N ASN A 191 -44.78 -5.74 3.32
CA ASN A 191 -45.66 -6.52 2.44
C ASN A 191 -45.14 -6.68 1.01
N LEU A 192 -44.95 -5.57 0.33
CA LEU A 192 -44.25 -5.58 -0.93
C LEU A 192 -43.04 -6.50 -0.83
N LEU A 193 -42.30 -6.47 0.29
CA LEU A 193 -41.10 -7.35 0.44
C LEU A 193 -41.38 -8.85 0.67
N SER A 194 -42.21 -9.15 1.66
CA SER A 194 -42.54 -10.53 1.99
C SER A 194 -43.27 -11.21 0.83
N GLU A 195 -44.08 -10.43 0.10
CA GLU A 195 -44.82 -10.93 -1.05
C GLU A 195 -43.94 -11.07 -2.29
N ARG A 196 -42.79 -10.41 -2.32
CA ARG A 196 -41.72 -10.70 -3.30
C ARG A 196 -41.79 -9.91 -4.62
N TRP A 197 -42.41 -8.75 -4.54
CA TRP A 197 -42.51 -7.91 -5.70
C TRP A 197 -41.16 -7.23 -5.99
N PHE A 198 -40.30 -7.16 -4.98
CA PHE A 198 -39.02 -6.49 -5.10
C PHE A 198 -38.13 -6.82 -3.93
N THR A 199 -36.89 -6.36 -4.02
CA THR A 199 -35.90 -6.55 -2.97
C THR A 199 -34.79 -5.49 -3.01
N HIS A 200 -34.29 -5.10 -1.83
CA HIS A 200 -33.10 -4.27 -1.78
C HIS A 200 -31.89 -5.16 -2.02
N ALA A 201 -30.75 -4.55 -2.33
CA ALA A 201 -29.51 -5.30 -2.46
C ALA A 201 -28.92 -5.75 -1.11
N SER A 202 -27.87 -6.53 -1.19
CA SER A 202 -27.37 -7.25 -0.01
C SER A 202 -26.93 -6.37 1.18
N PRO A 203 -26.22 -5.24 0.93
CA PRO A 203 -25.82 -4.37 2.02
C PRO A 203 -27.02 -3.90 2.86
N THR A 204 -28.05 -3.41 2.16
CA THR A 204 -29.29 -3.06 2.80
C THR A 204 -29.84 -4.21 3.61
N LEU A 205 -29.91 -5.38 3.02
CA LEU A 205 -30.42 -6.53 3.74
C LEU A 205 -29.56 -6.88 4.94
N PHE A 206 -28.26 -7.02 4.72
CA PHE A 206 -27.32 -7.31 5.77
C PHE A 206 -27.37 -6.29 6.90
N ASN A 207 -27.47 -5.01 6.54
CA ASN A 207 -27.14 -3.95 7.48
C ASN A 207 -28.24 -3.03 7.97
N ALA A 208 -29.37 -3.00 7.30
CA ALA A 208 -30.49 -2.18 7.78
C ALA A 208 -30.90 -2.67 9.18
N GLY A 209 -31.03 -1.74 10.11
CA GLY A 209 -31.40 -2.05 11.48
C GLY A 209 -30.18 -2.11 12.39
N THR A 210 -29.03 -2.50 11.82
CA THR A 210 -27.79 -2.76 12.62
C THR A 210 -27.04 -1.48 13.04
N ASN A 211 -26.03 -1.64 13.89
CA ASN A 211 -25.20 -0.52 14.36
C ASN A 211 -24.25 0.07 13.31
N ARG A 212 -23.84 -0.72 12.32
CA ARG A 212 -23.07 -0.20 11.16
C ARG A 212 -23.97 -0.09 9.90
N PRO A 213 -24.97 0.84 9.93
CA PRO A 213 -26.03 0.76 8.93
C PRO A 213 -25.51 1.20 7.55
N GLN A 214 -24.46 0.52 7.08
CA GLN A 214 -23.85 0.89 5.84
C GLN A 214 -24.68 0.18 4.79
N LEU A 215 -25.36 0.94 3.95
CA LEU A 215 -26.39 0.34 3.07
C LEU A 215 -26.12 0.46 1.59
N SER A 216 -25.27 1.41 1.22
CA SER A 216 -25.00 1.69 -0.16
C SER A 216 -24.10 0.63 -0.69
N SER A 217 -24.08 0.45 -2.00
CA SER A 217 -23.41 -0.69 -2.58
C SER A 217 -22.23 -0.30 -3.41
N CYS A 218 -22.46 0.60 -4.33
CA CYS A 218 -21.43 1.01 -5.24
C CYS A 218 -20.77 2.21 -4.69
N PHE A 219 -19.49 2.34 -4.97
CA PHE A 219 -18.78 3.51 -4.59
C PHE A 219 -17.89 3.74 -5.75
N LEU A 220 -17.61 4.98 -6.04
CA LEU A 220 -16.69 5.32 -7.13
C LEU A 220 -15.87 6.62 -6.93
N LEU A 221 -14.58 6.52 -7.28
CA LEU A 221 -13.54 7.51 -6.98
C LEU A 221 -12.76 8.02 -8.20
N SER A 222 -12.17 9.21 -8.07
CA SER A 222 -11.20 9.74 -9.03
C SER A 222 -9.98 10.00 -8.19
N MET A 223 -8.78 9.87 -8.78
CA MET A 223 -7.52 10.12 -8.04
C MET A 223 -7.43 11.56 -7.52
N LYS A 224 -7.20 11.71 -6.21
CA LYS A 224 -7.24 13.03 -5.59
C LYS A 224 -6.25 14.00 -6.28
N ASP A 225 -5.12 13.45 -6.74
CA ASP A 225 -4.02 14.24 -7.26
C ASP A 225 -3.06 13.30 -7.97
N ASP A 226 -2.35 13.80 -8.98
CA ASP A 226 -1.21 13.09 -9.59
C ASP A 226 0.06 13.44 -8.82
N SER A 227 0.12 12.98 -7.58
CA SER A 227 1.23 13.19 -6.69
C SER A 227 1.10 12.08 -5.68
N ILE A 228 2.13 11.87 -4.88
CA ILE A 228 2.07 10.86 -3.83
C ILE A 228 1.00 11.20 -2.78
N GLU A 229 1.07 12.39 -2.19
CA GLU A 229 0.02 12.80 -1.27
C GLU A 229 -1.30 12.27 -1.83
N GLY A 230 -1.61 12.70 -3.05
CA GLY A 230 -2.81 12.27 -3.75
C GLY A 230 -3.02 10.78 -3.90
N ILE A 231 -2.03 10.05 -4.39
CA ILE A 231 -2.20 8.61 -4.57
C ILE A 231 -2.63 7.95 -3.26
N TYR A 232 -1.90 8.20 -2.18
CA TYR A 232 -2.19 7.55 -0.91
C TYR A 232 -3.46 8.05 -0.28
N ASP A 233 -3.70 9.36 -0.35
CA ASP A 233 -4.94 9.92 0.09
C ASP A 233 -6.07 9.16 -0.53
N THR A 234 -5.90 8.76 -1.79
CA THR A 234 -6.98 8.12 -2.50
C THR A 234 -7.06 6.71 -2.02
N LEU A 235 -5.87 6.14 -1.83
CA LEU A 235 -5.71 4.77 -1.42
C LEU A 235 -6.24 4.52 -0.01
N LYS A 236 -6.10 5.48 0.91
CA LYS A 236 -6.72 5.32 2.20
C LYS A 236 -8.24 5.34 2.11
N GLN A 237 -8.78 6.02 1.13
CA GLN A 237 -10.23 6.06 1.04
C GLN A 237 -10.74 4.71 0.64
N CYS A 238 -10.00 4.07 -0.27
CA CYS A 238 -10.41 2.77 -0.71
C CYS A 238 -10.39 1.81 0.48
N ALA A 239 -9.24 1.75 1.13
CA ALA A 239 -9.07 1.01 2.35
C ALA A 239 -10.33 1.14 3.21
N LEU A 240 -10.74 2.38 3.49
CA LEU A 240 -11.84 2.68 4.40
C LEU A 240 -13.17 2.19 3.85
N ILE A 241 -13.45 2.51 2.59
CA ILE A 241 -14.72 2.15 1.98
C ILE A 241 -14.88 0.66 2.08
N SER A 242 -13.80 -0.03 1.72
CA SER A 242 -13.74 -1.45 1.62
C SER A 242 -14.06 -2.15 2.91
N LYS A 243 -13.78 -1.49 4.03
CA LYS A 243 -14.14 -1.94 5.38
C LYS A 243 -15.66 -2.11 5.55
N SER A 244 -16.42 -1.19 4.93
CA SER A 244 -17.87 -1.24 4.91
C SER A 244 -18.38 -1.85 3.55
N ALA A 245 -17.83 -3.05 3.27
CA ALA A 245 -18.02 -3.88 2.05
C ALA A 245 -18.68 -3.28 0.79
N GLY A 246 -17.99 -2.36 0.09
CA GLY A 246 -18.58 -1.66 -1.06
C GLY A 246 -17.92 -1.84 -2.43
N GLY A 247 -18.71 -1.70 -3.50
CA GLY A 247 -18.15 -1.67 -4.86
C GLY A 247 -17.36 -0.39 -5.09
N ILE A 248 -16.15 -0.51 -5.65
CA ILE A 248 -15.27 0.63 -5.78
C ILE A 248 -14.77 0.76 -7.19
N GLY A 249 -15.04 1.89 -7.82
CA GLY A 249 -14.49 2.20 -9.13
C GLY A 249 -13.44 3.28 -8.98
N VAL A 250 -12.36 3.19 -9.75
CA VAL A 250 -11.34 4.22 -9.71
C VAL A 250 -10.89 4.59 -11.09
N ALA A 251 -11.17 5.82 -11.48
CA ALA A 251 -10.53 6.43 -12.62
C ALA A 251 -9.11 6.73 -12.19
N VAL A 252 -8.19 6.48 -13.12
CA VAL A 252 -6.80 6.40 -12.74
C VAL A 252 -5.89 7.03 -13.79
N SER A 253 -6.50 7.71 -14.77
CA SER A 253 -5.83 8.10 -16.02
C SER A 253 -5.03 9.40 -15.92
N CYS A 254 -5.23 10.10 -14.81
CA CYS A 254 -4.54 11.35 -14.67
C CYS A 254 -3.10 11.14 -14.19
N ILE A 255 -2.73 9.91 -13.83
CA ILE A 255 -1.41 9.65 -13.24
C ILE A 255 -0.38 9.49 -14.34
N ARG A 256 0.79 10.09 -14.14
CA ARG A 256 1.86 10.07 -15.14
C ARG A 256 2.41 8.66 -15.38
N ALA A 257 2.91 8.49 -16.58
CA ALA A 257 3.22 7.20 -17.10
C ALA A 257 4.69 6.85 -16.86
N THR A 258 5.09 5.70 -17.39
CA THR A 258 6.44 5.15 -17.18
C THR A 258 7.48 5.99 -17.89
N GLY A 259 8.51 6.39 -17.15
CA GLY A 259 9.63 7.09 -17.76
C GLY A 259 9.46 8.58 -17.64
N SER A 260 8.27 9.01 -17.21
CA SER A 260 7.95 10.44 -16.99
C SER A 260 8.81 11.07 -15.90
N TYR A 261 9.29 12.28 -16.15
CA TYR A 261 10.14 12.98 -15.19
C TYR A 261 9.43 13.14 -13.82
N ILE A 262 10.18 13.02 -12.71
CA ILE A 262 9.71 13.42 -11.38
C ILE A 262 10.53 14.64 -10.99
N ALA A 263 9.93 15.82 -11.03
CA ALA A 263 10.72 17.04 -10.85
C ALA A 263 11.33 17.15 -9.42
N GLY A 264 10.66 16.58 -8.43
CA GLY A 264 11.13 16.69 -7.07
C GLY A 264 12.08 15.59 -6.61
N THR A 265 12.79 14.96 -7.55
CA THR A 265 13.86 14.00 -7.24
C THR A 265 14.84 13.73 -8.41
N ASN A 266 14.46 14.18 -9.60
CA ASN A 266 15.19 13.81 -10.81
C ASN A 266 14.86 12.40 -11.28
N GLY A 267 14.21 11.60 -10.44
CA GLY A 267 13.84 10.24 -10.83
C GLY A 267 12.80 10.25 -11.96
N ASN A 268 12.40 9.05 -12.39
CA ASN A 268 11.28 8.91 -13.34
C ASN A 268 10.18 8.05 -12.76
N SER A 269 8.94 8.45 -12.96
CA SER A 269 7.79 7.62 -12.60
C SER A 269 7.89 6.30 -13.37
N ASN A 270 7.55 5.20 -12.70
CA ASN A 270 7.57 3.86 -13.37
C ASN A 270 6.20 3.44 -13.95
N GLY A 271 5.23 4.35 -13.85
CA GLY A 271 3.91 4.16 -14.44
C GLY A 271 2.90 3.55 -13.50
N LEU A 272 1.82 3.07 -14.06
CA LEU A 272 0.75 2.53 -13.24
C LEU A 272 1.04 1.12 -12.67
N VAL A 273 1.68 0.28 -13.48
CA VAL A 273 1.95 -1.12 -13.08
C VAL A 273 2.54 -1.29 -11.69
N PRO A 274 3.56 -0.48 -11.34
CA PRO A 274 3.94 -0.54 -9.95
C PRO A 274 2.88 0.06 -9.04
N MET A 275 2.21 1.11 -9.48
CA MET A 275 1.21 1.77 -8.62
C MET A 275 -0.06 0.94 -8.36
N LEU A 276 -0.46 0.16 -9.37
CA LEU A 276 -1.68 -0.61 -9.26
C LEU A 276 -1.44 -1.81 -8.37
N ARG A 277 -0.21 -2.31 -8.30
CA ARG A 277 0.12 -3.32 -7.30
C ARG A 277 -0.31 -2.86 -5.92
N VAL A 278 -0.07 -1.60 -5.61
CA VAL A 278 -0.27 -1.18 -4.25
C VAL A 278 -1.76 -1.24 -4.00
N TYR A 279 -2.55 -0.70 -4.92
CA TYR A 279 -4.00 -0.79 -4.79
C TYR A 279 -4.45 -2.25 -4.69
N ASN A 280 -3.85 -3.09 -5.51
CA ASN A 280 -4.16 -4.51 -5.55
C ASN A 280 -3.96 -5.17 -4.18
N ASN A 281 -2.85 -4.83 -3.55
CA ASN A 281 -2.56 -5.31 -2.23
C ASN A 281 -3.56 -4.84 -1.22
N THR A 282 -4.16 -3.69 -1.49
CA THR A 282 -5.13 -3.20 -0.56
C THR A 282 -6.43 -4.00 -0.67
N ALA A 283 -6.85 -4.35 -1.88
CA ALA A 283 -7.99 -5.25 -2.07
C ALA A 283 -7.79 -6.52 -1.27
N ARG A 284 -6.60 -7.10 -1.45
CA ARG A 284 -6.25 -8.35 -0.80
C ARG A 284 -6.26 -8.23 0.71
N TYR A 285 -5.94 -7.04 1.25
CA TYR A 285 -5.81 -6.92 2.69
C TYR A 285 -7.10 -6.64 3.47
N VAL A 286 -8.01 -5.87 2.92
CA VAL A 286 -9.26 -5.65 3.65
C VAL A 286 -10.43 -6.35 2.96
N ASP A 287 -11.08 -7.28 3.66
CA ASP A 287 -12.14 -8.09 3.05
C ASP A 287 -13.54 -8.00 3.64
N GLN A 288 -13.72 -7.41 4.82
CA GLN A 288 -15.03 -7.54 5.49
C GLN A 288 -16.05 -6.46 5.13
N PRO A 294 -13.81 -12.45 -4.22
CA PRO A 294 -12.57 -12.06 -3.51
C PRO A 294 -12.55 -10.65 -2.78
N GLY A 295 -13.34 -9.67 -3.26
CA GLY A 295 -13.44 -8.30 -2.67
C GLY A 295 -12.68 -7.23 -3.48
N ALA A 296 -13.03 -7.09 -4.76
CA ALA A 296 -12.16 -6.44 -5.74
C ALA A 296 -12.50 -4.98 -6.08
N PHE A 297 -11.54 -4.31 -6.74
CA PHE A 297 -11.69 -2.92 -7.23
C PHE A 297 -11.78 -2.86 -8.75
N ALA A 298 -12.50 -1.89 -9.32
CA ALA A 298 -12.57 -1.74 -10.77
C ALA A 298 -11.65 -0.62 -11.09
N ILE A 299 -10.78 -0.77 -12.08
CA ILE A 299 -9.84 0.32 -12.40
C ILE A 299 -10.11 0.83 -13.79
N TYR A 300 -10.17 2.14 -13.92
CA TYR A 300 -10.49 2.74 -15.19
C TYR A 300 -9.34 3.46 -15.86
N LEU A 301 -9.09 3.11 -17.13
CA LEU A 301 -8.09 3.77 -17.94
C LEU A 301 -8.68 4.28 -19.26
N GLU A 302 -8.37 5.53 -19.63
CA GLU A 302 -8.67 6.01 -21.00
C GLU A 302 -7.49 5.62 -21.91
N PRO A 303 -7.80 5.20 -23.15
CA PRO A 303 -6.89 4.71 -24.16
C PRO A 303 -5.80 5.64 -24.71
N TRP A 304 -5.81 6.92 -24.41
CA TRP A 304 -4.71 7.74 -24.90
C TRP A 304 -3.51 7.65 -23.97
N HIS A 305 -3.74 7.13 -22.75
CA HIS A 305 -2.70 6.95 -21.75
C HIS A 305 -1.55 6.02 -22.14
N LEU A 306 -0.34 6.55 -22.00
CA LEU A 306 0.86 5.86 -22.40
C LEU A 306 0.98 4.43 -21.90
N ASP A 307 0.77 4.21 -20.61
CA ASP A 307 0.86 2.84 -20.05
C ASP A 307 -0.42 2.05 -20.36
N ILE A 308 -0.91 2.15 -21.59
CA ILE A 308 -2.08 1.40 -22.00
C ILE A 308 -1.76 -0.09 -22.27
N PHE A 309 -0.76 -0.37 -23.09
CA PHE A 309 -0.43 -1.74 -23.44
C PHE A 309 -0.13 -2.65 -22.25
N GLU A 310 0.57 -2.10 -21.25
CA GLU A 310 0.97 -2.83 -20.05
C GLU A 310 -0.28 -3.01 -19.22
N PHE A 311 -1.23 -2.07 -19.33
CA PHE A 311 -2.53 -2.19 -18.65
C PHE A 311 -3.23 -3.47 -19.12
N LEU A 312 -3.34 -3.63 -20.44
CA LEU A 312 -3.81 -4.91 -20.97
C LEU A 312 -2.66 -5.93 -20.95
N ASP A 313 -1.92 -5.98 -19.85
CA ASP A 313 -0.82 -6.95 -19.73
C ASP A 313 -0.65 -7.48 -18.33
N LEU A 314 -0.98 -6.66 -17.33
CA LEU A 314 -1.00 -7.14 -15.95
C LEU A 314 -1.92 -8.37 -15.82
N LYS A 315 -3.00 -8.41 -16.61
CA LYS A 315 -4.05 -9.40 -16.42
C LYS A 315 -4.00 -10.66 -17.28
N LYS A 316 -3.21 -10.68 -18.37
CA LYS A 316 -3.15 -11.81 -19.32
C LYS A 316 -2.87 -13.14 -18.67
N ARG A 326 -4.12 -7.92 -10.01
CA ARG A 326 -4.54 -9.28 -10.34
C ARG A 326 -5.61 -9.82 -9.34
N ASP A 327 -6.58 -8.95 -9.12
CA ASP A 327 -7.66 -9.04 -8.15
C ASP A 327 -8.16 -7.59 -8.11
N LEU A 328 -7.79 -6.86 -9.16
CA LEU A 328 -8.46 -5.66 -9.62
C LEU A 328 -9.12 -6.06 -10.92
N PHE A 329 -10.24 -5.44 -11.26
CA PHE A 329 -10.85 -5.65 -12.57
C PHE A 329 -10.61 -4.42 -13.40
N PHE A 330 -10.30 -4.63 -14.67
CA PHE A 330 -10.02 -3.48 -15.54
C PHE A 330 -11.18 -3.14 -16.43
N ALA A 331 -11.27 -1.85 -16.78
CA ALA A 331 -12.22 -1.35 -17.75
C ALA A 331 -11.61 -0.09 -18.36
N LEU A 332 -12.16 0.35 -19.48
CA LEU A 332 -11.64 1.51 -20.18
C LEU A 332 -12.71 2.56 -20.40
N TRP A 333 -12.30 3.81 -20.28
CA TRP A 333 -13.20 4.94 -20.41
C TRP A 333 -13.02 5.50 -21.81
N ILE A 334 -13.64 4.87 -22.81
CA ILE A 334 -13.33 5.14 -24.22
C ILE A 334 -13.94 6.41 -24.83
N PRO A 335 -13.10 7.26 -25.48
CA PRO A 335 -13.58 8.45 -26.20
C PRO A 335 -14.07 8.03 -27.56
N ASP A 336 -15.09 8.70 -28.12
CA ASP A 336 -15.55 8.34 -29.48
C ASP A 336 -14.39 8.41 -30.43
N LEU A 337 -13.53 9.38 -30.16
CA LEU A 337 -12.48 9.63 -31.06
C LEU A 337 -11.78 8.32 -31.32
N PHE A 338 -11.39 7.63 -30.26
CA PHE A 338 -10.61 6.42 -30.42
C PHE A 338 -11.31 5.50 -31.41
N MET A 339 -12.56 5.15 -31.11
CA MET A 339 -13.35 4.33 -32.03
C MET A 339 -13.27 4.79 -33.49
N LYS A 340 -13.42 6.09 -33.74
CA LYS A 340 -13.38 6.58 -35.13
C LYS A 340 -12.10 6.22 -35.88
N ARG A 341 -10.98 6.49 -35.21
CA ARG A 341 -9.68 6.27 -35.77
C ARG A 341 -9.51 4.79 -36.10
N VAL A 342 -10.00 3.95 -35.19
CA VAL A 342 -9.94 2.51 -35.34
C VAL A 342 -10.56 2.07 -36.65
N GLU A 343 -11.86 2.30 -36.85
CA GLU A 343 -12.50 1.88 -38.12
C GLU A 343 -12.00 2.64 -39.36
N THR A 344 -11.24 3.71 -39.19
CA THR A 344 -10.67 4.40 -40.35
C THR A 344 -9.19 4.01 -40.57
N ASN A 345 -8.72 3.03 -39.81
CA ASN A 345 -7.30 2.59 -39.81
C ASN A 345 -6.32 3.74 -39.63
N GLN A 346 -6.69 4.67 -38.76
CA GLN A 346 -5.92 5.88 -38.52
C GLN A 346 -4.90 5.64 -37.43
N ASP A 347 -3.99 6.60 -37.23
CA ASP A 347 -2.99 6.47 -36.20
C ASP A 347 -3.52 6.93 -34.88
N TRP A 348 -2.94 6.46 -33.79
CA TRP A 348 -3.42 6.86 -32.47
C TRP A 348 -2.24 7.29 -31.64
N SER A 349 -2.39 8.43 -30.96
CA SER A 349 -1.32 8.97 -30.15
C SER A 349 -1.46 8.61 -28.68
N LEU A 350 -0.32 8.49 -28.00
CA LEU A 350 -0.29 8.12 -26.58
C LEU A 350 0.43 9.17 -25.80
N MET A 351 -0.16 9.57 -24.70
CA MET A 351 0.34 10.73 -24.00
C MET A 351 0.55 10.43 -22.52
N CYS A 352 1.48 11.15 -21.91
CA CYS A 352 1.61 11.21 -20.44
C CYS A 352 0.82 12.39 -19.86
N PRO A 353 -0.11 12.09 -18.95
CA PRO A 353 -1.06 13.06 -18.45
C PRO A 353 -0.39 14.28 -17.84
N ASN A 354 0.86 14.13 -17.40
CA ASN A 354 1.55 15.26 -16.84
C ASN A 354 2.07 16.11 -17.96
N GLU A 355 2.60 15.45 -18.98
CA GLU A 355 2.96 16.11 -20.22
C GLU A 355 1.73 16.64 -21.01
N CYS A 356 0.52 16.12 -20.75
CA CYS A 356 -0.68 16.57 -21.48
C CYS A 356 -1.91 16.63 -20.61
N PRO A 357 -2.03 17.71 -19.85
CA PRO A 357 -2.96 17.78 -18.76
C PRO A 357 -4.37 18.13 -19.19
N GLY A 358 -5.31 17.98 -18.24
CA GLY A 358 -6.70 18.28 -18.44
C GLY A 358 -7.49 17.37 -19.37
N LEU A 359 -6.92 16.21 -19.72
CA LEU A 359 -7.45 15.36 -20.79
C LEU A 359 -8.68 14.58 -20.35
N ASP A 360 -8.69 14.21 -19.07
CA ASP A 360 -9.75 13.38 -18.47
C ASP A 360 -10.87 14.18 -17.79
N GLU A 361 -10.71 15.51 -17.81
CA GLU A 361 -11.77 16.41 -17.41
C GLU A 361 -12.40 17.08 -18.61
N VAL A 362 -12.37 16.41 -19.75
CA VAL A 362 -13.14 16.86 -20.92
C VAL A 362 -13.48 15.72 -21.94
N TRP A 363 -14.62 15.86 -22.63
CA TRP A 363 -15.21 14.80 -23.45
C TRP A 363 -15.80 15.35 -24.75
N GLY A 364 -15.76 14.54 -25.80
CA GLY A 364 -16.43 14.83 -27.06
C GLY A 364 -15.75 15.97 -27.78
N GLU A 365 -16.56 16.74 -28.47
CA GLU A 365 -16.15 17.97 -29.13
C GLU A 365 -14.94 18.67 -28.48
N GLU A 366 -15.04 18.90 -27.18
CA GLU A 366 -14.01 19.63 -26.47
C GLU A 366 -12.74 18.83 -26.25
N PHE A 367 -12.90 17.56 -25.87
CA PHE A 367 -11.79 16.60 -25.80
C PHE A 367 -11.15 16.53 -27.16
N GLU A 368 -11.94 16.17 -28.16
CA GLU A 368 -11.47 15.99 -29.52
C GLU A 368 -10.58 17.14 -30.01
N LYS A 369 -10.95 18.39 -29.67
CA LYS A 369 -10.17 19.55 -30.06
C LYS A 369 -8.87 19.57 -29.27
N LEU A 370 -8.97 19.50 -27.94
CA LEU A 370 -7.80 19.53 -27.06
C LEU A 370 -6.79 18.46 -27.43
N TYR A 371 -7.26 17.23 -27.53
CA TYR A 371 -6.40 16.11 -27.88
C TYR A 371 -5.64 16.42 -29.19
N ALA A 372 -6.36 16.65 -30.28
CA ALA A 372 -5.78 17.08 -31.56
C ALA A 372 -4.80 18.27 -31.44
N SER A 373 -4.97 19.07 -30.39
CA SER A 373 -4.12 20.24 -30.19
C SER A 373 -2.80 19.93 -29.45
N TYR A 374 -2.84 18.98 -28.51
CA TYR A 374 -1.60 18.49 -27.92
C TYR A 374 -0.88 17.66 -28.98
N GLU A 375 -1.67 17.03 -29.85
CA GLU A 375 -1.18 16.17 -30.91
C GLU A 375 -0.42 17.00 -31.91
N LYS A 376 -0.99 18.15 -32.27
CA LYS A 376 -0.37 19.11 -33.22
C LYS A 376 0.85 19.84 -32.68
N GLN A 377 0.95 20.02 -31.35
CA GLN A 377 2.13 20.59 -30.69
C GLN A 377 3.24 19.56 -30.47
N GLY A 378 3.10 18.37 -31.06
CA GLY A 378 4.05 17.29 -30.83
C GLY A 378 4.22 17.03 -29.33
N ARG A 379 3.12 16.93 -28.61
CA ARG A 379 3.15 16.61 -27.20
C ARG A 379 2.72 15.14 -27.11
N VAL A 380 3.50 14.27 -27.74
CA VAL A 380 3.14 12.86 -27.79
C VAL A 380 4.29 12.02 -27.26
N ARG A 381 3.98 10.97 -26.51
CA ARG A 381 5.06 10.08 -26.09
C ARG A 381 5.35 9.03 -27.13
N LYS A 382 4.32 8.46 -27.76
CA LYS A 382 4.50 7.45 -28.80
C LYS A 382 3.26 7.28 -29.64
N VAL A 383 3.46 6.92 -30.90
CA VAL A 383 2.37 6.74 -31.87
C VAL A 383 2.29 5.30 -32.47
N VAL A 384 1.07 4.73 -32.44
CA VAL A 384 0.75 3.38 -32.94
C VAL A 384 -0.30 3.45 -34.05
N LYS A 385 -0.36 2.42 -34.91
CA LYS A 385 -1.51 2.30 -35.80
C LYS A 385 -2.64 2.10 -34.78
N ALA A 386 -3.77 2.83 -34.92
CA ALA A 386 -4.90 2.75 -33.97
C ALA A 386 -5.30 1.33 -33.76
N GLN A 387 -5.57 0.62 -34.87
CA GLN A 387 -6.03 -0.78 -34.84
C GLN A 387 -5.17 -1.74 -34.01
N GLN A 388 -3.89 -1.43 -33.86
CA GLN A 388 -3.00 -2.23 -33.02
C GLN A 388 -3.57 -2.19 -31.62
N LEU A 389 -3.81 -1.00 -31.09
CA LEU A 389 -4.37 -0.91 -29.76
C LEU A 389 -5.65 -1.76 -29.75
N TRP A 390 -6.52 -1.46 -30.70
CA TRP A 390 -7.81 -2.13 -30.77
C TRP A 390 -7.69 -3.66 -30.61
N TYR A 391 -6.74 -4.24 -31.33
CA TYR A 391 -6.59 -5.69 -31.37
C TYR A 391 -5.84 -6.23 -30.19
N ALA A 392 -5.13 -5.36 -29.46
CA ALA A 392 -4.50 -5.77 -28.20
C ALA A 392 -5.57 -5.98 -27.13
N ILE A 393 -6.64 -5.18 -27.24
CA ILE A 393 -7.81 -5.24 -26.35
C ILE A 393 -8.61 -6.49 -26.63
N ILE A 394 -8.85 -6.72 -27.92
CA ILE A 394 -9.65 -7.83 -28.36
C ILE A 394 -9.02 -9.06 -27.73
N GLU A 395 -7.70 -9.16 -27.87
CA GLU A 395 -6.94 -10.26 -27.31
C GLU A 395 -7.10 -10.41 -25.78
N SER A 396 -7.12 -9.28 -25.10
CA SER A 396 -7.23 -9.28 -23.66
C SER A 396 -8.62 -9.74 -23.23
N GLN A 397 -9.63 -9.44 -24.02
CA GLN A 397 -11.00 -9.85 -23.66
C GLN A 397 -11.17 -11.33 -23.86
N THR A 398 -10.74 -11.82 -25.01
CA THR A 398 -10.73 -13.25 -25.33
C THR A 398 -10.01 -14.11 -24.30
N GLU A 399 -8.98 -13.58 -23.65
CA GLU A 399 -8.31 -14.36 -22.63
C GLU A 399 -9.03 -14.31 -21.30
N THR A 400 -9.59 -13.16 -20.95
CA THR A 400 -9.97 -12.92 -19.57
C THR A 400 -11.35 -12.36 -19.39
N GLY A 401 -11.98 -11.95 -20.49
CA GLY A 401 -13.29 -11.32 -20.37
C GLY A 401 -13.22 -9.84 -20.08
N THR A 402 -12.02 -9.32 -19.84
CA THR A 402 -11.82 -7.92 -19.54
C THR A 402 -10.78 -7.40 -20.49
N PRO A 403 -10.63 -6.07 -20.61
CA PRO A 403 -11.24 -4.97 -19.89
C PRO A 403 -12.67 -4.73 -20.30
N TYR A 404 -13.45 -4.15 -19.38
CA TYR A 404 -14.82 -3.77 -19.67
C TYR A 404 -14.77 -2.57 -20.61
N MET A 405 -15.89 -2.32 -21.27
CA MET A 405 -15.93 -1.38 -22.34
C MET A 405 -17.03 -0.39 -22.04
N LEU A 406 -16.59 0.86 -21.85
CA LEU A 406 -17.47 1.99 -21.60
C LEU A 406 -17.12 3.19 -22.50
N TYR A 407 -18.15 3.94 -22.86
CA TYR A 407 -18.00 4.95 -23.83
C TYR A 407 -18.27 6.22 -23.13
N LYS A 408 -17.17 6.82 -22.68
CA LYS A 408 -17.09 8.11 -21.97
C LYS A 408 -17.98 9.16 -22.61
N ASP A 409 -17.95 9.25 -23.92
CA ASP A 409 -18.71 10.26 -24.62
C ASP A 409 -20.22 10.05 -24.50
N SER A 410 -20.65 8.79 -24.67
CA SER A 410 -22.07 8.39 -24.48
C SER A 410 -22.56 8.58 -23.08
N CYS A 411 -21.69 8.24 -22.14
CA CYS A 411 -21.98 8.36 -20.74
C CYS A 411 -22.13 9.81 -20.33
N ASN A 412 -21.21 10.65 -20.78
CA ASN A 412 -21.29 12.05 -20.47
C ASN A 412 -22.38 12.75 -21.23
N ARG A 413 -22.41 12.52 -22.53
CA ARG A 413 -23.36 13.16 -23.45
C ARG A 413 -24.75 13.02 -22.91
N LYS A 414 -25.04 11.84 -22.37
CA LYS A 414 -26.38 11.47 -21.92
C LYS A 414 -26.56 11.37 -20.42
N SER A 415 -25.69 11.98 -19.63
CA SER A 415 -25.88 12.03 -18.19
C SER A 415 -26.80 13.17 -17.77
N ASN A 416 -27.60 12.97 -16.72
CA ASN A 416 -28.32 14.11 -16.15
C ASN A 416 -27.45 14.90 -15.19
N GLN A 417 -26.35 14.28 -14.72
CA GLN A 417 -25.36 14.91 -13.82
C GLN A 417 -24.28 15.71 -14.58
N GLN A 418 -24.48 15.93 -15.88
CA GLN A 418 -23.39 16.38 -16.74
C GLN A 418 -23.07 17.82 -16.50
N ASN A 419 -24.03 18.52 -15.90
CA ASN A 419 -23.85 19.91 -15.56
C ASN A 419 -22.81 20.09 -14.49
N LEU A 420 -22.34 18.98 -13.90
CA LEU A 420 -21.43 19.02 -12.73
C LEU A 420 -19.99 18.91 -13.11
N GLY A 421 -19.73 18.37 -14.28
CA GLY A 421 -18.38 18.33 -14.81
C GLY A 421 -18.30 17.20 -15.77
N THR A 422 -17.08 16.75 -16.03
CA THR A 422 -16.83 15.57 -16.86
C THR A 422 -16.88 14.38 -15.94
N ILE A 423 -17.61 13.34 -16.33
CA ILE A 423 -17.70 12.11 -15.53
C ILE A 423 -16.56 11.19 -15.92
N LYS A 424 -15.74 10.85 -14.92
CA LYS A 424 -14.41 10.26 -15.14
C LYS A 424 -14.29 8.70 -15.18
N CYS A 425 -15.34 8.00 -14.81
CA CYS A 425 -15.32 6.55 -14.80
C CYS A 425 -16.66 6.06 -14.32
N SER A 426 -16.73 4.78 -13.98
CA SER A 426 -17.93 4.14 -13.45
C SER A 426 -17.63 3.10 -12.36
N ASN A 427 -18.67 2.41 -11.88
CA ASN A 427 -18.48 1.50 -10.75
C ASN A 427 -17.97 0.12 -11.12
N LEU A 428 -17.78 -0.71 -10.10
CA LEU A 428 -17.24 -2.07 -10.22
C LEU A 428 -17.98 -2.93 -11.22
N CYS A 429 -19.15 -2.46 -11.66
CA CYS A 429 -20.05 -3.29 -12.48
C CYS A 429 -20.58 -2.64 -13.73
N THR A 430 -20.37 -1.34 -13.87
CA THR A 430 -20.66 -0.63 -15.13
C THR A 430 -22.14 -0.25 -15.33
N GLU A 431 -22.89 -0.15 -14.23
CA GLU A 431 -24.29 0.27 -14.33
C GLU A 431 -24.46 1.71 -13.88
N ILE A 432 -23.45 2.21 -13.18
CA ILE A 432 -23.55 3.51 -12.52
C ILE A 432 -22.68 4.58 -13.18
N VAL A 433 -23.29 5.59 -13.78
CA VAL A 433 -22.53 6.73 -14.27
C VAL A 433 -22.76 8.01 -13.41
N GLU A 434 -21.94 8.19 -12.38
CA GLU A 434 -22.02 9.37 -11.47
C GLU A 434 -20.69 10.11 -11.35
N TYR A 435 -20.78 11.37 -10.94
CA TYR A 435 -19.68 12.30 -11.03
C TYR A 435 -18.81 12.12 -9.82
N THR A 436 -17.50 12.26 -9.98
CA THR A 436 -16.58 12.26 -8.84
C THR A 436 -15.59 13.42 -8.96
N SER A 437 -14.94 13.77 -7.86
CA SER A 437 -14.01 14.92 -7.80
C SER A 437 -13.02 14.75 -6.68
N LYS A 438 -12.03 15.65 -6.65
CA LYS A 438 -11.12 15.76 -5.50
C LYS A 438 -11.90 15.65 -4.20
N ASP A 439 -13.16 16.09 -4.16
CA ASP A 439 -13.88 16.22 -2.87
C ASP A 439 -15.26 15.56 -2.83
N GLU A 440 -15.54 14.73 -3.83
CA GLU A 440 -16.77 13.97 -3.90
C GLU A 440 -16.47 12.55 -4.33
N VAL A 441 -16.99 11.56 -3.61
CA VAL A 441 -16.96 10.21 -4.13
C VAL A 441 -18.39 9.75 -4.23
N ALA A 442 -18.78 9.16 -5.34
CA ALA A 442 -20.16 8.81 -5.54
C ALA A 442 -20.60 7.57 -4.82
N VAL A 443 -21.83 7.55 -4.35
CA VAL A 443 -22.33 6.37 -3.71
C VAL A 443 -23.48 5.84 -4.53
N CYS A 444 -24.25 4.92 -3.98
CA CYS A 444 -25.48 4.52 -4.63
C CYS A 444 -26.03 3.24 -4.06
N ASN A 445 -27.31 3.28 -3.76
CA ASN A 445 -28.01 2.20 -3.10
C ASN A 445 -28.90 1.57 -4.10
N LEU A 446 -29.11 0.28 -3.99
CA LEU A 446 -29.84 -0.43 -5.00
C LEU A 446 -30.99 -1.23 -4.49
N ALA A 447 -31.94 -1.44 -5.38
CA ALA A 447 -33.11 -2.31 -5.20
C ALA A 447 -33.42 -2.96 -6.54
N SER A 448 -34.04 -4.14 -6.53
CA SER A 448 -34.48 -4.73 -7.80
C SER A 448 -35.95 -5.08 -7.75
N LEU A 449 -36.70 -4.79 -8.83
CA LEU A 449 -38.09 -5.25 -8.94
C LEU A 449 -38.08 -6.63 -9.58
N ALA A 450 -38.95 -7.52 -9.09
CA ALA A 450 -38.98 -8.89 -9.59
C ALA A 450 -39.93 -9.01 -10.80
N LEU A 451 -39.36 -8.91 -12.01
CA LEU A 451 -40.16 -8.66 -13.22
C LEU A 451 -41.16 -9.75 -13.60
N ASN A 452 -40.92 -10.95 -13.11
CA ASN A 452 -41.83 -12.06 -13.32
C ASN A 452 -43.14 -11.92 -12.53
N MET A 453 -43.12 -11.16 -11.42
CA MET A 453 -44.24 -11.10 -10.47
C MET A 453 -45.45 -10.36 -11.01
N TYR A 454 -45.30 -9.79 -12.20
CA TYR A 454 -46.19 -8.77 -12.73
C TYR A 454 -46.98 -9.32 -13.89
N VAL A 455 -46.68 -10.56 -14.30
CA VAL A 455 -47.49 -11.22 -15.34
C VAL A 455 -48.66 -11.89 -14.68
N THR A 456 -49.86 -11.46 -15.08
CA THR A 456 -51.13 -11.92 -14.50
C THR A 456 -51.35 -13.30 -15.06
N SER A 457 -52.31 -14.03 -14.52
CA SER A 457 -52.64 -15.34 -15.11
C SER A 457 -53.32 -15.20 -16.48
N GLU A 458 -54.11 -14.15 -16.69
CA GLU A 458 -54.69 -13.87 -18.00
C GLU A 458 -53.60 -13.73 -19.13
N HIS A 459 -52.33 -13.98 -18.78
CA HIS A 459 -51.18 -13.91 -19.70
C HIS A 459 -50.89 -12.48 -20.20
N THR A 460 -51.10 -11.51 -19.30
CA THR A 460 -50.85 -10.10 -19.58
C THR A 460 -49.93 -9.49 -18.52
N TYR A 461 -49.30 -8.39 -18.89
CA TYR A 461 -48.36 -7.75 -18.03
C TYR A 461 -48.98 -6.60 -17.28
N ASP A 462 -49.11 -6.76 -15.97
CA ASP A 462 -49.71 -5.73 -15.13
C ASP A 462 -48.78 -4.54 -14.98
N PHE A 463 -48.95 -3.59 -15.89
CA PHE A 463 -48.10 -2.39 -15.94
C PHE A 463 -48.32 -1.43 -14.78
N LYS A 464 -49.59 -1.09 -14.49
CA LYS A 464 -49.98 -0.28 -13.32
C LYS A 464 -49.21 -0.65 -12.05
N LYS A 465 -49.47 -1.86 -11.55
CA LYS A 465 -48.80 -2.41 -10.39
C LYS A 465 -47.30 -2.14 -10.44
N LEU A 466 -46.67 -2.34 -11.60
CA LEU A 466 -45.22 -2.13 -11.71
C LEU A 466 -44.82 -0.68 -11.42
N ALA A 467 -45.64 0.27 -11.89
CA ALA A 467 -45.38 1.65 -11.56
C ALA A 467 -45.65 1.95 -10.06
N GLU A 468 -46.66 1.27 -9.47
CA GLU A 468 -47.01 1.42 -8.05
C GLU A 468 -45.89 0.92 -7.14
N VAL A 469 -45.23 -0.17 -7.52
CA VAL A 469 -44.12 -0.66 -6.71
C VAL A 469 -42.94 0.28 -6.87
N THR A 470 -42.67 0.74 -8.10
CA THR A 470 -41.53 1.62 -8.32
C THR A 470 -41.56 2.83 -7.38
N LYS A 471 -42.68 3.54 -7.34
CA LYS A 471 -42.86 4.67 -6.40
C LYS A 471 -42.40 4.30 -5.01
N VAL A 472 -42.97 3.22 -4.46
CA VAL A 472 -42.53 2.68 -3.15
C VAL A 472 -41.01 2.44 -3.06
N VAL A 473 -40.44 1.91 -4.14
CA VAL A 473 -39.02 1.60 -4.15
C VAL A 473 -38.16 2.87 -4.19
N VAL A 474 -38.62 3.86 -4.96
CA VAL A 474 -37.88 5.11 -5.11
C VAL A 474 -37.85 5.80 -3.75
N ARG A 475 -38.91 5.62 -2.98
CA ARG A 475 -38.99 6.23 -1.68
C ARG A 475 -38.10 5.56 -0.62
N ASN A 476 -37.89 4.24 -0.76
CA ASN A 476 -36.92 3.53 0.09
C ASN A 476 -35.48 3.91 -0.20
N LEU A 477 -35.04 3.67 -1.42
CA LEU A 477 -33.72 4.13 -1.80
C LEU A 477 -33.50 5.59 -1.37
N ASN A 478 -34.56 6.41 -1.42
CA ASN A 478 -34.40 7.81 -1.13
C ASN A 478 -34.21 8.07 0.38
N LYS A 479 -35.07 7.45 1.20
CA LYS A 479 -34.94 7.50 2.65
C LYS A 479 -33.58 6.99 3.12
N ILE A 480 -33.04 6.02 2.38
CA ILE A 480 -31.76 5.38 2.68
C ILE A 480 -30.63 6.37 2.63
N ILE A 481 -30.62 7.25 1.61
CA ILE A 481 -29.57 8.25 1.42
C ILE A 481 -29.36 9.02 2.73
N ASP A 482 -30.45 9.31 3.42
CA ASP A 482 -30.41 10.08 4.66
C ASP A 482 -30.02 9.28 5.92
N ILE A 483 -30.31 7.98 5.95
CA ILE A 483 -29.95 7.19 7.12
C ILE A 483 -28.72 6.33 6.91
N ASN A 484 -28.09 6.48 5.76
CA ASN A 484 -26.96 5.62 5.42
C ASN A 484 -25.72 6.00 6.21
N TYR A 485 -24.98 5.00 6.67
CA TYR A 485 -23.65 5.21 7.26
C TYR A 485 -22.63 5.31 6.16
N TYR A 486 -21.93 6.44 6.07
CA TYR A 486 -20.85 6.64 5.08
C TYR A 486 -19.45 6.44 5.68
N PRO A 487 -18.57 5.71 4.95
CA PRO A 487 -17.21 5.45 5.41
C PRO A 487 -16.31 6.64 5.21
N VAL A 488 -16.63 7.52 4.28
CA VAL A 488 -15.86 8.75 4.16
C VAL A 488 -16.74 9.96 3.97
N PRO A 489 -16.31 11.13 4.50
CA PRO A 489 -17.07 12.35 4.38
C PRO A 489 -17.35 12.68 2.93
N GLU A 490 -16.38 12.44 2.07
CA GLU A 490 -16.52 12.73 0.64
C GLU A 490 -17.74 12.07 0.03
N ALA A 491 -18.09 10.91 0.57
CA ALA A 491 -19.19 10.10 0.05
C ALA A 491 -20.48 10.81 0.39
N CYS A 492 -20.64 11.04 1.68
CA CYS A 492 -21.80 11.68 2.29
C CYS A 492 -22.09 12.95 1.55
N LEU A 493 -21.08 13.80 1.52
CA LEU A 493 -21.15 15.03 0.78
C LEU A 493 -21.75 14.81 -0.61
N SER A 494 -21.19 13.88 -1.39
CA SER A 494 -21.70 13.68 -2.76
C SER A 494 -23.16 13.28 -2.67
N ASN A 495 -23.43 12.09 -2.14
CA ASN A 495 -24.80 11.61 -2.00
C ASN A 495 -25.80 12.70 -1.57
N LYS A 496 -25.47 13.48 -0.53
CA LYS A 496 -26.35 14.56 -0.04
C LYS A 496 -26.66 15.66 -1.07
N ARG A 497 -25.64 16.06 -1.84
CA ARG A 497 -25.82 17.03 -2.88
C ARG A 497 -26.65 16.58 -4.09
N HIS A 498 -26.64 15.29 -4.41
CA HIS A 498 -27.19 14.85 -5.70
C HIS A 498 -28.28 13.78 -5.57
N ARG A 499 -28.54 13.34 -4.34
CA ARG A 499 -29.43 12.21 -4.02
C ARG A 499 -29.69 11.17 -5.13
N PRO A 500 -28.62 10.53 -5.68
CA PRO A 500 -28.90 9.51 -6.69
C PRO A 500 -29.38 8.17 -6.13
N ILE A 501 -30.19 7.46 -6.90
CA ILE A 501 -30.70 6.14 -6.51
C ILE A 501 -30.62 5.24 -7.73
N GLY A 502 -30.42 3.95 -7.52
CA GLY A 502 -30.31 3.03 -8.65
C GLY A 502 -31.31 1.88 -8.56
N ILE A 503 -32.31 1.90 -9.44
CA ILE A 503 -33.29 0.83 -9.47
C ILE A 503 -32.97 -0.07 -10.63
N GLY A 504 -33.16 -1.37 -10.40
CA GLY A 504 -32.81 -2.41 -11.33
C GLY A 504 -33.86 -3.48 -11.28
N VAL A 505 -33.68 -4.51 -12.09
CA VAL A 505 -34.72 -5.50 -12.29
C VAL A 505 -34.09 -6.88 -12.33
N GLN A 506 -34.87 -7.88 -11.91
CA GLN A 506 -34.46 -9.26 -12.06
C GLN A 506 -35.60 -10.06 -12.61
N GLY A 507 -35.26 -11.14 -13.29
CA GLY A 507 -36.24 -12.07 -13.81
C GLY A 507 -36.85 -11.64 -15.12
N LEU A 508 -36.13 -10.77 -15.83
CA LEU A 508 -36.53 -10.38 -17.16
C LEU A 508 -36.84 -11.65 -17.93
N ALA A 509 -35.83 -12.52 -18.07
CA ALA A 509 -35.94 -13.79 -18.79
C ALA A 509 -37.18 -14.53 -18.36
N ASP A 510 -37.39 -14.60 -17.05
CA ASP A 510 -38.54 -15.28 -16.45
C ASP A 510 -39.86 -14.65 -16.88
N ALA A 511 -39.92 -13.32 -16.96
CA ALA A 511 -41.15 -12.63 -17.43
C ALA A 511 -41.53 -12.97 -18.87
N PHE A 512 -40.58 -12.93 -19.79
CA PHE A 512 -40.80 -13.40 -21.16
C PHE A 512 -41.38 -14.82 -21.21
N ILE A 513 -40.62 -15.80 -20.69
CA ILE A 513 -41.06 -17.18 -20.65
C ILE A 513 -42.51 -17.31 -20.14
N LEU A 514 -42.84 -16.68 -19.00
CA LEU A 514 -44.20 -16.74 -18.39
C LEU A 514 -45.31 -16.20 -19.31
N MET A 515 -44.91 -15.39 -20.29
CA MET A 515 -45.80 -14.76 -21.25
C MET A 515 -45.73 -15.48 -22.59
N ARG A 516 -45.02 -16.62 -22.55
CA ARG A 516 -44.78 -17.50 -23.69
C ARG A 516 -43.96 -16.86 -24.79
N TYR A 517 -43.19 -15.82 -24.47
CA TYR A 517 -42.42 -15.10 -25.51
C TYR A 517 -40.98 -15.57 -25.69
N PRO A 518 -40.61 -16.01 -26.91
CA PRO A 518 -39.18 -16.18 -27.16
C PRO A 518 -38.44 -14.87 -26.89
N PHE A 519 -37.29 -14.97 -26.21
CA PHE A 519 -36.50 -13.82 -25.83
C PHE A 519 -36.33 -12.73 -26.94
N GLU A 520 -35.93 -13.15 -28.15
CA GLU A 520 -35.68 -12.19 -29.20
C GLU A 520 -36.91 -12.04 -30.05
N SER A 521 -38.06 -12.47 -29.54
CA SER A 521 -39.32 -12.28 -30.26
C SER A 521 -39.66 -10.79 -30.35
N ALA A 522 -40.45 -10.41 -31.34
CA ALA A 522 -40.90 -9.03 -31.44
C ALA A 522 -41.91 -8.72 -30.33
N GLU A 523 -42.60 -9.73 -29.83
CA GLU A 523 -43.48 -9.55 -28.69
C GLU A 523 -42.66 -9.20 -27.46
N ALA A 524 -41.57 -9.94 -27.27
CA ALA A 524 -40.61 -9.71 -26.19
C ALA A 524 -39.99 -8.32 -26.30
N GLN A 525 -39.79 -7.87 -27.54
CA GLN A 525 -39.09 -6.64 -27.78
C GLN A 525 -39.94 -5.46 -27.43
N LEU A 526 -41.26 -5.58 -27.62
CA LEU A 526 -42.13 -4.47 -27.27
C LEU A 526 -42.28 -4.42 -25.75
N LEU A 527 -42.62 -5.57 -25.16
CA LEU A 527 -42.61 -5.74 -23.70
C LEU A 527 -41.33 -5.23 -23.03
N ASN A 528 -40.21 -5.46 -23.70
CA ASN A 528 -38.96 -4.86 -23.28
C ASN A 528 -39.12 -3.34 -23.14
N LYS A 529 -39.38 -2.65 -24.26
CA LYS A 529 -39.53 -1.19 -24.26
C LYS A 529 -40.49 -0.78 -23.14
N GLN A 530 -41.68 -1.40 -23.14
CA GLN A 530 -42.78 -0.98 -22.29
C GLN A 530 -42.52 -1.17 -20.81
N ILE A 531 -41.87 -2.25 -20.42
CA ILE A 531 -41.53 -2.45 -19.03
C ILE A 531 -40.74 -1.23 -18.55
N PHE A 532 -39.77 -0.84 -19.36
CA PHE A 532 -38.85 0.22 -18.99
C PHE A 532 -39.40 1.63 -19.09
N GLU A 533 -40.23 1.94 -20.08
CA GLU A 533 -41.06 3.14 -20.02
C GLU A 533 -41.66 3.21 -18.59
N THR A 534 -42.35 2.13 -18.21
CA THR A 534 -43.12 2.03 -16.99
C THR A 534 -42.30 2.28 -15.72
N ILE A 535 -41.19 1.55 -15.56
CA ILE A 535 -40.33 1.67 -14.38
C ILE A 535 -39.86 3.10 -14.27
N TYR A 536 -39.37 3.60 -15.40
CA TYR A 536 -38.87 4.93 -15.49
C TYR A 536 -39.95 5.95 -15.12
N TYR A 537 -41.13 5.76 -15.70
CA TYR A 537 -42.26 6.63 -15.41
C TYR A 537 -42.51 6.69 -13.92
N GLY A 538 -42.84 5.55 -13.33
CA GLY A 538 -43.04 5.46 -11.89
C GLY A 538 -41.91 6.05 -11.07
N ALA A 539 -40.68 5.85 -11.53
CA ALA A 539 -39.52 6.35 -10.79
C ALA A 539 -39.66 7.84 -10.72
N LEU A 540 -39.79 8.45 -11.89
CA LEU A 540 -39.89 9.88 -11.98
C LEU A 540 -41.02 10.41 -11.14
N GLU A 541 -42.16 9.76 -11.25
CA GLU A 541 -43.35 10.27 -10.62
C GLU A 541 -43.25 10.29 -9.09
N ALA A 542 -42.46 9.37 -8.52
CA ALA A 542 -42.17 9.33 -7.08
C ALA A 542 -41.25 10.48 -6.73
N SER A 543 -40.10 10.48 -7.40
CA SER A 543 -39.10 11.50 -7.25
C SER A 543 -39.73 12.89 -7.39
N CYS A 544 -40.59 13.03 -8.40
CA CYS A 544 -41.38 14.26 -8.56
C CYS A 544 -42.20 14.63 -7.31
N ASP A 545 -43.01 13.70 -6.77
CA ASP A 545 -43.73 13.93 -5.50
C ASP A 545 -42.79 14.26 -4.33
N LEU A 546 -41.61 13.66 -4.34
CA LEU A 546 -40.64 13.90 -3.28
C LEU A 546 -39.98 15.27 -3.35
N ALA A 547 -40.03 15.89 -4.52
CA ALA A 547 -39.48 17.23 -4.72
C ALA A 547 -40.56 18.23 -4.34
N LYS A 548 -41.79 17.76 -4.44
CA LYS A 548 -42.93 18.54 -4.00
C LYS A 548 -42.92 18.62 -2.47
N GLU A 549 -42.22 17.70 -1.81
CA GLU A 549 -42.25 17.60 -0.36
C GLU A 549 -40.93 18.07 0.29
N GLN A 550 -39.85 17.37 0.00
CA GLN A 550 -38.57 17.77 0.52
C GLN A 550 -37.94 18.96 -0.27
N GLY A 551 -38.34 19.16 -1.54
CA GLY A 551 -37.63 20.08 -2.46
C GLY A 551 -36.69 19.38 -3.46
N PRO A 552 -36.43 20.02 -4.62
CA PRO A 552 -35.48 19.36 -5.57
C PRO A 552 -34.07 19.34 -5.01
N TYR A 553 -33.28 18.34 -5.36
CA TYR A 553 -31.87 18.22 -4.89
C TYR A 553 -31.02 19.45 -5.25
N GLU A 554 -29.88 19.58 -4.58
CA GLU A 554 -29.04 20.76 -4.70
C GLU A 554 -28.67 21.10 -6.13
N THR A 555 -27.89 20.25 -6.78
CA THR A 555 -27.35 20.51 -8.14
C THR A 555 -28.37 20.32 -9.31
N TYR A 556 -29.66 20.38 -8.99
CA TYR A 556 -30.72 20.12 -9.97
C TYR A 556 -30.84 21.23 -11.01
N GLU A 557 -30.93 22.45 -10.49
CA GLU A 557 -30.85 23.64 -11.29
C GLU A 557 -29.52 23.57 -12.06
N GLY A 558 -29.61 23.52 -13.38
CA GLY A 558 -28.47 23.27 -14.24
C GLY A 558 -28.69 22.03 -15.08
N SER A 559 -29.27 21.00 -14.47
CA SER A 559 -29.38 19.65 -15.08
C SER A 559 -30.29 19.62 -16.29
N PRO A 560 -29.99 18.72 -17.24
CA PRO A 560 -30.88 18.39 -18.35
C PRO A 560 -32.37 18.22 -18.02
N VAL A 561 -32.70 17.70 -16.85
CA VAL A 561 -34.11 17.49 -16.59
C VAL A 561 -34.81 18.75 -16.15
N SER A 562 -34.05 19.73 -15.70
CA SER A 562 -34.64 21.01 -15.31
C SER A 562 -34.97 21.76 -16.59
N LYS A 563 -34.11 21.57 -17.58
CA LYS A 563 -34.29 22.11 -18.92
C LYS A 563 -35.44 21.44 -19.64
N GLY A 564 -35.94 20.34 -19.11
CA GLY A 564 -37.11 19.66 -19.66
C GLY A 564 -36.78 18.48 -20.53
N ILE A 565 -35.61 17.89 -20.32
CA ILE A 565 -35.11 16.82 -21.18
C ILE A 565 -35.02 15.57 -20.34
N LEU A 566 -35.63 14.47 -20.79
CA LEU A 566 -35.60 13.21 -20.07
C LEU A 566 -34.67 12.22 -20.76
N GLN A 567 -34.49 11.02 -20.20
CA GLN A 567 -33.50 10.11 -20.77
C GLN A 567 -33.75 9.86 -22.24
N TYR A 568 -34.98 9.52 -22.59
CA TYR A 568 -35.29 9.20 -23.96
C TYR A 568 -35.07 10.34 -24.98
N ASP A 569 -35.08 11.57 -24.51
CA ASP A 569 -34.83 12.66 -25.43
C ASP A 569 -33.38 12.63 -25.87
N MET A 570 -32.49 12.21 -25.00
CA MET A 570 -31.08 12.31 -25.33
C MET A 570 -30.69 11.19 -26.28
N TRP A 571 -31.62 10.30 -26.53
CA TRP A 571 -31.35 9.17 -27.40
C TRP A 571 -32.10 9.44 -28.71
N ASN A 572 -32.93 10.48 -28.68
CA ASN A 572 -33.87 10.89 -29.74
C ASN A 572 -34.98 9.87 -29.98
N VAL A 573 -35.64 9.47 -28.88
CA VAL A 573 -36.66 8.42 -28.91
C VAL A 573 -38.02 8.99 -28.47
N THR A 574 -39.07 8.61 -29.21
CA THR A 574 -40.45 8.95 -28.85
C THR A 574 -41.17 7.73 -28.31
N PRO A 575 -41.35 7.69 -26.98
CA PRO A 575 -41.88 6.52 -26.27
C PRO A 575 -43.27 6.09 -26.76
N THR A 576 -43.57 4.77 -26.68
CA THR A 576 -44.93 4.30 -26.96
C THR A 576 -45.92 5.06 -26.07
N ASP A 577 -47.14 5.25 -26.56
CA ASP A 577 -48.16 5.97 -25.78
C ASP A 577 -48.69 5.26 -24.50
N LEU A 578 -48.00 4.20 -24.06
CA LEU A 578 -48.40 3.44 -22.88
C LEU A 578 -48.64 4.30 -21.63
N TRP A 579 -47.90 5.39 -21.50
CA TRP A 579 -48.18 6.35 -20.45
C TRP A 579 -48.25 7.76 -21.02
N ASP A 580 -48.47 8.72 -20.14
CA ASP A 580 -48.58 10.11 -20.53
C ASP A 580 -47.38 10.95 -20.15
N TRP A 581 -46.40 10.98 -21.02
CA TRP A 581 -45.18 11.73 -20.76
C TRP A 581 -45.39 13.25 -20.73
N LYS A 582 -46.18 13.76 -21.68
CA LYS A 582 -46.61 15.18 -21.75
C LYS A 582 -46.99 15.79 -20.39
N VAL A 583 -47.75 15.03 -19.60
CA VAL A 583 -48.23 15.49 -18.30
C VAL A 583 -47.15 15.33 -17.26
N LEU A 584 -46.48 14.19 -17.26
CA LEU A 584 -45.45 13.99 -16.27
C LEU A 584 -44.44 15.14 -16.37
N LYS A 585 -44.04 15.48 -17.60
CA LYS A 585 -43.07 16.54 -17.83
C LYS A 585 -43.49 17.85 -17.20
N GLU A 586 -44.78 18.15 -17.31
CA GLU A 586 -45.34 19.34 -16.67
C GLU A 586 -45.20 19.27 -15.14
N LYS A 587 -45.52 18.13 -14.55
CA LYS A 587 -45.45 17.96 -13.10
C LYS A 587 -44.03 18.31 -12.60
N ILE A 588 -43.02 17.76 -13.30
CA ILE A 588 -41.61 18.01 -13.02
C ILE A 588 -41.26 19.48 -13.26
N ALA A 589 -41.93 20.09 -14.23
CA ALA A 589 -41.71 21.47 -14.55
C ALA A 589 -42.07 22.37 -13.36
N LYS A 590 -43.16 22.07 -12.63
CA LYS A 590 -43.53 22.79 -11.36
C LYS A 590 -42.65 22.50 -10.10
N TYR A 591 -42.24 21.25 -9.89
CA TYR A 591 -41.64 20.84 -8.61
C TYR A 591 -40.20 20.39 -8.65
N GLY A 592 -39.78 19.85 -9.80
CA GLY A 592 -38.48 19.16 -9.94
C GLY A 592 -38.52 17.67 -9.59
N ILE A 593 -37.35 17.15 -9.21
CA ILE A 593 -37.23 15.77 -8.73
C ILE A 593 -36.21 15.70 -7.62
N ARG A 594 -36.52 14.91 -6.60
CA ARG A 594 -35.67 14.84 -5.43
C ARG A 594 -34.32 14.20 -5.78
N ASN A 595 -34.34 13.30 -6.75
CA ASN A 595 -33.18 12.45 -7.04
C ASN A 595 -32.60 12.73 -8.42
N SER A 596 -31.27 12.76 -8.54
CA SER A 596 -30.67 13.15 -9.82
C SER A 596 -30.66 12.04 -10.87
N LEU A 597 -30.76 10.80 -10.39
CA LEU A 597 -30.75 9.63 -11.24
C LEU A 597 -31.45 8.55 -10.46
N LEU A 598 -32.03 7.59 -11.18
CA LEU A 598 -32.95 6.62 -10.58
C LEU A 598 -32.75 5.19 -11.08
N ILE A 599 -32.11 5.03 -12.24
CA ILE A 599 -32.28 3.76 -12.96
C ILE A 599 -30.98 3.14 -13.44
N ALA A 600 -30.65 1.99 -12.85
CA ALA A 600 -29.42 1.33 -13.20
C ALA A 600 -29.51 -0.15 -12.96
N PRO A 601 -29.96 -0.92 -13.97
CA PRO A 601 -29.94 -2.38 -13.85
C PRO A 601 -28.57 -2.96 -13.44
N MET A 602 -28.51 -3.65 -12.32
CA MET A 602 -27.25 -4.24 -11.85
C MET A 602 -27.24 -5.81 -11.90
N PRO A 603 -26.07 -6.43 -11.64
CA PRO A 603 -26.08 -7.88 -11.76
C PRO A 603 -26.94 -8.62 -10.77
N THR A 604 -27.48 -7.97 -9.76
CA THR A 604 -28.39 -8.66 -8.80
C THR A 604 -27.97 -10.11 -8.52
N ALA A 605 -26.68 -10.30 -8.23
CA ALA A 605 -26.08 -11.63 -8.14
C ALA A 605 -26.97 -12.59 -7.35
N SER A 606 -26.90 -12.54 -6.03
CA SER A 606 -27.57 -13.54 -5.22
C SER A 606 -28.94 -13.13 -4.64
N THR A 607 -29.38 -11.90 -4.85
CA THR A 607 -30.77 -11.61 -4.47
C THR A 607 -31.74 -12.29 -5.42
N ALA A 608 -31.33 -12.42 -6.69
CA ALA A 608 -32.11 -13.16 -7.70
C ALA A 608 -32.19 -14.65 -7.35
N GLN A 609 -31.14 -15.16 -6.69
CA GLN A 609 -31.05 -16.55 -6.31
C GLN A 609 -32.03 -16.88 -5.17
N ILE A 610 -32.35 -15.90 -4.33
CA ILE A 610 -33.35 -16.08 -3.27
C ILE A 610 -34.79 -16.03 -3.76
N LEU A 611 -35.12 -15.04 -4.59
CA LEU A 611 -36.44 -14.95 -5.25
C LEU A 611 -36.60 -15.87 -6.45
N GLY A 612 -35.72 -16.86 -6.59
CA GLY A 612 -35.83 -17.85 -7.66
C GLY A 612 -35.94 -17.29 -9.07
N ASN A 613 -35.29 -16.16 -9.33
CA ASN A 613 -35.32 -15.51 -10.63
C ASN A 613 -33.99 -15.58 -11.35
N ASN A 614 -34.04 -15.58 -12.67
CA ASN A 614 -32.80 -15.56 -13.39
C ASN A 614 -32.21 -14.21 -13.16
N GLU A 615 -30.89 -14.14 -13.29
CA GLU A 615 -30.12 -13.06 -12.71
C GLU A 615 -30.09 -11.83 -13.64
N SER A 616 -30.93 -10.83 -13.34
CA SER A 616 -30.96 -9.51 -14.01
C SER A 616 -31.69 -9.44 -15.37
N ILE A 617 -31.15 -8.65 -16.31
CA ILE A 617 -31.77 -8.50 -17.64
C ILE A 617 -31.39 -9.61 -18.59
N GLU A 618 -30.72 -10.65 -18.10
CA GLU A 618 -30.18 -11.64 -19.04
C GLU A 618 -30.97 -12.95 -19.21
N PRO A 619 -30.87 -13.56 -20.40
CA PRO A 619 -31.48 -14.84 -20.72
C PRO A 619 -30.86 -15.94 -19.89
N TYR A 620 -31.48 -17.12 -19.93
CA TYR A 620 -30.93 -18.27 -19.23
C TYR A 620 -29.64 -18.69 -19.90
N THR A 621 -28.56 -18.74 -19.11
CA THR A 621 -27.24 -19.10 -19.64
C THR A 621 -27.26 -20.54 -20.09
N SER A 622 -27.83 -21.38 -19.23
CA SER A 622 -27.95 -22.81 -19.44
C SER A 622 -29.36 -23.19 -18.99
N ASN A 623 -29.99 -24.14 -19.67
CA ASN A 623 -31.24 -24.67 -19.15
C ASN A 623 -30.97 -25.68 -18.05
N ILE A 624 -29.69 -26.04 -17.87
CA ILE A 624 -29.31 -26.90 -16.76
C ILE A 624 -28.03 -26.36 -16.10
N TYR A 625 -28.04 -26.22 -14.79
CA TYR A 625 -26.90 -25.69 -14.04
C TYR A 625 -26.77 -26.39 -12.70
N THR A 626 -25.79 -26.00 -11.89
CA THR A 626 -25.67 -26.61 -10.57
C THR A 626 -25.55 -25.63 -9.39
N ARG A 627 -25.92 -26.13 -8.20
CA ARG A 627 -25.79 -25.38 -6.97
C ARG A 627 -25.14 -26.25 -5.91
N ARG A 628 -24.09 -25.74 -5.28
CA ARG A 628 -23.57 -26.33 -4.05
C ARG A 628 -24.39 -25.72 -2.91
N VAL A 629 -24.72 -26.56 -1.94
CA VAL A 629 -25.36 -26.10 -0.70
C VAL A 629 -24.59 -26.80 0.39
N LEU A 630 -23.72 -26.02 1.00
CA LEU A 630 -22.71 -26.55 1.88
C LEU A 630 -21.98 -27.66 1.14
N SER A 631 -22.11 -28.89 1.61
CA SER A 631 -21.34 -30.01 1.08
C SER A 631 -22.07 -30.84 0.03
N GLY A 632 -23.26 -30.41 -0.37
CA GLY A 632 -24.01 -31.13 -1.39
C GLY A 632 -24.00 -30.47 -2.77
N GLU A 633 -24.04 -31.28 -3.81
CA GLU A 633 -24.10 -30.76 -5.15
C GLU A 633 -25.49 -31.10 -5.67
N PHE A 634 -26.11 -30.17 -6.42
CA PHE A 634 -27.45 -30.35 -7.04
C PHE A 634 -27.51 -29.96 -8.52
N GLN A 635 -28.26 -30.74 -9.31
CA GLN A 635 -28.45 -30.42 -10.73
C GLN A 635 -29.78 -29.73 -10.92
N ILE A 636 -29.77 -28.50 -11.39
CA ILE A 636 -31.03 -27.80 -11.49
C ILE A 636 -31.39 -27.55 -12.94
N VAL A 637 -32.56 -28.00 -13.37
CA VAL A 637 -33.05 -27.62 -14.69
C VAL A 637 -33.91 -26.37 -14.59
N ASN A 638 -33.82 -25.50 -15.62
CA ASN A 638 -34.72 -24.37 -15.76
C ASN A 638 -36.08 -24.87 -15.35
N PRO A 639 -36.72 -24.19 -14.40
CA PRO A 639 -37.99 -24.71 -13.86
C PRO A 639 -39.15 -24.53 -14.83
N HIS A 640 -39.16 -23.43 -15.56
CA HIS A 640 -40.15 -23.22 -16.58
C HIS A 640 -40.02 -24.30 -17.61
N LEU A 641 -38.82 -24.51 -18.10
CA LEU A 641 -38.60 -25.66 -18.98
C LEU A 641 -39.14 -26.98 -18.39
N LEU A 642 -38.77 -27.30 -17.14
CA LEU A 642 -39.08 -28.63 -16.57
C LEU A 642 -40.58 -28.85 -16.42
N LYS A 643 -41.27 -27.81 -15.94
CA LYS A 643 -42.74 -27.82 -15.89
C LYS A 643 -43.38 -28.11 -17.28
N ASP A 644 -42.80 -27.60 -18.36
CA ASP A 644 -43.34 -27.89 -19.71
C ASP A 644 -43.18 -29.38 -20.11
N LEU A 645 -41.93 -29.86 -20.05
CA LEU A 645 -41.55 -31.20 -20.52
C LEU A 645 -42.09 -32.33 -19.67
N THR A 646 -42.15 -32.16 -18.35
CA THR A 646 -42.81 -33.20 -17.55
C THR A 646 -44.30 -33.32 -17.92
N GLU A 647 -44.99 -32.17 -17.98
CA GLU A 647 -46.45 -32.14 -18.16
C GLU A 647 -46.77 -32.50 -19.59
N ARG A 648 -45.83 -32.24 -20.49
CA ARG A 648 -45.90 -32.78 -21.86
C ARG A 648 -45.39 -34.24 -21.92
N GLY A 649 -45.27 -34.88 -20.75
CA GLY A 649 -44.80 -36.26 -20.64
C GLY A 649 -43.57 -36.64 -21.42
N LEU A 650 -42.61 -35.75 -21.52
CA LEU A 650 -41.45 -36.00 -22.38
C LEU A 650 -40.20 -36.39 -21.60
N TRP A 651 -40.16 -35.97 -20.33
CA TRP A 651 -38.98 -36.02 -19.50
C TRP A 651 -38.69 -37.35 -18.76
N HIS A 652 -37.57 -37.99 -19.11
CA HIS A 652 -37.04 -39.21 -18.45
CA HIS A 652 -37.04 -39.15 -18.35
C HIS A 652 -35.52 -39.08 -18.30
N GLU A 653 -34.89 -40.03 -17.59
CA GLU A 653 -33.46 -39.97 -17.32
C GLU A 653 -32.62 -39.58 -18.56
N GLU A 654 -32.73 -40.38 -19.62
CA GLU A 654 -31.90 -40.21 -20.83
C GLU A 654 -32.01 -38.80 -21.49
N MET A 655 -33.11 -38.10 -21.23
CA MET A 655 -33.27 -36.73 -21.69
C MET A 655 -32.33 -35.78 -20.95
N LYS A 656 -32.40 -35.82 -19.61
CA LYS A 656 -31.54 -35.02 -18.73
C LYS A 656 -30.10 -35.11 -19.20
N ASN A 657 -29.65 -36.35 -19.42
CA ASN A 657 -28.33 -36.63 -19.95
C ASN A 657 -28.08 -36.02 -21.33
N GLN A 658 -29.04 -36.18 -22.23
CA GLN A 658 -28.91 -35.66 -23.60
C GLN A 658 -28.68 -34.13 -23.61
N ILE A 659 -29.52 -33.39 -22.89
CA ILE A 659 -29.36 -31.96 -22.75
C ILE A 659 -27.94 -31.67 -22.28
N ILE A 660 -27.52 -32.33 -21.19
CA ILE A 660 -26.25 -32.01 -20.54
C ILE A 660 -25.13 -32.06 -21.54
N ALA A 661 -25.16 -33.12 -22.34
CA ALA A 661 -24.18 -33.33 -23.35
C ALA A 661 -24.18 -32.20 -24.40
N CYS A 662 -25.26 -31.43 -24.50
CA CYS A 662 -25.21 -30.20 -25.31
C CYS A 662 -25.12 -28.92 -24.49
N ASN A 663 -24.30 -28.93 -23.44
CA ASN A 663 -24.03 -27.74 -22.64
C ASN A 663 -25.31 -26.99 -22.37
N GLY A 664 -26.36 -27.75 -22.05
CA GLY A 664 -27.61 -27.17 -21.59
C GLY A 664 -28.60 -26.75 -22.66
N SER A 665 -28.36 -27.13 -23.91
CA SER A 665 -29.28 -26.81 -24.99
C SER A 665 -30.32 -27.89 -25.25
N ILE A 666 -31.54 -27.47 -25.55
CA ILE A 666 -32.60 -28.38 -26.00
C ILE A 666 -32.82 -28.41 -27.53
N GLN A 667 -31.92 -27.79 -28.29
CA GLN A 667 -32.16 -27.59 -29.74
C GLN A 667 -32.00 -28.85 -30.59
N SER A 668 -31.10 -29.75 -30.20
CA SER A 668 -30.86 -31.00 -30.93
C SER A 668 -31.75 -32.19 -30.52
N ILE A 669 -32.46 -32.03 -29.39
CA ILE A 669 -33.32 -33.08 -28.87
C ILE A 669 -34.45 -33.19 -29.86
N PRO A 670 -34.47 -34.32 -30.60
CA PRO A 670 -35.39 -34.51 -31.74
C PRO A 670 -36.88 -34.36 -31.35
N GLU A 671 -37.27 -34.86 -30.19
CA GLU A 671 -38.69 -34.98 -29.87
C GLU A 671 -39.25 -33.94 -28.87
N ILE A 672 -38.97 -32.66 -29.13
CA ILE A 672 -39.53 -31.55 -28.34
C ILE A 672 -40.02 -30.46 -29.29
N PRO A 673 -41.28 -30.01 -29.12
CA PRO A 673 -41.87 -29.01 -29.99
C PRO A 673 -40.93 -27.85 -30.31
N ASP A 674 -41.11 -27.26 -31.49
CA ASP A 674 -40.31 -26.11 -31.91
C ASP A 674 -40.66 -24.79 -31.18
N ASP A 675 -41.85 -24.67 -30.58
CA ASP A 675 -42.17 -23.47 -29.76
C ASP A 675 -41.46 -23.49 -28.42
N LEU A 676 -41.21 -24.69 -27.91
CA LEU A 676 -40.45 -24.84 -26.69
C LEU A 676 -39.00 -24.58 -27.00
N LYS A 677 -38.49 -25.21 -28.06
CA LYS A 677 -37.13 -24.94 -28.52
C LYS A 677 -36.89 -23.43 -28.66
N GLN A 678 -37.90 -22.75 -29.18
CA GLN A 678 -37.90 -21.33 -29.37
C GLN A 678 -37.88 -20.63 -28.01
N LEU A 679 -38.90 -20.87 -27.20
CA LEU A 679 -38.95 -20.37 -25.82
C LEU A 679 -37.71 -20.52 -24.96
N TYR A 680 -37.00 -21.65 -25.07
CA TYR A 680 -35.84 -21.95 -24.20
C TYR A 680 -34.51 -22.01 -24.95
N LYS A 681 -34.27 -21.03 -25.80
CA LYS A 681 -32.92 -20.82 -26.34
C LYS A 681 -31.97 -20.51 -25.18
N THR A 682 -30.78 -21.10 -25.12
CA THR A 682 -29.78 -20.59 -24.16
C THR A 682 -29.30 -19.25 -24.72
N VAL A 683 -28.58 -18.48 -23.91
CA VAL A 683 -28.01 -17.18 -24.36
C VAL A 683 -27.03 -17.34 -25.54
N TRP A 684 -26.30 -18.45 -25.55
CA TRP A 684 -25.35 -18.74 -26.61
C TRP A 684 -26.04 -18.78 -27.96
N GLU A 685 -27.14 -19.52 -28.02
CA GLU A 685 -27.96 -19.63 -29.21
C GLU A 685 -28.83 -18.40 -29.56
N ILE A 686 -28.76 -17.36 -28.75
CA ILE A 686 -29.54 -16.17 -29.04
C ILE A 686 -28.59 -15.14 -29.58
N SER A 687 -29.09 -14.20 -30.35
CA SER A 687 -28.20 -13.26 -31.03
C SER A 687 -27.69 -12.13 -30.15
N GLN A 688 -26.37 -12.05 -30.00
CA GLN A 688 -25.75 -10.99 -29.18
C GLN A 688 -26.09 -9.58 -29.62
N LYS A 689 -26.17 -9.40 -30.94
CA LYS A 689 -26.67 -8.17 -31.56
C LYS A 689 -28.06 -7.76 -31.02
N THR A 690 -29.06 -8.63 -31.18
CA THR A 690 -30.37 -8.42 -30.61
C THR A 690 -30.19 -7.97 -29.18
N VAL A 691 -29.61 -8.86 -28.36
CA VAL A 691 -29.33 -8.59 -26.96
C VAL A 691 -28.96 -7.10 -26.82
N LEU A 692 -27.99 -6.67 -27.65
CA LEU A 692 -27.47 -5.31 -27.66
C LEU A 692 -28.48 -4.24 -28.08
N LYS A 693 -29.23 -4.52 -29.15
CA LYS A 693 -30.27 -3.65 -29.70
C LYS A 693 -31.37 -3.46 -28.66
N MET A 694 -31.72 -4.54 -27.98
CA MET A 694 -32.72 -4.48 -26.90
C MET A 694 -32.23 -3.67 -25.72
N ALA A 695 -30.95 -3.83 -25.39
CA ALA A 695 -30.29 -3.03 -24.36
C ALA A 695 -30.33 -1.57 -24.74
N ALA A 696 -30.08 -1.31 -26.02
CA ALA A 696 -30.18 0.05 -26.55
C ALA A 696 -31.61 0.54 -26.43
N GLU A 697 -32.56 -0.35 -26.72
CA GLU A 697 -33.98 -0.01 -26.73
C GLU A 697 -34.51 0.42 -25.33
N ARG A 698 -34.02 -0.29 -24.33
CA ARG A 698 -34.42 -0.05 -22.98
C ARG A 698 -33.47 0.95 -22.37
N GLY A 699 -32.28 1.06 -22.98
CA GLY A 699 -31.29 2.04 -22.56
C GLY A 699 -31.81 3.47 -22.57
N ALA A 700 -32.68 3.75 -23.51
CA ALA A 700 -33.28 5.05 -23.67
C ALA A 700 -34.09 5.47 -22.45
N PHE A 701 -34.19 4.56 -21.48
CA PHE A 701 -35.09 4.76 -20.37
C PHE A 701 -34.36 4.50 -19.10
N ILE A 702 -33.05 4.61 -19.20
CA ILE A 702 -32.21 4.27 -18.07
C ILE A 702 -31.23 5.38 -17.81
N ASP A 703 -31.34 5.96 -16.61
CA ASP A 703 -30.55 7.09 -16.15
C ASP A 703 -29.08 6.92 -16.33
N GLN A 704 -28.57 5.93 -15.62
CA GLN A 704 -27.18 5.55 -15.67
C GLN A 704 -27.03 4.44 -16.72
N SER A 705 -26.54 3.27 -16.34
CA SER A 705 -26.31 2.26 -17.33
C SER A 705 -26.84 0.88 -16.95
N GLN A 706 -26.49 -0.15 -17.69
CA GLN A 706 -26.91 -1.50 -17.33
C GLN A 706 -25.76 -2.46 -17.60
N SER A 707 -25.65 -3.44 -16.72
CA SER A 707 -24.53 -4.38 -16.71
C SER A 707 -24.77 -5.39 -17.77
N LEU A 708 -24.16 -5.16 -18.93
CA LEU A 708 -24.31 -6.03 -20.06
C LEU A 708 -23.18 -6.97 -20.21
N ASN A 709 -23.32 -8.15 -19.62
CA ASN A 709 -22.53 -9.29 -20.01
C ASN A 709 -22.82 -9.66 -21.46
N ILE A 710 -21.81 -10.17 -22.15
CA ILE A 710 -21.97 -10.65 -23.51
C ILE A 710 -21.40 -12.06 -23.59
N HIS A 711 -21.96 -12.86 -24.48
CA HIS A 711 -21.61 -14.28 -24.62
C HIS A 711 -21.32 -14.59 -26.08
N ILE A 712 -20.07 -14.90 -26.41
CA ILE A 712 -19.79 -15.24 -27.80
C ILE A 712 -19.41 -16.69 -28.00
N ALA A 713 -20.03 -17.32 -29.02
CA ALA A 713 -20.01 -18.78 -29.25
C ALA A 713 -18.64 -19.45 -29.58
N GLU A 714 -18.35 -19.54 -30.89
CA GLU A 714 -17.00 -19.83 -31.36
C GLU A 714 -16.41 -18.45 -31.76
N PRO A 715 -15.78 -17.75 -30.78
CA PRO A 715 -15.38 -16.34 -30.90
C PRO A 715 -14.24 -16.14 -31.84
N ASN A 716 -14.24 -14.99 -32.51
CA ASN A 716 -13.22 -14.67 -33.50
C ASN A 716 -13.12 -13.16 -33.77
N TYR A 717 -11.89 -12.65 -33.87
CA TYR A 717 -11.61 -11.22 -33.90
C TYR A 717 -12.59 -10.36 -34.72
N GLY A 718 -12.99 -10.86 -35.90
CA GLY A 718 -14.01 -10.25 -36.72
C GLY A 718 -15.36 -10.27 -36.02
N LYS A 719 -15.72 -11.43 -35.43
CA LYS A 719 -17.00 -11.66 -34.72
C LYS A 719 -17.09 -10.83 -33.45
N LEU A 720 -15.95 -10.38 -32.93
CA LEU A 720 -15.95 -9.60 -31.73
C LEU A 720 -15.95 -8.13 -32.03
N THR A 721 -15.04 -7.71 -32.88
CA THR A 721 -14.87 -6.31 -33.29
C THR A 721 -16.20 -5.81 -33.80
N SER A 722 -16.79 -6.59 -34.68
CA SER A 722 -18.08 -6.25 -35.25
C SER A 722 -19.11 -6.04 -34.14
N MET A 723 -18.91 -6.73 -33.03
CA MET A 723 -19.85 -6.73 -31.93
C MET A 723 -19.76 -5.48 -31.04
N HIS A 724 -18.57 -4.92 -30.84
CA HIS A 724 -18.44 -3.70 -30.02
C HIS A 724 -18.98 -2.54 -30.81
N PHE A 725 -18.62 -2.51 -32.08
CA PHE A 725 -18.97 -1.39 -32.93
C PHE A 725 -20.47 -1.22 -33.07
N TYR A 726 -21.19 -2.33 -33.09
CA TYR A 726 -22.62 -2.28 -33.13
C TYR A 726 -23.15 -1.62 -31.84
N GLY A 727 -22.55 -1.98 -30.71
CA GLY A 727 -22.96 -1.44 -29.42
C GLY A 727 -22.69 0.03 -29.31
N TRP A 728 -21.48 0.43 -29.69
CA TRP A 728 -21.06 1.82 -29.67
C TRP A 728 -21.94 2.64 -30.59
N LYS A 729 -22.22 2.10 -31.79
CA LYS A 729 -23.17 2.70 -32.75
C LYS A 729 -24.59 2.80 -32.20
N GLN A 730 -25.06 1.76 -31.51
CA GLN A 730 -26.40 1.75 -30.86
C GLN A 730 -26.60 2.89 -29.84
N GLY A 731 -25.50 3.41 -29.34
CA GLY A 731 -25.54 4.53 -28.44
C GLY A 731 -25.38 4.11 -27.00
N LEU A 732 -24.82 2.92 -26.79
CA LEU A 732 -24.70 2.36 -25.44
C LEU A 732 -23.60 3.01 -24.57
N LYS A 733 -24.01 3.55 -23.42
CA LYS A 733 -23.10 4.00 -22.35
C LYS A 733 -22.11 2.88 -22.03
N THR A 734 -22.65 1.72 -21.64
CA THR A 734 -21.87 0.50 -21.40
C THR A 734 -22.01 -0.51 -22.55
N GLY A 735 -20.90 -0.75 -23.25
CA GLY A 735 -20.89 -1.66 -24.37
C GLY A 735 -20.77 -3.07 -23.85
N MET A 736 -19.76 -3.31 -23.03
CA MET A 736 -19.52 -4.65 -22.55
C MET A 736 -19.10 -4.71 -21.09
N TYR A 737 -19.82 -5.51 -20.31
CA TYR A 737 -19.36 -5.93 -19.01
C TYR A 737 -18.36 -7.07 -19.24
N TYR A 738 -18.55 -8.23 -18.60
CA TYR A 738 -17.73 -9.40 -18.81
C TYR A 738 -18.11 -10.00 -20.15
N LEU A 739 -17.15 -10.67 -20.78
CA LEU A 739 -17.36 -11.35 -22.05
C LEU A 739 -17.12 -12.83 -21.78
N ARG A 740 -18.07 -13.68 -22.16
CA ARG A 740 -17.95 -15.12 -21.89
C ARG A 740 -17.71 -15.92 -23.16
N THR A 741 -16.81 -16.89 -23.05
CA THR A 741 -16.10 -17.47 -24.21
C THR A 741 -16.64 -18.85 -24.62
N ARG A 742 -16.65 -19.76 -23.65
CA ARG A 742 -17.23 -21.07 -23.85
C ARG A 742 -17.31 -21.86 -22.55
N MET B 1 53.50 10.30 -35.90
CA MET B 1 52.54 10.20 -34.75
C MET B 1 52.32 11.52 -34.00
N HIS B 2 51.12 11.69 -33.46
CA HIS B 2 50.76 12.99 -32.89
C HIS B 2 49.77 12.86 -31.74
N VAL B 3 49.68 13.91 -30.92
CA VAL B 3 48.65 14.01 -29.89
C VAL B 3 47.67 15.03 -30.36
N ILE B 4 46.41 14.91 -29.94
CA ILE B 4 45.46 16.01 -30.09
C ILE B 4 45.36 16.84 -28.81
N LYS B 5 45.73 18.11 -28.90
CA LYS B 5 45.98 18.90 -27.71
C LYS B 5 44.66 19.49 -27.22
N ARG B 6 44.66 20.19 -26.08
CA ARG B 6 43.40 20.72 -25.53
C ARG B 6 42.70 21.70 -26.47
N ASP B 7 43.46 22.61 -27.04
CA ASP B 7 42.92 23.51 -28.06
C ASP B 7 42.35 22.78 -29.30
N GLY B 8 42.61 21.48 -29.41
CA GLY B 8 42.21 20.69 -30.59
C GLY B 8 43.27 20.55 -31.68
N ARG B 9 44.51 20.97 -31.38
CA ARG B 9 45.63 20.97 -32.34
C ARG B 9 46.48 19.69 -32.33
N GLN B 10 47.18 19.44 -33.42
CA GLN B 10 48.17 18.38 -33.51
C GLN B 10 49.54 18.77 -32.96
N GLU B 11 49.98 18.01 -31.97
CA GLU B 11 51.29 18.17 -31.41
C GLU B 11 52.00 16.82 -31.36
N ARG B 12 53.23 16.85 -31.86
CA ARG B 12 54.24 15.82 -31.71
C ARG B 12 54.26 15.19 -30.30
N VAL B 13 54.22 13.85 -30.25
CA VAL B 13 54.29 13.12 -28.98
C VAL B 13 55.63 13.31 -28.29
N MET B 14 55.63 14.23 -27.34
CA MET B 14 56.67 14.31 -26.37
C MET B 14 56.15 13.62 -25.08
N PHE B 15 56.70 12.47 -24.72
CA PHE B 15 56.13 11.72 -23.59
C PHE B 15 56.79 11.96 -22.25
N ASP B 16 58.03 12.41 -22.29
CA ASP B 16 58.71 12.94 -21.13
C ASP B 16 57.87 14.06 -20.53
N LYS B 17 57.05 14.71 -21.36
CA LYS B 17 56.06 15.66 -20.88
C LYS B 17 55.11 15.11 -19.79
N ILE B 18 54.69 13.85 -19.91
CA ILE B 18 53.81 13.18 -18.94
C ILE B 18 54.56 12.87 -17.65
N THR B 19 55.69 12.19 -17.77
CA THR B 19 56.58 11.88 -16.63
C THR B 19 56.82 13.13 -15.79
N SER B 20 57.24 14.19 -16.48
CA SER B 20 57.53 15.48 -15.86
C SER B 20 56.31 16.02 -15.09
N ARG B 21 55.13 15.76 -15.64
CA ARG B 21 53.87 16.19 -15.08
C ARG B 21 53.42 15.30 -13.92
N ILE B 22 53.78 14.03 -13.96
CA ILE B 22 53.52 13.14 -12.83
C ILE B 22 54.35 13.62 -11.61
N GLN B 23 55.66 13.73 -11.79
CA GLN B 23 56.58 14.24 -10.76
C GLN B 23 56.11 15.51 -10.05
N LYS B 24 55.78 16.53 -10.84
CA LYS B 24 55.33 17.84 -10.39
C LYS B 24 54.14 17.77 -9.43
N LEU B 25 53.52 16.60 -9.31
CA LEU B 25 52.50 16.38 -8.26
C LEU B 25 52.77 15.10 -7.50
N CYS B 26 54.02 14.96 -7.09
CA CYS B 26 54.46 13.90 -6.19
C CYS B 26 54.98 14.51 -4.90
N TYR B 27 54.38 15.61 -4.42
CA TYR B 27 54.90 16.24 -3.20
C TYR B 27 54.80 15.41 -1.90
N GLY B 28 55.96 15.18 -1.29
CA GLY B 28 56.06 14.42 -0.04
C GLY B 28 55.50 13.02 -0.13
N LEU B 29 55.27 12.56 -1.36
CA LEU B 29 55.04 11.15 -1.65
C LEU B 29 56.41 10.43 -1.61
N ASN B 30 56.39 9.15 -1.20
CA ASN B 30 57.60 8.34 -1.03
C ASN B 30 58.15 7.79 -2.38
N MET B 31 59.18 8.46 -2.91
CA MET B 31 59.80 8.16 -4.22
C MET B 31 60.74 6.95 -4.21
N ASP B 32 61.07 6.45 -3.01
CA ASP B 32 61.61 5.09 -2.82
C ASP B 32 60.75 4.11 -3.59
N PHE B 33 59.46 4.44 -3.68
CA PHE B 33 58.47 3.62 -4.37
C PHE B 33 57.74 4.26 -5.57
N VAL B 34 57.22 5.49 -5.41
CA VAL B 34 56.55 6.20 -6.53
C VAL B 34 57.49 6.66 -7.66
N ASP B 35 57.11 6.32 -8.88
CA ASP B 35 57.99 6.30 -10.04
C ASP B 35 57.29 6.86 -11.27
N PRO B 36 57.31 8.21 -11.45
CA PRO B 36 56.70 8.90 -12.58
C PRO B 36 56.88 8.19 -13.92
N ALA B 37 58.11 7.78 -14.24
CA ALA B 37 58.41 7.16 -15.53
C ALA B 37 57.74 5.81 -15.72
N GLN B 38 57.42 5.14 -14.62
CA GLN B 38 56.72 3.87 -14.70
C GLN B 38 55.33 4.02 -15.31
N ILE B 39 54.53 4.90 -14.70
CA ILE B 39 53.20 5.17 -15.23
C ILE B 39 53.29 5.50 -16.71
N THR B 40 54.07 6.51 -17.03
CA THR B 40 54.23 6.96 -18.41
C THR B 40 54.41 5.77 -19.32
N MET B 41 55.29 4.85 -18.92
CA MET B 41 55.53 3.65 -19.69
C MET B 41 54.23 2.88 -19.89
N LYS B 42 53.58 2.43 -18.82
CA LYS B 42 52.31 1.69 -19.00
C LYS B 42 51.28 2.46 -19.84
N VAL B 43 51.10 3.75 -19.57
CA VAL B 43 50.18 4.62 -20.35
C VAL B 43 50.48 4.60 -21.85
N ILE B 44 51.76 4.77 -22.19
CA ILE B 44 52.25 4.88 -23.57
C ILE B 44 52.31 3.53 -24.36
N GLN B 45 52.12 2.42 -23.65
CA GLN B 45 52.30 1.05 -24.16
C GLN B 45 51.62 0.77 -25.50
N GLY B 46 50.31 0.92 -25.51
CA GLY B 46 49.57 0.98 -26.75
C GLY B 46 49.16 2.42 -26.95
N LEU B 47 49.79 3.05 -27.95
CA LEU B 47 49.53 4.43 -28.29
C LEU B 47 49.30 4.45 -29.77
N TYR B 48 48.08 4.76 -30.18
CA TYR B 48 47.78 5.03 -31.60
C TYR B 48 47.89 6.54 -31.76
N SER B 49 47.77 7.05 -32.99
CA SER B 49 47.76 8.50 -33.20
C SER B 49 46.48 9.21 -32.70
N GLY B 50 46.42 10.52 -32.86
CA GLY B 50 45.20 11.28 -32.57
C GLY B 50 44.51 11.14 -31.22
N VAL B 51 45.04 10.25 -30.38
CA VAL B 51 44.57 10.14 -29.00
C VAL B 51 44.70 11.51 -28.31
N THR B 52 43.66 11.93 -27.59
CA THR B 52 43.64 13.28 -26.99
C THR B 52 44.40 13.39 -25.66
N THR B 53 44.82 14.61 -25.32
CA THR B 53 45.50 14.90 -24.06
C THR B 53 44.54 14.82 -22.86
N VAL B 54 43.23 14.78 -23.09
CA VAL B 54 42.29 14.47 -21.98
C VAL B 54 42.29 12.95 -21.76
N GLU B 55 42.50 12.21 -22.84
CA GLU B 55 42.51 10.75 -22.86
C GLU B 55 43.67 10.17 -22.06
N LEU B 56 44.87 10.67 -22.34
CA LEU B 56 46.07 10.42 -21.55
C LEU B 56 45.88 10.73 -20.06
N ASP B 57 45.18 11.82 -19.76
CA ASP B 57 44.95 12.20 -18.38
C ASP B 57 44.32 11.08 -17.59
N THR B 58 43.18 10.59 -18.08
CA THR B 58 42.46 9.51 -17.42
C THR B 58 43.36 8.30 -17.29
N LEU B 59 44.07 7.98 -18.37
CA LEU B 59 44.85 6.73 -18.46
C LEU B 59 46.06 6.75 -17.56
N ALA B 60 46.64 7.93 -17.38
CA ALA B 60 47.58 8.18 -16.30
C ALA B 60 46.88 7.82 -15.02
N ALA B 61 45.92 8.66 -14.58
CA ALA B 61 45.20 8.47 -13.32
C ALA B 61 44.75 7.03 -13.04
N GLU B 62 44.13 6.37 -14.02
CA GLU B 62 43.60 5.01 -13.86
C GLU B 62 44.72 3.99 -13.81
N THR B 63 45.86 4.29 -14.42
CA THR B 63 47.09 3.46 -14.33
C THR B 63 47.83 3.56 -12.97
N ALA B 64 47.96 4.77 -12.43
CA ALA B 64 48.50 4.93 -11.09
C ALA B 64 47.66 4.13 -10.10
N ALA B 65 46.36 4.15 -10.29
CA ALA B 65 45.45 3.40 -9.45
C ALA B 65 45.73 1.88 -9.45
N THR B 66 46.04 1.29 -10.60
CA THR B 66 46.30 -0.17 -10.63
C THR B 66 47.67 -0.56 -10.04
N LEU B 67 48.38 0.46 -9.55
CA LEU B 67 49.68 0.28 -8.96
C LEU B 67 49.70 0.52 -7.45
N THR B 68 48.56 0.88 -6.88
CA THR B 68 48.42 0.90 -5.43
C THR B 68 48.97 -0.43 -4.91
N THR B 69 48.66 -1.50 -5.65
CA THR B 69 49.26 -2.81 -5.45
C THR B 69 50.77 -2.71 -5.19
N LYS B 70 51.47 -1.93 -6.02
CA LYS B 70 52.91 -1.73 -5.82
C LYS B 70 53.29 -0.83 -4.62
N HIS B 71 52.42 0.13 -4.23
CA HIS B 71 52.58 0.96 -3.00
C HIS B 71 51.49 2.03 -2.87
N PRO B 72 50.95 2.27 -1.64
CA PRO B 72 49.65 2.97 -1.47
C PRO B 72 49.63 4.42 -1.92
N ASP B 73 50.80 5.06 -2.02
CA ASP B 73 50.90 6.47 -2.46
C ASP B 73 50.35 6.66 -3.86
N TYR B 74 50.46 5.60 -4.66
CA TYR B 74 49.82 5.54 -5.95
C TYR B 74 48.35 5.89 -5.92
N ALA B 75 47.64 5.50 -4.85
CA ALA B 75 46.23 5.92 -4.65
C ALA B 75 46.13 7.43 -4.65
N ILE B 76 47.00 8.06 -3.86
CA ILE B 76 47.05 9.52 -3.72
C ILE B 76 47.57 10.18 -5.00
N LEU B 77 48.69 9.70 -5.55
CA LEU B 77 49.18 10.27 -6.80
C LEU B 77 48.09 10.20 -7.86
N ALA B 78 47.50 9.02 -8.03
CA ALA B 78 46.41 8.81 -8.98
C ALA B 78 45.26 9.81 -8.79
N ALA B 79 44.94 10.09 -7.52
CA ALA B 79 43.95 11.08 -7.15
C ALA B 79 44.37 12.48 -7.59
N ARG B 80 45.65 12.82 -7.37
CA ARG B 80 46.16 14.13 -7.74
C ARG B 80 45.94 14.40 -9.22
N ILE B 81 46.34 13.45 -10.09
CA ILE B 81 46.10 13.55 -11.54
C ILE B 81 44.64 13.86 -11.85
N ALA B 82 43.74 13.01 -11.34
CA ALA B 82 42.29 13.15 -11.49
C ALA B 82 41.75 14.53 -11.01
N VAL B 83 42.10 14.92 -9.78
CA VAL B 83 41.71 16.23 -9.25
C VAL B 83 42.18 17.36 -10.18
N SER B 84 43.45 17.28 -10.55
CA SER B 84 44.04 18.17 -11.52
C SER B 84 43.24 18.26 -12.82
N ASN B 85 42.88 17.09 -13.41
CA ASN B 85 42.09 17.05 -14.68
C ASN B 85 40.79 17.80 -14.53
N LEU B 86 40.09 17.50 -13.43
CA LEU B 86 38.86 18.20 -13.05
C LEU B 86 39.09 19.69 -12.98
N HIS B 87 40.14 20.08 -12.26
CA HIS B 87 40.48 21.47 -12.13
C HIS B 87 40.58 22.08 -13.50
N LYS B 88 41.42 21.51 -14.38
CA LYS B 88 41.55 21.99 -15.78
C LYS B 88 40.19 22.21 -16.46
N GLU B 89 39.19 21.40 -16.10
CA GLU B 89 37.87 21.40 -16.77
C GLU B 89 36.79 22.08 -15.95
N THR B 90 37.12 23.17 -15.23
CA THR B 90 36.09 23.84 -14.41
C THR B 90 36.45 25.10 -13.58
N LYS B 91 35.65 26.16 -13.78
CA LYS B 91 35.76 27.47 -13.10
C LYS B 91 36.27 27.47 -11.66
N LYS B 92 37.30 28.28 -11.40
CA LYS B 92 38.02 28.22 -10.13
C LYS B 92 37.45 29.09 -9.01
N VAL B 93 36.59 30.04 -9.35
CA VAL B 93 36.03 30.92 -8.34
C VAL B 93 34.69 30.40 -7.80
N PHE B 94 34.66 30.09 -6.51
CA PHE B 94 33.48 29.53 -5.82
C PHE B 94 32.15 30.21 -6.10
N SER B 95 32.07 31.50 -5.78
CA SER B 95 30.84 32.25 -5.92
C SER B 95 30.41 32.33 -7.39
N ASP B 96 31.34 32.13 -8.31
CA ASP B 96 30.99 32.06 -9.72
C ASP B 96 30.39 30.72 -10.13
N VAL B 97 30.84 29.63 -9.52
CA VAL B 97 30.24 28.33 -9.80
C VAL B 97 28.88 28.27 -9.12
N MET B 98 28.71 29.05 -8.06
CA MET B 98 27.43 29.17 -7.39
C MET B 98 26.34 29.79 -8.25
N GLU B 99 26.67 30.83 -8.99
CA GLU B 99 25.76 31.43 -9.97
C GLU B 99 25.32 30.46 -11.07
N ASP B 100 26.29 29.86 -11.77
CA ASP B 100 26.06 28.79 -12.74
C ASP B 100 24.96 27.79 -12.33
N LEU B 101 25.05 27.31 -11.09
CA LEU B 101 24.15 26.27 -10.59
C LEU B 101 22.72 26.80 -10.50
N TYR B 102 22.60 28.04 -10.08
CA TYR B 102 21.31 28.68 -9.90
C TYR B 102 20.70 29.12 -11.22
N ASN B 103 21.51 29.77 -12.05
CA ASN B 103 21.05 30.29 -13.34
C ASN B 103 20.91 29.16 -14.40
N TYR B 104 20.51 27.99 -13.94
CA TYR B 104 20.51 26.78 -14.77
C TYR B 104 19.21 26.59 -15.51
N ILE B 105 19.29 26.57 -16.84
CA ILE B 105 18.13 26.20 -17.63
C ILE B 105 18.29 24.80 -18.24
N ASN B 106 17.39 23.90 -17.84
CA ASN B 106 17.18 22.55 -18.41
C ASN B 106 17.08 22.62 -19.92
N PRO B 107 17.95 21.87 -20.65
CA PRO B 107 18.00 22.05 -22.11
C PRO B 107 16.84 21.38 -22.86
N HIS B 108 16.52 20.14 -22.50
CA HIS B 108 15.47 19.36 -23.18
C HIS B 108 14.03 19.81 -22.83
N ASN B 109 13.88 20.66 -21.81
CA ASN B 109 12.56 21.11 -21.33
C ASN B 109 12.34 22.63 -21.39
N GLY B 110 13.43 23.40 -21.35
CA GLY B 110 13.37 24.86 -21.46
C GLY B 110 13.33 25.58 -20.12
N LYS B 111 12.63 25.00 -19.14
CA LYS B 111 12.32 25.67 -17.85
C LYS B 111 13.47 25.85 -16.85
N HIS B 112 13.55 27.07 -16.29
CA HIS B 112 14.52 27.41 -15.25
C HIS B 112 14.28 26.51 -14.05
N SER B 113 15.33 25.83 -13.64
CA SER B 113 15.31 24.91 -12.50
C SER B 113 16.54 25.13 -11.59
N PRO B 114 16.52 26.22 -10.78
CA PRO B 114 17.70 26.61 -10.02
C PRO B 114 18.23 25.39 -9.29
N MET B 115 19.55 25.24 -9.25
CA MET B 115 20.18 24.08 -8.60
C MET B 115 20.65 24.32 -7.16
N VAL B 116 20.45 25.55 -6.70
CA VAL B 116 20.69 25.94 -5.33
C VAL B 116 19.62 26.91 -4.88
N ALA B 117 19.30 26.88 -3.59
CA ALA B 117 18.44 27.85 -2.97
C ALA B 117 18.92 29.26 -3.32
N LYS B 118 17.99 30.12 -3.73
CA LYS B 118 18.27 31.54 -4.03
C LYS B 118 18.76 32.27 -2.77
N SER B 119 18.09 32.03 -1.64
CA SER B 119 18.55 32.55 -0.35
C SER B 119 20.05 32.32 -0.15
N THR B 120 20.54 31.14 -0.53
CA THR B 120 21.95 30.79 -0.39
C THR B 120 22.81 31.59 -1.39
N LEU B 121 22.46 31.54 -2.67
CA LEU B 121 23.16 32.33 -3.69
C LEU B 121 23.23 33.84 -3.37
N ASP B 122 22.13 34.45 -2.93
CA ASP B 122 22.15 35.88 -2.54
C ASP B 122 23.16 36.09 -1.41
N ILE B 123 22.92 35.40 -0.29
CA ILE B 123 23.86 35.29 0.85
C ILE B 123 25.33 35.11 0.44
N VAL B 124 25.58 34.24 -0.55
CA VAL B 124 26.93 33.93 -1.03
C VAL B 124 27.51 35.10 -1.79
N LEU B 125 26.67 35.68 -2.63
CA LEU B 125 27.08 36.70 -3.57
C LEU B 125 27.30 37.98 -2.77
N ALA B 126 26.48 38.15 -1.73
CA ALA B 126 26.62 39.27 -0.80
C ALA B 126 28.01 39.31 -0.15
N ASN B 127 28.64 38.13 0.02
CA ASN B 127 29.99 38.00 0.62
C ASN B 127 31.02 37.30 -0.30
N LYS B 128 30.89 37.53 -1.61
CA LYS B 128 31.87 37.15 -2.65
C LYS B 128 33.33 37.09 -2.19
N ASP B 129 33.93 38.27 -2.03
CA ASP B 129 35.40 38.40 -1.91
C ASP B 129 35.94 37.57 -0.75
N ARG B 130 35.32 37.75 0.40
CA ARG B 130 35.60 36.90 1.54
C ARG B 130 35.59 35.40 1.13
N LEU B 131 34.41 34.78 1.15
CA LEU B 131 34.21 33.37 0.81
C LEU B 131 35.08 32.80 -0.31
N ASN B 132 35.23 33.47 -1.44
CA ASN B 132 36.06 32.90 -2.48
C ASN B 132 37.48 32.70 -1.97
N SER B 133 38.03 33.76 -1.38
CA SER B 133 39.41 33.75 -0.92
C SER B 133 39.63 32.72 0.19
N ALA B 134 38.68 32.66 1.13
CA ALA B 134 38.64 31.68 2.24
C ALA B 134 38.93 30.23 1.84
N ILE B 135 38.54 29.89 0.62
CA ILE B 135 38.71 28.55 0.06
C ILE B 135 40.16 28.29 -0.32
N ILE B 136 40.60 27.07 -0.05
CA ILE B 136 41.96 26.64 -0.36
C ILE B 136 41.90 25.50 -1.35
N TYR B 137 41.98 25.80 -2.66
CA TYR B 137 41.73 24.76 -3.68
C TYR B 137 42.80 23.68 -3.64
N ASP B 138 43.75 23.90 -2.75
CA ASP B 138 44.83 22.98 -2.54
C ASP B 138 44.39 21.74 -1.82
N ARG B 139 43.46 21.90 -0.89
CA ARG B 139 42.94 20.80 -0.08
C ARG B 139 42.35 19.73 -0.94
N ASP B 140 41.89 20.11 -2.14
CA ASP B 140 41.48 19.17 -3.21
C ASP B 140 42.37 17.96 -3.38
N PHE B 141 43.66 18.07 -3.08
CA PHE B 141 44.65 17.05 -3.41
C PHE B 141 44.91 16.03 -2.29
N SER B 142 43.93 15.90 -1.40
CA SER B 142 44.11 15.12 -0.17
C SER B 142 43.43 13.76 -0.26
N TYR B 143 42.38 13.70 -1.07
CA TYR B 143 41.57 12.49 -1.25
C TYR B 143 42.39 11.36 -1.86
N ASN B 144 41.96 10.11 -1.67
CA ASN B 144 42.56 9.04 -2.42
C ASN B 144 41.70 8.80 -3.67
N TYR B 145 42.32 8.32 -4.75
CA TYR B 145 41.63 8.05 -6.03
C TYR B 145 40.19 7.58 -5.89
N PHE B 146 39.99 6.51 -5.12
CA PHE B 146 38.67 5.89 -5.00
C PHE B 146 37.64 6.71 -4.26
N GLY B 147 38.04 7.19 -3.09
CA GLY B 147 37.28 8.20 -2.40
C GLY B 147 36.91 9.27 -3.41
N PHE B 148 37.92 9.87 -4.04
CA PHE B 148 37.70 10.95 -5.00
C PHE B 148 36.70 10.53 -6.07
N LYS B 149 36.96 9.38 -6.70
CA LYS B 149 36.07 8.91 -7.73
C LYS B 149 34.63 8.93 -7.19
N THR B 150 34.47 8.49 -5.92
CA THR B 150 33.18 8.47 -5.23
C THR B 150 32.43 9.78 -5.27
N LEU B 151 33.09 10.84 -4.79
CA LEU B 151 32.51 12.18 -4.75
C LEU B 151 32.06 12.62 -6.10
N GLU B 152 32.91 12.30 -7.06
CA GLU B 152 32.71 12.69 -8.42
C GLU B 152 31.41 12.08 -8.86
N ARG B 153 31.28 10.76 -8.68
CA ARG B 153 30.03 10.06 -8.95
C ARG B 153 28.80 10.86 -8.51
N SER B 154 28.68 11.14 -7.22
CA SER B 154 27.38 11.49 -6.64
C SER B 154 27.26 12.73 -5.78
N TYR B 155 28.35 13.47 -5.60
CA TYR B 155 28.27 14.56 -4.66
C TYR B 155 28.58 15.85 -5.31
N LEU B 156 29.38 15.81 -6.36
CA LEU B 156 29.71 17.03 -7.04
C LEU B 156 28.60 17.37 -8.03
N LEU B 157 28.04 18.56 -7.90
CA LEU B 157 26.90 18.94 -8.74
C LEU B 157 27.21 19.05 -10.23
N LYS B 158 26.50 18.27 -11.04
CA LYS B 158 26.72 18.18 -12.50
C LYS B 158 25.83 19.16 -13.35
N ILE B 159 26.46 19.80 -14.35
CA ILE B 159 25.80 20.76 -15.27
C ILE B 159 25.72 20.12 -16.66
N ASN B 160 24.50 19.79 -17.09
CA ASN B 160 24.23 19.12 -18.39
C ASN B 160 25.00 17.82 -18.62
N GLY B 161 25.26 17.08 -17.52
CA GLY B 161 26.12 15.89 -17.56
C GLY B 161 27.57 16.09 -17.11
N LYS B 162 28.11 17.30 -17.29
CA LYS B 162 29.47 17.64 -16.79
C LYS B 162 29.57 18.24 -15.35
N VAL B 163 30.44 17.63 -14.53
CA VAL B 163 30.69 18.03 -13.14
C VAL B 163 31.11 19.47 -13.07
N ALA B 164 30.30 20.28 -12.41
CA ALA B 164 30.57 21.71 -12.18
C ALA B 164 31.25 22.03 -10.83
N GLU B 165 30.81 21.45 -9.72
CA GLU B 165 31.43 21.74 -8.43
C GLU B 165 32.79 21.07 -8.29
N ARG B 166 33.69 21.74 -7.56
CA ARG B 166 34.93 21.13 -7.09
C ARG B 166 34.73 20.71 -5.67
N PRO B 167 35.52 19.74 -5.22
CA PRO B 167 35.29 19.25 -3.87
C PRO B 167 35.15 20.38 -2.84
N GLN B 168 36.00 21.40 -2.94
CA GLN B 168 35.90 22.54 -2.04
C GLN B 168 34.65 23.40 -2.30
N HIS B 169 34.26 23.55 -3.57
CA HIS B 169 33.04 24.32 -3.94
C HIS B 169 31.80 23.73 -3.31
N MET B 170 31.79 22.41 -3.31
CA MET B 170 30.75 21.62 -2.71
C MET B 170 30.79 21.91 -1.22
N LEU B 171 31.95 21.68 -0.63
CA LEU B 171 32.10 21.91 0.79
C LEU B 171 31.57 23.27 1.21
N MET B 172 31.91 24.31 0.45
CA MET B 172 31.60 25.65 0.91
C MET B 172 30.12 25.83 0.91
N ARG B 173 29.46 25.37 -0.16
CA ARG B 173 28.00 25.42 -0.27
C ARG B 173 27.32 24.70 0.88
N VAL B 174 27.88 23.56 1.28
CA VAL B 174 27.37 22.83 2.43
C VAL B 174 27.38 23.72 3.69
N SER B 175 28.49 24.41 3.88
CA SER B 175 28.73 25.18 5.10
C SER B 175 27.87 26.42 5.13
N VAL B 176 27.53 26.92 3.95
CA VAL B 176 26.63 28.04 3.81
C VAL B 176 25.18 27.63 4.01
N GLY B 177 24.81 26.45 3.50
CA GLY B 177 23.51 25.86 3.83
C GLY B 177 23.29 25.77 5.36
N ILE B 178 24.31 25.33 6.08
CA ILE B 178 24.20 25.22 7.52
C ILE B 178 24.22 26.61 8.17
N HIS B 179 24.99 27.54 7.63
CA HIS B 179 25.30 28.73 8.41
C HIS B 179 24.62 30.06 8.04
N LYS B 180 24.32 30.24 6.75
CA LYS B 180 23.60 31.43 6.24
C LYS B 180 24.34 32.75 6.48
N GLU B 181 23.69 33.71 7.13
CA GLU B 181 24.32 34.98 7.48
C GLU B 181 25.63 34.79 8.27
N ASP B 182 25.71 33.73 9.10
CA ASP B 182 26.86 33.44 10.00
C ASP B 182 28.11 33.06 9.21
N ILE B 183 28.74 34.07 8.62
CA ILE B 183 29.90 33.89 7.76
C ILE B 183 31.08 33.46 8.60
N ASP B 184 31.22 34.11 9.75
CA ASP B 184 32.21 33.70 10.73
C ASP B 184 32.17 32.16 10.86
N ALA B 185 31.05 31.60 11.34
CA ALA B 185 30.90 30.15 11.48
C ALA B 185 31.14 29.35 10.18
N ALA B 186 30.70 29.92 9.05
CA ALA B 186 30.79 29.22 7.76
C ALA B 186 32.21 28.94 7.27
N ILE B 187 33.16 29.85 7.51
CA ILE B 187 34.54 29.60 7.13
C ILE B 187 35.18 28.57 8.05
N GLU B 188 34.81 28.62 9.33
CA GLU B 188 35.38 27.68 10.28
C GLU B 188 34.96 26.24 9.96
N THR B 189 33.66 26.02 9.88
CA THR B 189 33.09 24.73 9.48
C THR B 189 33.66 24.24 8.13
N TYR B 190 33.75 25.15 7.16
CA TYR B 190 34.40 24.83 5.88
C TYR B 190 35.79 24.27 6.12
N ASN B 191 36.61 24.98 6.89
CA ASN B 191 37.97 24.55 7.20
C ASN B 191 38.09 23.15 7.77
N LEU B 192 37.27 22.87 8.79
CA LEU B 192 37.21 21.55 9.39
C LEU B 192 36.86 20.48 8.34
N LEU B 193 35.82 20.73 7.54
CA LEU B 193 35.48 19.77 6.49
C LEU B 193 36.62 19.56 5.53
N SER B 194 37.20 20.64 5.03
CA SER B 194 38.20 20.60 3.96
C SER B 194 39.47 19.96 4.46
N GLU B 195 39.63 19.99 5.77
CA GLU B 195 40.77 19.37 6.40
C GLU B 195 40.48 17.99 6.94
N ARG B 196 39.23 17.54 6.73
CA ARG B 196 38.82 16.15 6.90
C ARG B 196 38.87 15.74 8.36
N TRP B 197 38.48 16.66 9.23
CA TRP B 197 38.39 16.31 10.66
C TRP B 197 37.08 15.61 10.97
N PHE B 198 36.03 16.01 10.25
CA PHE B 198 34.74 15.32 10.27
C PHE B 198 33.98 15.47 8.95
N THR B 199 32.88 14.75 8.81
CA THR B 199 31.97 14.98 7.71
C THR B 199 30.53 14.98 8.22
N HIS B 200 29.64 15.55 7.41
CA HIS B 200 28.23 15.37 7.65
C HIS B 200 27.82 14.18 6.81
N ALA B 201 26.73 13.54 7.26
CA ALA B 201 26.03 12.47 6.56
C ALA B 201 25.57 12.92 5.18
N SER B 202 25.56 11.96 4.25
CA SER B 202 25.14 12.19 2.85
C SER B 202 23.99 13.19 2.63
N PRO B 203 22.78 12.88 3.16
CA PRO B 203 21.71 13.86 3.05
C PRO B 203 22.21 15.29 3.22
N THR B 204 23.09 15.51 4.18
CA THR B 204 23.51 16.86 4.45
C THR B 204 24.41 17.31 3.31
N LEU B 205 25.38 16.48 2.95
CA LEU B 205 26.27 16.83 1.84
C LEU B 205 25.55 16.97 0.51
N PHE B 206 24.53 16.12 0.29
CA PHE B 206 23.72 16.23 -0.92
C PHE B 206 22.95 17.53 -0.98
N ASN B 207 22.14 17.79 0.05
CA ASN B 207 21.02 18.71 -0.08
C ASN B 207 21.16 20.13 0.48
N ALA B 208 22.17 20.37 1.31
CA ALA B 208 22.35 21.69 1.95
C ALA B 208 22.51 22.83 0.98
N GLY B 209 21.86 23.94 1.31
CA GLY B 209 21.89 25.14 0.48
C GLY B 209 21.13 25.04 -0.84
N THR B 210 20.22 24.07 -0.91
CA THR B 210 19.35 23.89 -2.06
C THR B 210 17.85 24.00 -1.68
N ASN B 211 16.99 23.91 -2.69
CA ASN B 211 15.55 24.05 -2.47
C ASN B 211 14.93 22.91 -1.72
N ARG B 212 14.16 23.22 -0.66
CA ARG B 212 13.52 22.19 0.18
C ARG B 212 14.58 21.17 0.70
N PRO B 213 15.43 21.62 1.65
CA PRO B 213 16.62 20.87 1.97
C PRO B 213 16.31 19.74 2.92
N GLN B 214 16.18 18.53 2.40
CA GLN B 214 16.01 17.39 3.28
C GLN B 214 17.39 16.94 3.79
N LEU B 215 17.75 17.28 5.03
CA LEU B 215 19.14 17.16 5.44
C LEU B 215 19.41 16.07 6.47
N SER B 216 18.35 15.52 7.03
CA SER B 216 18.51 14.46 8.01
C SER B 216 18.04 13.14 7.44
N SER B 217 18.50 12.02 8.00
CA SER B 217 17.95 10.75 7.53
C SER B 217 17.66 9.71 8.57
N CYS B 218 16.70 10.06 9.40
CA CYS B 218 16.28 9.23 10.45
C CYS B 218 14.92 9.59 10.78
N PHE B 219 14.14 8.56 10.87
CA PHE B 219 12.74 8.70 11.02
C PHE B 219 12.34 7.43 11.72
N LEU B 220 11.72 7.56 12.88
CA LEU B 220 11.03 6.44 13.49
C LEU B 220 9.56 6.81 13.59
N LEU B 221 8.66 5.86 13.31
CA LEU B 221 7.21 6.02 13.49
C LEU B 221 6.65 4.98 14.44
N SER B 222 5.62 5.34 15.20
CA SER B 222 4.78 4.35 15.85
C SER B 222 3.54 4.18 15.00
N MET B 223 2.99 2.97 14.92
CA MET B 223 1.71 2.82 14.23
C MET B 223 0.70 3.71 14.94
N LYS B 224 -0.02 4.51 14.15
CA LYS B 224 -0.99 5.48 14.68
C LYS B 224 -1.98 4.82 15.65
N ASP B 225 -2.64 3.73 15.24
CA ASP B 225 -3.31 2.77 16.16
C ASP B 225 -3.94 1.57 15.44
N ASP B 226 -4.69 0.75 16.18
CA ASP B 226 -5.11 -0.59 15.72
C ASP B 226 -6.42 -0.55 14.89
N SER B 227 -6.34 0.16 13.77
CA SER B 227 -7.48 0.49 12.95
C SER B 227 -7.06 0.66 11.52
N ILE B 228 -7.98 0.44 10.58
CA ILE B 228 -7.64 0.73 9.20
C ILE B 228 -7.28 2.22 9.09
N GLU B 229 -8.00 3.07 9.81
CA GLU B 229 -7.71 4.52 9.77
C GLU B 229 -6.23 4.77 10.09
N GLY B 230 -5.75 4.15 11.15
CA GLY B 230 -4.37 4.32 11.55
C GLY B 230 -3.43 3.78 10.52
N ILE B 231 -3.51 2.48 10.26
CA ILE B 231 -2.57 1.80 9.34
C ILE B 231 -2.31 2.63 8.08
N TYR B 232 -3.37 3.16 7.50
CA TYR B 232 -3.16 3.80 6.24
C TYR B 232 -2.67 5.26 6.37
N ASP B 233 -2.70 5.81 7.57
CA ASP B 233 -2.09 7.10 7.81
C ASP B 233 -0.60 6.93 7.93
N THR B 234 -0.19 6.18 8.94
CA THR B 234 1.18 5.78 9.06
C THR B 234 1.78 5.42 7.68
N LEU B 235 0.99 4.80 6.80
CA LEU B 235 1.48 4.37 5.50
C LEU B 235 1.75 5.56 4.59
N LYS B 236 0.77 6.42 4.40
CA LYS B 236 0.94 7.68 3.67
C LYS B 236 2.15 8.37 4.26
N GLN B 237 2.26 8.28 5.57
CA GLN B 237 3.38 8.87 6.30
C GLN B 237 4.73 8.28 5.82
N CYS B 238 4.82 6.96 5.70
CA CYS B 238 6.04 6.36 5.20
C CYS B 238 6.32 6.69 3.74
N ALA B 239 5.29 6.79 2.93
CA ALA B 239 5.47 7.21 1.54
C ALA B 239 6.08 8.58 1.50
N LEU B 240 5.47 9.50 2.24
CA LEU B 240 5.95 10.87 2.27
C LEU B 240 7.44 10.97 2.57
N ILE B 241 7.89 10.16 3.52
CA ILE B 241 9.28 10.14 3.87
C ILE B 241 10.15 9.58 2.76
N SER B 242 9.89 8.35 2.34
CA SER B 242 10.65 7.75 1.24
C SER B 242 10.79 8.71 0.09
N LYS B 243 9.77 9.50 -0.17
CA LYS B 243 9.82 10.45 -1.26
C LYS B 243 11.01 11.39 -1.07
N SER B 244 11.02 11.96 0.11
CA SER B 244 12.04 12.91 0.51
C SER B 244 13.26 12.15 1.03
N ALA B 245 13.27 10.83 0.86
CA ALA B 245 14.50 10.01 0.95
C ALA B 245 14.93 9.45 2.31
N GLY B 246 14.03 9.38 3.29
CA GLY B 246 14.45 8.87 4.60
C GLY B 246 14.97 7.43 4.67
N GLY B 247 15.48 7.05 5.84
CA GLY B 247 15.59 5.65 6.23
C GLY B 247 14.66 5.49 7.42
N ILE B 248 13.79 4.49 7.38
CA ILE B 248 12.62 4.46 8.30
C ILE B 248 12.61 3.27 9.24
N GLY B 249 12.38 3.50 10.51
CA GLY B 249 12.03 2.39 11.41
C GLY B 249 10.56 2.43 11.76
N VAL B 250 9.92 1.27 11.95
CA VAL B 250 8.49 1.29 12.27
C VAL B 250 8.15 0.33 13.39
N ALA B 251 7.54 0.90 14.41
CA ALA B 251 7.02 0.18 15.53
C ALA B 251 5.66 -0.34 15.10
N VAL B 252 5.44 -1.64 15.29
CA VAL B 252 4.31 -2.29 14.66
C VAL B 252 3.49 -3.17 15.62
N SER B 253 4.00 -3.26 16.85
CA SER B 253 3.50 -4.18 17.88
C SER B 253 2.07 -3.96 18.42
N CYS B 254 1.33 -2.99 17.87
CA CYS B 254 -0.01 -2.73 18.37
C CYS B 254 -1.13 -3.19 17.43
N ILE B 255 -0.76 -3.92 16.40
CA ILE B 255 -1.74 -4.38 15.44
C ILE B 255 -2.31 -5.74 15.85
N ARG B 256 -3.63 -5.81 15.98
CA ARG B 256 -4.33 -7.07 16.27
C ARG B 256 -3.67 -8.25 15.59
N ALA B 257 -3.53 -9.35 16.30
CA ALA B 257 -3.00 -10.59 15.71
C ALA B 257 -4.00 -11.36 14.81
N THR B 258 -3.45 -12.25 13.97
CA THR B 258 -4.20 -13.20 13.14
C THR B 258 -5.37 -13.82 13.86
N GLY B 259 -6.58 -13.36 13.58
CA GLY B 259 -7.74 -14.01 14.17
C GLY B 259 -8.48 -13.19 15.20
N SER B 260 -7.81 -12.21 15.80
CA SER B 260 -8.48 -11.25 16.66
C SER B 260 -9.77 -10.76 16.02
N TYR B 261 -10.86 -10.76 16.80
CA TYR B 261 -12.14 -10.29 16.31
C TYR B 261 -12.10 -8.80 15.87
N ILE B 262 -12.86 -8.47 14.83
CA ILE B 262 -13.12 -7.07 14.47
C ILE B 262 -14.56 -6.68 14.83
N ALA B 263 -14.74 -6.24 16.08
CA ALA B 263 -16.07 -5.97 16.67
C ALA B 263 -17.06 -5.30 15.70
N GLY B 264 -16.68 -4.16 15.14
CA GLY B 264 -17.48 -3.41 14.18
C GLY B 264 -17.98 -4.22 12.99
N THR B 265 -17.08 -4.90 12.28
CA THR B 265 -17.48 -5.58 11.01
C THR B 265 -17.37 -7.10 11.03
N ASN B 266 -17.88 -7.70 12.10
CA ASN B 266 -18.21 -9.11 12.11
C ASN B 266 -17.07 -10.14 11.93
N GLY B 267 -16.27 -10.04 10.87
CA GLY B 267 -15.20 -11.03 10.60
C GLY B 267 -13.96 -10.89 11.48
N ASN B 268 -12.87 -11.54 11.07
CA ASN B 268 -11.59 -11.51 11.82
C ASN B 268 -10.51 -10.62 11.24
N SER B 269 -9.43 -10.45 11.99
CA SER B 269 -8.24 -9.74 11.49
C SER B 269 -7.37 -10.72 10.71
N ASN B 270 -6.76 -10.21 9.64
CA ASN B 270 -5.86 -11.01 8.79
C ASN B 270 -4.50 -11.21 9.42
N GLY B 271 -4.01 -10.15 10.02
CA GLY B 271 -2.78 -10.25 10.75
C GLY B 271 -1.74 -9.31 10.21
N LEU B 272 -0.58 -9.38 10.85
CA LEU B 272 0.55 -8.53 10.55
C LEU B 272 1.03 -8.84 9.16
N VAL B 273 1.06 -10.13 8.84
CA VAL B 273 1.74 -10.55 7.62
C VAL B 273 1.10 -9.93 6.39
N PRO B 274 -0.23 -10.05 6.21
CA PRO B 274 -0.84 -9.38 5.05
C PRO B 274 -0.54 -7.88 5.06
N MET B 275 -0.57 -7.28 6.24
CA MET B 275 -0.39 -5.85 6.35
C MET B 275 1.02 -5.41 5.97
N LEU B 276 2.00 -6.24 6.30
CA LEU B 276 3.36 -5.96 5.90
C LEU B 276 3.49 -6.06 4.39
N ARG B 277 2.70 -6.92 3.76
CA ARG B 277 2.74 -7.04 2.31
C ARG B 277 2.47 -5.70 1.75
N VAL B 278 1.75 -4.87 2.51
CA VAL B 278 1.37 -3.54 2.00
C VAL B 278 2.55 -2.57 2.08
N TYR B 279 3.21 -2.62 3.22
CA TYR B 279 4.37 -1.81 3.50
C TYR B 279 5.54 -2.15 2.57
N ASN B 280 5.84 -3.44 2.48
CA ASN B 280 6.82 -4.00 1.54
C ASN B 280 6.51 -3.49 0.16
N ASN B 281 5.23 -3.38 -0.16
CA ASN B 281 4.83 -3.01 -1.48
C ASN B 281 4.96 -1.52 -1.74
N THR B 282 4.78 -0.75 -0.68
CA THR B 282 4.92 0.66 -0.76
C THR B 282 6.40 0.93 -0.78
N ALA B 283 7.15 0.19 0.01
CA ALA B 283 8.61 0.32 0.01
C ALA B 283 9.19 0.07 -1.37
N ARG B 284 8.72 -0.98 -2.04
CA ARG B 284 9.09 -1.24 -3.42
C ARG B 284 8.74 0.00 -4.26
N TYR B 285 7.46 0.37 -4.25
CA TYR B 285 6.97 1.39 -5.15
C TYR B 285 7.68 2.74 -5.12
N VAL B 286 7.79 3.37 -3.96
CA VAL B 286 8.35 4.71 -3.95
C VAL B 286 9.81 4.67 -3.55
N ASP B 287 10.66 4.95 -4.53
CA ASP B 287 12.13 4.80 -4.43
C ASP B 287 12.90 6.00 -5.06
N GLN B 288 12.62 7.22 -4.55
CA GLN B 288 13.06 8.48 -5.20
C GLN B 288 12.78 8.55 -6.73
N GLY B 289 12.76 7.41 -7.42
CA GLY B 289 12.46 7.34 -8.85
C GLY B 289 13.60 6.76 -9.67
N GLY B 295 16.68 4.30 0.97
CA GLY B 295 16.99 3.05 1.65
C GLY B 295 15.82 2.05 1.61
N ALA B 296 15.37 1.61 2.81
CA ALA B 296 14.20 0.73 2.99
C ALA B 296 13.49 0.94 4.36
N PHE B 297 12.77 -0.07 4.84
CA PHE B 297 12.01 0.00 6.10
C PHE B 297 12.46 -0.99 7.18
N ALA B 298 12.34 -0.62 8.46
CA ALA B 298 12.73 -1.54 9.49
C ALA B 298 11.54 -1.67 10.42
N ILE B 299 11.15 -2.91 10.66
CA ILE B 299 9.88 -3.17 11.29
C ILE B 299 10.10 -3.85 12.63
N TYR B 300 9.67 -3.21 13.70
CA TYR B 300 10.03 -3.69 15.03
C TYR B 300 8.85 -4.36 15.68
N LEU B 301 9.07 -5.59 16.11
CA LEU B 301 8.09 -6.35 16.85
C LEU B 301 8.62 -6.73 18.23
N GLU B 302 7.70 -6.90 19.19
CA GLU B 302 8.03 -7.39 20.51
C GLU B 302 7.58 -8.85 20.68
N PRO B 303 8.48 -9.72 21.14
CA PRO B 303 8.35 -11.17 21.34
C PRO B 303 7.03 -11.80 21.90
N TRP B 304 6.14 -10.99 22.50
CA TRP B 304 4.90 -11.50 23.10
C TRP B 304 3.81 -11.48 22.04
N HIS B 305 4.08 -10.82 20.92
CA HIS B 305 3.05 -10.71 19.94
C HIS B 305 2.78 -12.05 19.28
N LEU B 306 1.52 -12.47 19.37
CA LEU B 306 1.04 -13.73 18.78
C LEU B 306 1.47 -13.96 17.32
N ASP B 307 1.58 -12.89 16.53
CA ASP B 307 2.01 -13.03 15.16
C ASP B 307 3.53 -13.09 14.99
N ILE B 308 4.28 -13.18 16.10
CA ILE B 308 5.75 -13.27 16.06
C ILE B 308 6.33 -14.33 15.11
N PHE B 309 5.80 -15.56 15.14
CA PHE B 309 6.36 -16.62 14.30
C PHE B 309 6.18 -16.39 12.79
N GLU B 310 4.99 -15.95 12.41
CA GLU B 310 4.70 -15.60 11.06
C GLU B 310 5.79 -14.64 10.63
N PHE B 311 5.90 -13.55 11.38
CA PHE B 311 6.98 -12.58 11.25
C PHE B 311 8.35 -13.22 10.99
N LEU B 312 8.71 -14.19 11.83
CA LEU B 312 10.02 -14.80 11.73
C LEU B 312 10.16 -15.69 10.51
N ASP B 313 9.27 -16.70 10.39
CA ASP B 313 9.04 -17.54 9.19
C ASP B 313 9.40 -16.84 7.92
N LEU B 314 8.95 -15.60 7.85
CA LEU B 314 8.81 -14.80 6.66
C LEU B 314 10.05 -14.63 5.81
N LYS B 315 11.01 -13.87 6.32
CA LYS B 315 12.19 -13.51 5.54
C LYS B 315 12.99 -14.80 5.38
N LYS B 316 13.01 -15.58 6.45
CA LYS B 316 13.62 -16.92 6.50
C LYS B 316 13.24 -17.86 5.31
N ASN B 317 13.90 -17.61 4.19
CA ASN B 317 13.66 -18.32 2.95
C ASN B 317 14.31 -19.71 2.93
N ARG B 324 10.42 -11.00 -3.12
CA ARG B 324 9.75 -9.76 -2.76
C ARG B 324 8.75 -9.95 -1.61
N ALA B 325 9.06 -10.91 -0.73
CA ALA B 325 8.57 -10.98 0.67
C ALA B 325 9.39 -9.98 1.54
N ARG B 326 10.49 -9.51 0.97
CA ARG B 326 11.51 -8.82 1.71
C ARG B 326 11.91 -7.58 0.94
N ASP B 327 12.26 -6.55 1.70
CA ASP B 327 12.43 -5.18 1.26
C ASP B 327 12.05 -4.42 2.53
N LEU B 328 11.69 -5.20 3.52
CA LEU B 328 11.55 -4.72 4.85
C LEU B 328 12.61 -5.47 5.61
N PHE B 329 13.24 -4.83 6.57
CA PHE B 329 14.16 -5.54 7.39
C PHE B 329 13.50 -5.64 8.72
N PHE B 330 13.71 -6.79 9.34
CA PHE B 330 13.03 -7.14 10.57
C PHE B 330 13.95 -6.98 11.76
N ALA B 331 13.43 -6.37 12.81
CA ALA B 331 14.16 -6.22 14.08
C ALA B 331 13.23 -6.50 15.26
N LEU B 332 13.81 -6.91 16.38
CA LEU B 332 13.07 -7.21 17.58
C LEU B 332 13.35 -6.21 18.71
N TRP B 333 12.27 -5.78 19.38
CA TRP B 333 12.31 -4.89 20.53
C TRP B 333 12.15 -5.75 21.80
N ILE B 334 13.27 -6.20 22.36
CA ILE B 334 13.24 -7.32 23.32
C ILE B 334 13.10 -6.95 24.81
N PRO B 335 12.04 -7.46 25.47
CA PRO B 335 11.95 -7.14 26.90
C PRO B 335 12.93 -7.99 27.69
N ASP B 336 13.40 -7.46 28.81
CA ASP B 336 14.25 -8.21 29.72
C ASP B 336 13.58 -9.56 30.00
N LEU B 337 12.34 -9.51 30.46
CA LEU B 337 11.61 -10.72 30.83
C LEU B 337 11.88 -11.88 29.89
N PHE B 338 11.77 -11.64 28.58
CA PHE B 338 11.98 -12.69 27.59
C PHE B 338 13.30 -13.40 27.72
N MET B 339 14.40 -12.66 27.75
CA MET B 339 15.66 -13.35 27.92
C MET B 339 15.64 -14.22 29.21
N LYS B 340 15.31 -13.59 30.35
CA LYS B 340 15.24 -14.25 31.65
C LYS B 340 14.37 -15.52 31.61
N ARG B 341 13.32 -15.52 30.79
CA ARG B 341 12.53 -16.74 30.48
C ARG B 341 13.34 -17.74 29.65
N VAL B 342 13.98 -17.22 28.59
CA VAL B 342 14.79 -18.00 27.67
C VAL B 342 15.95 -18.70 28.37
N GLU B 343 16.63 -18.01 29.29
CA GLU B 343 17.75 -18.66 30.00
C GLU B 343 17.35 -19.69 31.03
N THR B 344 16.21 -19.46 31.67
CA THR B 344 15.74 -20.31 32.75
C THR B 344 14.70 -21.30 32.28
N ASN B 345 14.58 -21.44 30.96
CA ASN B 345 13.80 -22.51 30.34
C ASN B 345 12.32 -22.51 30.77
N GLN B 346 11.68 -21.35 30.70
CA GLN B 346 10.34 -21.19 31.25
C GLN B 346 9.27 -21.22 30.18
N ASP B 347 8.21 -20.44 30.40
CA ASP B 347 7.09 -20.34 29.46
C ASP B 347 6.88 -18.95 28.91
N TRP B 348 6.39 -18.89 27.70
CA TRP B 348 6.20 -17.60 27.08
C TRP B 348 4.80 -17.49 26.54
N SER B 349 4.10 -16.46 26.98
CA SER B 349 2.74 -16.25 26.57
C SER B 349 2.68 -15.28 25.40
N LEU B 350 1.90 -15.66 24.41
CA LEU B 350 1.69 -14.82 23.25
C LEU B 350 0.34 -14.12 23.35
N MET B 351 0.33 -12.84 22.99
CA MET B 351 -0.82 -12.02 23.25
C MET B 351 -1.18 -11.19 22.03
N CYS B 352 -2.49 -11.07 21.80
CA CYS B 352 -3.02 -10.10 20.86
C CYS B 352 -3.22 -8.79 21.59
N PRO B 353 -2.55 -7.73 21.12
CA PRO B 353 -2.56 -6.44 21.80
C PRO B 353 -3.93 -5.79 21.91
N ASN B 354 -4.85 -6.14 21.01
CA ASN B 354 -6.19 -5.60 21.14
C ASN B 354 -6.80 -6.06 22.46
N GLU B 355 -6.49 -7.31 22.80
CA GLU B 355 -6.97 -7.94 24.02
C GLU B 355 -6.12 -7.61 25.25
N CYS B 356 -4.80 -7.55 25.07
CA CYS B 356 -3.92 -7.13 26.15
C CYS B 356 -3.29 -5.75 25.86
N PRO B 357 -4.10 -4.68 26.03
CA PRO B 357 -3.69 -3.34 25.61
C PRO B 357 -2.51 -2.80 26.39
N GLY B 358 -1.69 -2.00 25.72
CA GLY B 358 -0.70 -1.16 26.38
C GLY B 358 0.66 -1.77 26.69
N LEU B 359 0.88 -3.02 26.29
CA LEU B 359 2.15 -3.75 26.55
C LEU B 359 3.43 -3.04 26.08
N ASP B 360 3.31 -2.25 25.02
CA ASP B 360 4.45 -1.58 24.39
C ASP B 360 4.60 -0.14 24.90
N GLU B 361 3.57 0.35 25.58
CA GLU B 361 3.59 1.67 26.24
C GLU B 361 4.14 1.67 27.68
N VAL B 362 4.89 0.64 28.02
CA VAL B 362 5.36 0.44 29.36
C VAL B 362 6.66 -0.33 29.21
N TRP B 363 7.56 -0.21 30.18
CA TRP B 363 8.76 -1.00 30.12
C TRP B 363 9.25 -1.59 31.47
N GLY B 364 10.06 -2.63 31.29
CA GLY B 364 10.78 -3.35 32.32
C GLY B 364 9.89 -3.79 33.41
N GLU B 365 10.14 -3.14 34.52
CA GLU B 365 9.58 -3.45 35.83
C GLU B 365 8.05 -3.34 35.79
N GLU B 366 7.57 -2.31 35.09
CA GLU B 366 6.14 -2.06 34.92
C GLU B 366 5.52 -2.94 33.84
N PHE B 367 6.33 -3.27 32.83
CA PHE B 367 5.95 -4.22 31.79
C PHE B 367 5.66 -5.59 32.38
N GLU B 368 6.62 -6.12 33.13
CA GLU B 368 6.48 -7.44 33.71
C GLU B 368 5.23 -7.50 34.57
N LYS B 369 5.13 -6.63 35.59
CA LYS B 369 3.89 -6.53 36.36
C LYS B 369 2.64 -6.63 35.46
N LEU B 370 2.59 -5.81 34.40
CA LEU B 370 1.41 -5.76 33.54
C LEU B 370 1.13 -7.09 32.82
N TYR B 371 2.19 -7.62 32.21
CA TYR B 371 2.18 -8.91 31.49
C TYR B 371 1.71 -10.09 32.35
N ALA B 372 2.03 -10.02 33.63
CA ALA B 372 1.64 -11.03 34.59
C ALA B 372 0.16 -10.86 34.96
N SER B 373 -0.28 -9.60 35.00
CA SER B 373 -1.67 -9.28 35.24
C SER B 373 -2.49 -9.86 34.11
N TYR B 374 -2.01 -9.75 32.86
CA TYR B 374 -2.71 -10.37 31.75
C TYR B 374 -2.64 -11.87 31.88
N GLU B 375 -1.43 -12.37 32.19
CA GLU B 375 -1.18 -13.82 32.33
C GLU B 375 -2.10 -14.49 33.37
N LYS B 376 -2.15 -13.96 34.59
CA LYS B 376 -3.01 -14.56 35.62
C LYS B 376 -4.48 -14.53 35.23
N GLN B 377 -4.91 -13.43 34.60
CA GLN B 377 -6.29 -13.29 34.06
C GLN B 377 -6.73 -14.34 33.02
N GLY B 378 -5.78 -14.82 32.20
CA GLY B 378 -6.07 -15.78 31.13
C GLY B 378 -6.27 -15.09 29.79
N ARG B 379 -5.83 -13.84 29.72
CA ARG B 379 -5.73 -13.08 28.48
C ARG B 379 -4.41 -13.41 27.73
N VAL B 380 -4.12 -14.72 27.60
CA VAL B 380 -3.07 -15.25 26.71
C VAL B 380 -3.76 -15.92 25.53
N ARG B 381 -3.11 -15.91 24.35
CA ARG B 381 -3.77 -16.48 23.16
C ARG B 381 -3.20 -17.82 22.65
N LYS B 382 -1.95 -18.10 23.03
CA LYS B 382 -1.26 -19.38 22.86
C LYS B 382 -0.13 -19.32 23.87
N VAL B 383 0.59 -20.43 24.05
CA VAL B 383 1.66 -20.45 25.04
C VAL B 383 2.73 -21.47 24.67
N VAL B 384 3.89 -20.97 24.20
CA VAL B 384 5.05 -21.80 23.85
C VAL B 384 6.05 -21.76 24.97
N LYS B 385 6.92 -22.78 25.05
CA LYS B 385 8.03 -22.70 25.99
C LYS B 385 8.97 -21.66 25.40
N ALA B 386 9.48 -20.73 26.20
CA ALA B 386 10.26 -19.59 25.67
C ALA B 386 11.38 -19.98 24.66
N GLN B 387 11.94 -21.18 24.87
CA GLN B 387 13.11 -21.58 24.12
C GLN B 387 12.73 -21.91 22.70
N GLN B 388 11.48 -22.25 22.50
CA GLN B 388 10.97 -22.52 21.18
C GLN B 388 11.15 -21.27 20.33
N LEU B 389 10.85 -20.11 20.92
CA LEU B 389 10.98 -18.84 20.22
C LEU B 389 12.44 -18.52 19.93
N TRP B 390 13.26 -18.43 20.96
CA TRP B 390 14.71 -18.32 20.76
C TRP B 390 15.23 -19.11 19.56
N TYR B 391 14.81 -20.38 19.45
CA TYR B 391 15.27 -21.33 18.44
C TYR B 391 14.77 -20.92 17.07
N ALA B 392 13.67 -20.16 17.04
CA ALA B 392 13.15 -19.62 15.81
C ALA B 392 13.96 -18.38 15.48
N ILE B 393 14.27 -17.59 16.51
CA ILE B 393 15.01 -16.33 16.31
C ILE B 393 16.40 -16.52 15.72
N ILE B 394 17.07 -17.59 16.14
CA ILE B 394 18.42 -17.78 15.68
C ILE B 394 18.43 -18.52 14.33
N GLU B 395 17.41 -19.35 14.07
CA GLU B 395 17.33 -20.07 12.77
C GLU B 395 17.17 -18.99 11.74
N SER B 396 16.37 -18.00 12.11
CA SER B 396 16.07 -16.91 11.22
C SER B 396 17.35 -16.17 10.96
N GLN B 397 18.13 -15.94 12.01
CA GLN B 397 19.40 -15.23 11.88
C GLN B 397 20.35 -16.02 11.00
N THR B 398 20.47 -17.33 11.29
CA THR B 398 21.36 -18.26 10.55
C THR B 398 21.08 -18.24 9.07
N GLU B 399 19.80 -18.14 8.75
CA GLU B 399 19.31 -18.03 7.39
C GLU B 399 19.53 -16.67 6.73
N THR B 400 19.13 -15.59 7.39
CA THR B 400 19.10 -14.32 6.70
C THR B 400 19.83 -13.18 7.41
N GLY B 401 20.34 -13.40 8.61
CA GLY B 401 21.21 -12.40 9.27
C GLY B 401 20.38 -11.30 9.88
N THR B 402 19.08 -11.55 9.92
CA THR B 402 18.13 -10.73 10.62
C THR B 402 17.29 -11.74 11.38
N PRO B 403 16.62 -11.33 12.48
CA PRO B 403 16.30 -9.98 12.96
C PRO B 403 17.38 -9.32 13.78
N TYR B 404 17.35 -7.99 13.74
CA TYR B 404 18.26 -7.19 14.51
C TYR B 404 17.83 -7.41 15.95
N MET B 405 18.68 -7.04 16.90
CA MET B 405 18.46 -7.41 18.28
C MET B 405 18.58 -6.23 19.24
N LEU B 406 17.45 -5.63 19.57
CA LEU B 406 17.42 -4.48 20.47
C LEU B 406 16.74 -4.81 21.78
N TYR B 407 17.27 -4.26 22.86
CA TYR B 407 16.73 -4.55 24.20
C TYR B 407 15.91 -3.38 24.72
N LYS B 408 14.60 -3.52 24.57
CA LYS B 408 13.61 -2.54 25.01
C LYS B 408 13.96 -1.84 26.32
N ASP B 409 14.02 -2.58 27.42
CA ASP B 409 14.17 -1.95 28.73
C ASP B 409 15.57 -1.41 28.97
N SER B 410 16.52 -1.91 28.20
CA SER B 410 17.86 -1.37 28.16
C SER B 410 17.87 -0.03 27.39
N CYS B 411 17.03 0.07 26.35
CA CYS B 411 16.88 1.32 25.63
C CYS B 411 16.14 2.39 26.40
N ASN B 412 15.18 1.94 27.23
CA ASN B 412 14.32 2.84 27.99
C ASN B 412 14.86 3.30 29.36
N ARG B 413 15.53 2.42 30.09
CA ARG B 413 16.10 2.78 31.39
C ARG B 413 17.32 3.69 31.23
N LYS B 414 17.90 3.72 30.03
CA LYS B 414 19.11 4.46 29.83
C LYS B 414 18.93 5.58 28.82
N SER B 415 17.71 6.06 28.65
CA SER B 415 17.38 7.17 27.72
C SER B 415 17.02 8.47 28.40
N ASN B 416 17.72 9.52 28.02
CA ASN B 416 17.45 10.82 28.53
C ASN B 416 16.09 11.30 28.09
N GLN B 417 15.56 10.70 27.02
CA GLN B 417 14.18 10.96 26.61
C GLN B 417 13.15 10.20 27.45
N GLN B 418 13.57 9.69 28.60
CA GLN B 418 12.80 8.74 29.44
C GLN B 418 11.43 9.27 29.91
N ASN B 419 11.34 10.60 29.95
CA ASN B 419 10.25 11.40 30.52
C ASN B 419 9.05 11.62 29.63
N LEU B 420 9.21 11.39 28.34
CA LEU B 420 8.10 11.52 27.41
C LEU B 420 7.30 10.19 27.34
N GLY B 421 7.82 9.16 28.03
CA GLY B 421 7.18 7.85 28.12
C GLY B 421 8.01 6.74 27.46
N THR B 422 7.40 5.57 27.28
CA THR B 422 8.14 4.42 26.73
C THR B 422 8.54 4.71 25.30
N ILE B 423 9.77 4.36 24.95
CA ILE B 423 10.21 4.33 23.56
C ILE B 423 9.88 2.97 22.96
N LYS B 424 9.07 3.03 21.89
CA LYS B 424 8.53 1.90 21.14
C LYS B 424 9.44 1.23 20.08
N CYS B 425 10.41 1.94 19.53
CA CYS B 425 11.30 1.31 18.54
C CYS B 425 12.63 2.07 18.26
N SER B 426 13.42 1.57 17.31
CA SER B 426 14.62 2.28 16.82
C SER B 426 14.50 2.59 15.33
N ASN B 427 15.60 2.99 14.71
CA ASN B 427 15.50 3.46 13.35
C ASN B 427 15.92 2.39 12.40
N LEU B 428 16.20 2.77 11.16
CA LEU B 428 16.49 1.83 10.12
C LEU B 428 17.76 1.11 10.48
N CYS B 429 18.72 1.82 11.07
CA CYS B 429 20.03 1.24 11.35
C CYS B 429 20.33 1.02 12.83
N THR B 430 19.32 1.00 13.68
CA THR B 430 19.47 0.61 15.09
C THR B 430 20.28 1.51 16.03
N GLU B 431 20.77 2.65 15.57
CA GLU B 431 21.50 3.54 16.52
C GLU B 431 20.56 4.50 17.27
N ILE B 432 19.50 4.93 16.58
CA ILE B 432 18.57 5.96 17.07
C ILE B 432 17.50 5.46 18.09
N VAL B 433 17.54 6.02 19.29
CA VAL B 433 16.64 5.65 20.35
C VAL B 433 15.84 6.89 20.74
N GLU B 434 14.81 7.16 19.95
CA GLU B 434 13.99 8.30 20.21
C GLU B 434 12.50 7.91 20.43
N TYR B 435 11.82 8.74 21.22
CA TYR B 435 10.38 8.65 21.42
C TYR B 435 9.57 9.02 20.17
N THR B 436 8.52 8.26 19.91
CA THR B 436 7.56 8.50 18.83
C THR B 436 6.17 8.25 19.40
N SER B 437 5.14 8.85 18.79
CA SER B 437 3.79 8.61 19.20
C SER B 437 2.90 9.07 18.09
N LYS B 438 1.60 8.84 18.24
CA LYS B 438 0.56 9.40 17.36
C LYS B 438 0.93 10.79 16.82
N ASP B 439 1.31 11.65 17.75
CA ASP B 439 1.56 13.06 17.51
C ASP B 439 2.97 13.38 16.98
N GLU B 440 3.85 12.39 16.99
CA GLU B 440 5.27 12.64 16.77
C GLU B 440 6.03 11.56 16.01
N VAL B 441 6.71 11.98 14.96
CA VAL B 441 7.69 11.14 14.30
C VAL B 441 9.04 11.75 14.60
N ALA B 442 9.95 10.91 15.06
CA ALA B 442 11.22 11.36 15.54
C ALA B 442 12.20 11.35 14.39
N VAL B 443 12.88 12.48 14.18
CA VAL B 443 13.88 12.61 13.14
C VAL B 443 15.25 12.54 13.79
N CYS B 444 16.31 12.43 13.00
CA CYS B 444 17.68 12.71 13.46
C CYS B 444 18.67 13.14 12.38
N ASN B 445 19.60 14.00 12.78
CA ASN B 445 20.63 14.51 11.90
C ASN B 445 21.94 13.95 12.38
N LEU B 446 22.80 13.58 11.44
CA LEU B 446 24.00 12.79 11.71
C LEU B 446 25.32 13.39 11.16
N ALA B 447 26.41 13.04 11.83
CA ALA B 447 27.75 13.39 11.39
C ALA B 447 28.73 12.40 11.98
N SER B 448 29.90 12.35 11.34
CA SER B 448 30.95 11.46 11.80
C SER B 448 32.21 12.26 11.96
N LEU B 449 32.75 12.20 13.19
CA LEU B 449 34.10 12.63 13.54
C LEU B 449 35.04 11.58 13.02
N ALA B 450 36.02 11.95 12.18
CA ALA B 450 36.95 10.94 11.63
C ALA B 450 38.19 10.82 12.53
N LEU B 451 38.36 9.63 13.09
CA LEU B 451 39.11 9.47 14.35
C LEU B 451 40.59 9.24 14.17
N ASN B 452 41.01 9.05 12.93
CA ASN B 452 42.41 8.86 12.66
C ASN B 452 43.16 10.18 12.62
N MET B 453 42.44 11.28 12.36
CA MET B 453 43.00 12.62 12.36
C MET B 453 43.60 13.09 13.70
N TYR B 454 43.25 12.44 14.81
CA TYR B 454 43.51 13.01 16.13
C TYR B 454 44.70 12.40 16.81
N VAL B 455 45.31 11.44 16.13
CA VAL B 455 46.57 10.86 16.58
C VAL B 455 47.66 11.59 15.84
N THR B 456 48.70 11.99 16.56
CA THR B 456 49.77 12.87 16.05
C THR B 456 50.96 12.15 15.36
N SER B 457 52.00 12.91 15.06
CA SER B 457 53.21 12.35 14.48
C SER B 457 54.01 11.82 15.66
N GLU B 458 53.84 12.49 16.81
CA GLU B 458 54.41 12.04 18.08
C GLU B 458 53.63 10.84 18.67
N HIS B 459 52.77 10.22 17.86
CA HIS B 459 52.11 8.95 18.21
C HIS B 459 51.36 8.95 19.56
N THR B 460 50.56 9.99 19.79
CA THR B 460 49.73 10.11 21.01
C THR B 460 48.42 10.80 20.67
N TYR B 461 47.34 10.43 21.35
CA TYR B 461 46.00 10.89 20.97
C TYR B 461 45.63 12.29 21.49
N ASP B 462 45.22 13.19 20.57
CA ASP B 462 44.94 14.63 20.84
C ASP B 462 43.47 14.91 21.20
N PHE B 463 43.10 14.38 22.36
CA PHE B 463 41.75 14.45 22.87
C PHE B 463 41.22 15.88 22.90
N LYS B 464 42.09 16.84 23.23
CA LYS B 464 41.65 18.23 23.33
C LYS B 464 41.02 18.67 22.03
N LYS B 465 41.71 18.44 20.91
CA LYS B 465 41.22 18.82 19.57
C LYS B 465 39.92 18.12 19.27
N LEU B 466 39.86 16.83 19.60
CA LEU B 466 38.63 16.07 19.47
C LEU B 466 37.42 16.78 20.13
N ALA B 467 37.53 17.00 21.43
CA ALA B 467 36.58 17.77 22.17
C ALA B 467 36.26 19.16 21.55
N GLU B 468 37.21 19.79 20.88
CA GLU B 468 36.92 21.08 20.27
C GLU B 468 36.13 20.95 18.97
N VAL B 469 36.51 19.97 18.14
CA VAL B 469 35.79 19.75 16.88
C VAL B 469 34.36 19.39 17.20
N THR B 470 34.20 18.47 18.18
CA THR B 470 32.88 17.97 18.54
C THR B 470 31.97 19.14 18.77
N LYS B 471 32.46 20.09 19.55
CA LYS B 471 31.73 21.32 19.82
C LYS B 471 31.21 21.99 18.53
N VAL B 472 32.08 22.13 17.52
CA VAL B 472 31.65 22.72 16.26
C VAL B 472 30.55 21.92 15.63
N VAL B 473 30.57 20.60 15.82
CA VAL B 473 29.69 19.75 15.04
C VAL B 473 28.32 19.90 15.68
N VAL B 474 28.28 19.81 17.01
CA VAL B 474 27.07 20.04 17.82
C VAL B 474 26.32 21.28 17.34
N ARG B 475 27.07 22.35 17.12
CA ARG B 475 26.45 23.57 16.70
C ARG B 475 25.90 23.48 15.28
N ASN B 476 26.63 22.78 14.40
CA ASN B 476 26.18 22.59 13.04
C ASN B 476 24.93 21.74 13.04
N LEU B 477 24.94 20.70 13.85
CA LEU B 477 23.81 19.79 13.90
C LEU B 477 22.55 20.51 14.34
N ASN B 478 22.67 21.27 15.42
CA ASN B 478 21.57 22.03 15.96
C ASN B 478 20.92 22.99 14.97
N LYS B 479 21.72 23.88 14.38
CA LYS B 479 21.28 24.71 13.25
C LYS B 479 20.59 23.96 12.11
N ILE B 480 20.89 22.68 11.91
CA ILE B 480 20.22 21.94 10.85
C ILE B 480 18.77 21.63 11.21
N ILE B 481 18.51 21.34 12.45
CA ILE B 481 17.17 21.10 12.88
C ILE B 481 16.28 22.25 12.52
N ASP B 482 16.80 23.44 12.63
CA ASP B 482 15.99 24.62 12.53
C ASP B 482 15.73 25.02 11.09
N ILE B 483 16.45 24.44 10.16
CA ILE B 483 16.25 24.82 8.78
C ILE B 483 15.84 23.62 7.97
N ASN B 484 16.16 22.46 8.47
CA ASN B 484 15.77 21.21 7.81
C ASN B 484 14.38 21.26 7.20
N TYR B 485 14.10 20.39 6.24
CA TYR B 485 12.80 20.36 5.59
C TYR B 485 12.01 19.12 5.97
N TYR B 486 10.91 19.28 6.69
CA TYR B 486 10.27 18.10 7.18
C TYR B 486 9.18 17.70 6.21
N PRO B 487 9.12 16.41 5.82
CA PRO B 487 8.12 15.80 4.94
C PRO B 487 6.73 15.65 5.52
N VAL B 488 6.63 15.53 6.85
CA VAL B 488 5.37 15.47 7.60
C VAL B 488 5.48 16.43 8.78
N PRO B 489 4.38 17.09 9.16
CA PRO B 489 4.45 18.03 10.29
C PRO B 489 4.96 17.39 11.59
N GLU B 490 4.68 16.10 11.81
CA GLU B 490 4.97 15.48 13.10
C GLU B 490 6.45 15.36 13.40
N ALA B 491 7.25 15.35 12.33
CA ALA B 491 8.70 15.25 12.46
C ALA B 491 9.27 16.60 12.85
N CYS B 492 8.68 17.63 12.24
CA CYS B 492 9.03 19.00 12.52
C CYS B 492 8.65 19.25 13.97
N LEU B 493 7.56 18.59 14.38
CA LEU B 493 7.01 18.76 15.70
C LEU B 493 7.90 18.08 16.72
N SER B 494 8.31 16.84 16.46
CA SER B 494 9.19 16.13 17.38
C SER B 494 10.56 16.80 17.54
N ASN B 495 11.15 17.22 16.44
CA ASN B 495 12.48 17.82 16.51
C ASN B 495 12.65 19.16 17.25
N LYS B 496 11.69 20.09 17.14
CA LYS B 496 11.76 21.38 17.86
C LYS B 496 11.49 21.17 19.34
N ARG B 497 10.66 20.19 19.67
CA ARG B 497 10.45 19.84 21.06
C ARG B 497 11.70 19.30 21.74
N HIS B 498 12.33 18.28 21.15
CA HIS B 498 13.36 17.53 21.86
C HIS B 498 14.75 17.75 21.34
N ARG B 499 14.82 18.40 20.19
CA ARG B 499 16.05 18.78 19.53
C ARG B 499 17.20 17.77 19.64
N PRO B 500 16.99 16.52 19.19
CA PRO B 500 18.14 15.65 19.35
C PRO B 500 19.08 15.65 18.13
N ILE B 501 20.30 15.22 18.36
CA ILE B 501 21.23 15.19 17.27
C ILE B 501 22.08 13.95 17.42
N GLY B 502 22.52 13.39 16.31
CA GLY B 502 23.19 12.11 16.38
C GLY B 502 24.61 12.06 15.88
N ILE B 503 25.54 12.55 16.70
CA ILE B 503 26.98 12.45 16.44
C ILE B 503 27.53 11.03 16.51
N GLY B 504 28.38 10.72 15.53
CA GLY B 504 29.11 9.46 15.52
C GLY B 504 30.52 9.54 14.95
N VAL B 505 31.15 8.39 14.81
CA VAL B 505 32.50 8.41 14.40
C VAL B 505 32.66 7.45 13.27
N GLN B 506 33.74 7.63 12.50
CA GLN B 506 34.27 6.65 11.54
C GLN B 506 35.79 6.50 11.68
N GLY B 507 36.33 5.39 11.19
CA GLY B 507 37.77 5.12 11.23
C GLY B 507 38.42 4.90 12.59
N LEU B 508 37.72 4.21 13.49
CA LEU B 508 38.23 3.78 14.82
C LEU B 508 39.39 2.81 14.71
N ALA B 509 39.23 1.83 13.82
CA ALA B 509 40.31 0.88 13.49
C ALA B 509 41.51 1.62 12.93
N ASP B 510 41.28 2.73 12.26
CA ASP B 510 42.37 3.56 11.76
C ASP B 510 43.10 4.33 12.87
N ALA B 511 42.35 4.75 13.89
CA ALA B 511 42.96 5.40 15.06
C ALA B 511 43.79 4.41 15.90
N PHE B 512 43.32 3.16 16.00
CA PHE B 512 44.09 2.15 16.69
C PHE B 512 45.36 1.81 15.94
N ILE B 513 45.24 1.54 14.65
CA ILE B 513 46.37 1.13 13.85
C ILE B 513 47.49 2.16 13.90
N LEU B 514 47.12 3.43 13.87
CA LEU B 514 48.05 4.53 13.83
C LEU B 514 48.75 4.69 15.17
N MET B 515 48.02 4.46 16.24
CA MET B 515 48.58 4.44 17.59
C MET B 515 49.42 3.18 17.85
N ARG B 516 49.40 2.25 16.89
CA ARG B 516 50.15 1.03 16.99
C ARG B 516 49.57 0.21 18.09
N TYR B 517 48.25 0.28 18.28
CA TYR B 517 47.56 -0.50 19.29
C TYR B 517 46.67 -1.60 18.67
N PRO B 518 46.91 -2.87 18.96
CA PRO B 518 46.11 -3.93 18.31
C PRO B 518 44.65 -3.99 18.83
N PHE B 519 43.68 -4.29 17.98
CA PHE B 519 42.28 -3.95 18.35
C PHE B 519 41.85 -4.41 19.73
N GLU B 520 42.15 -5.64 20.10
CA GLU B 520 41.70 -6.22 21.37
C GLU B 520 42.68 -5.98 22.52
N SER B 521 43.63 -5.07 22.32
CA SER B 521 44.70 -4.89 23.29
C SER B 521 44.15 -4.13 24.45
N ALA B 522 44.85 -4.19 25.58
CA ALA B 522 44.53 -3.41 26.80
C ALA B 522 44.56 -1.88 26.63
N GLU B 523 45.51 -1.38 25.84
CA GLU B 523 45.62 0.05 25.44
C GLU B 523 44.57 0.52 24.42
N ALA B 524 44.16 -0.36 23.50
CA ALA B 524 43.03 -0.10 22.60
C ALA B 524 41.80 -0.05 23.45
N GLN B 525 41.61 -1.08 24.28
CA GLN B 525 40.53 -1.17 25.26
C GLN B 525 40.32 0.16 26.02
N LEU B 526 41.40 0.71 26.58
CA LEU B 526 41.34 1.99 27.29
C LEU B 526 41.16 3.24 26.39
N LEU B 527 41.94 3.32 25.31
CA LEU B 527 41.76 4.41 24.37
C LEU B 527 40.29 4.52 23.96
N ASN B 528 39.70 3.40 23.56
CA ASN B 528 38.26 3.31 23.34
C ASN B 528 37.43 4.06 24.42
N LYS B 529 37.55 3.65 25.68
CA LYS B 529 36.83 4.33 26.74
C LYS B 529 37.02 5.82 26.55
N GLN B 530 38.29 6.23 26.48
CA GLN B 530 38.67 7.63 26.58
C GLN B 530 38.23 8.47 25.39
N ILE B 531 38.38 7.94 24.17
CA ILE B 531 37.94 8.67 22.98
C ILE B 531 36.48 9.05 23.13
N PHE B 532 35.69 8.17 23.73
CA PHE B 532 34.24 8.37 23.80
C PHE B 532 33.84 9.16 25.01
N GLU B 533 34.57 9.00 26.11
CA GLU B 533 34.48 9.98 27.19
C GLU B 533 34.61 11.38 26.58
N THR B 534 35.73 11.60 25.89
CA THR B 534 36.02 12.91 25.30
C THR B 534 34.87 13.47 24.51
N ILE B 535 34.23 12.66 23.69
CA ILE B 535 33.24 13.18 22.78
C ILE B 535 31.99 13.59 23.55
N TYR B 536 31.48 12.68 24.38
CA TYR B 536 30.29 13.00 25.19
C TYR B 536 30.53 14.33 25.88
N TYR B 537 31.71 14.46 26.49
CA TYR B 537 32.15 15.69 27.12
C TYR B 537 31.97 16.90 26.19
N GLY B 538 32.83 17.03 25.19
CA GLY B 538 32.77 18.20 24.33
C GLY B 538 31.39 18.50 23.77
N ALA B 539 30.62 17.44 23.55
CA ALA B 539 29.29 17.62 23.01
C ALA B 539 28.50 18.32 24.11
N LEU B 540 28.59 17.78 25.31
CA LEU B 540 27.85 18.38 26.42
C LEU B 540 28.13 19.87 26.54
N GLU B 541 29.37 20.29 26.29
CA GLU B 541 29.66 21.71 26.29
C GLU B 541 28.85 22.48 25.24
N ALA B 542 29.12 22.20 23.98
CA ALA B 542 28.46 22.95 22.94
C ALA B 542 27.00 23.08 23.28
N SER B 543 26.40 21.99 23.73
CA SER B 543 24.97 21.93 23.95
C SER B 543 24.54 22.83 25.10
N CYS B 544 25.16 22.57 26.25
CA CYS B 544 25.09 23.45 27.40
C CYS B 544 25.26 24.92 27.01
N ASP B 545 26.27 25.19 26.19
CA ASP B 545 26.50 26.55 25.74
C ASP B 545 25.33 27.07 24.89
N LEU B 546 24.94 26.35 23.85
CA LEU B 546 23.79 26.77 23.05
C LEU B 546 22.59 27.05 23.96
N ALA B 547 22.50 26.26 25.03
CA ALA B 547 21.45 26.44 26.04
C ALA B 547 21.57 27.74 26.84
N LYS B 548 22.77 28.25 27.04
CA LYS B 548 22.94 29.57 27.66
C LYS B 548 22.49 30.64 26.69
N GLU B 549 22.69 30.41 25.40
CA GLU B 549 22.33 31.38 24.37
C GLU B 549 20.89 31.26 23.92
N GLN B 550 20.31 30.07 23.98
CA GLN B 550 19.01 29.87 23.37
C GLN B 550 17.92 29.31 24.28
N GLY B 551 18.26 29.02 25.52
CA GLY B 551 17.33 28.33 26.41
C GLY B 551 17.46 26.83 26.24
N PRO B 552 17.18 26.06 27.30
CA PRO B 552 17.25 24.61 27.05
C PRO B 552 16.10 24.21 26.10
N TYR B 553 16.12 22.98 25.59
CA TYR B 553 15.00 22.47 24.79
C TYR B 553 13.73 22.33 25.62
N GLU B 554 12.58 22.24 24.95
CA GLU B 554 11.27 22.35 25.61
C GLU B 554 10.91 21.25 26.56
N THR B 555 11.50 20.07 26.39
CA THR B 555 11.07 18.94 27.19
C THR B 555 12.12 18.54 28.18
N TYR B 556 13.08 19.43 28.37
CA TYR B 556 14.16 19.31 29.34
C TYR B 556 13.80 19.20 30.86
N GLU B 557 12.93 20.05 31.38
CA GLU B 557 12.64 19.95 32.80
C GLU B 557 11.87 18.65 33.11
N GLY B 558 12.56 17.70 33.73
CA GLY B 558 12.06 16.33 33.97
C GLY B 558 13.04 15.29 33.43
N SER B 559 13.91 15.71 32.52
CA SER B 559 14.94 14.85 31.90
C SER B 559 15.92 14.32 32.95
N PRO B 560 16.37 13.06 32.82
CA PRO B 560 17.47 12.54 33.63
C PRO B 560 18.60 13.55 33.82
N VAL B 561 18.99 14.22 32.73
CA VAL B 561 20.05 15.23 32.78
C VAL B 561 19.65 16.46 33.61
N SER B 562 18.38 16.87 33.59
CA SER B 562 17.95 17.95 34.47
C SER B 562 17.95 17.55 35.96
N LYS B 563 18.12 16.26 36.24
CA LYS B 563 18.30 15.75 37.60
C LYS B 563 19.80 15.48 37.94
N GLY B 564 20.68 15.83 37.02
CA GLY B 564 22.10 15.61 37.19
C GLY B 564 22.56 14.19 36.87
N ILE B 565 21.94 13.54 35.88
CA ILE B 565 22.25 12.13 35.58
C ILE B 565 22.68 12.06 34.16
N LEU B 566 23.98 11.84 33.96
CA LEU B 566 24.52 11.67 32.61
C LEU B 566 24.53 10.19 32.19
N GLN B 567 24.68 9.92 30.90
CA GLN B 567 24.55 8.55 30.42
C GLN B 567 25.30 7.58 31.33
N TYR B 568 26.59 7.83 31.52
CA TYR B 568 27.44 6.90 32.28
C TYR B 568 26.85 6.53 33.62
N ASP B 569 26.05 7.44 34.18
CA ASP B 569 25.34 7.24 35.44
C ASP B 569 24.28 6.12 35.45
N MET B 570 23.44 6.08 34.41
CA MET B 570 22.47 4.98 34.22
C MET B 570 23.19 3.61 34.05
N TRP B 571 24.45 3.67 33.63
CA TRP B 571 25.28 2.49 33.49
C TRP B 571 26.03 2.13 34.79
N ASN B 572 25.94 3.01 35.80
CA ASN B 572 26.76 2.92 37.01
C ASN B 572 28.24 2.64 36.68
N VAL B 573 28.74 3.45 35.75
CA VAL B 573 30.14 3.47 35.41
C VAL B 573 30.68 4.74 36.01
N THR B 574 31.99 4.77 36.27
CA THR B 574 32.69 5.98 36.66
C THR B 574 33.73 6.33 35.62
N PRO B 575 33.68 7.57 35.05
CA PRO B 575 34.67 7.88 34.01
C PRO B 575 36.10 7.95 34.56
N THR B 576 37.05 7.71 33.69
CA THR B 576 38.44 7.93 33.98
C THR B 576 38.59 9.38 34.45
N ASP B 577 39.81 9.77 34.81
CA ASP B 577 40.04 11.15 35.18
C ASP B 577 40.56 11.94 33.99
N LEU B 578 40.18 11.52 32.78
CA LEU B 578 40.53 12.34 31.62
C LEU B 578 39.87 13.70 31.69
N TRP B 579 38.56 13.75 31.89
CA TRP B 579 37.89 15.02 31.91
C TRP B 579 37.33 15.29 33.29
N ASP B 580 37.12 16.56 33.64
CA ASP B 580 36.54 16.83 34.93
C ASP B 580 35.04 16.96 34.83
N TRP B 581 34.37 15.94 35.35
CA TRP B 581 32.97 15.77 35.11
C TRP B 581 32.09 16.42 36.15
N LYS B 582 32.63 16.59 37.35
CA LYS B 582 31.92 17.27 38.40
C LYS B 582 31.72 18.72 37.97
N VAL B 583 32.79 19.33 37.44
CA VAL B 583 32.77 20.72 36.94
C VAL B 583 31.78 20.93 35.78
N LEU B 584 31.75 19.98 34.86
CA LEU B 584 30.76 20.00 33.79
C LEU B 584 29.30 19.93 34.29
N LYS B 585 28.99 19.04 35.23
CA LYS B 585 27.65 18.97 35.79
C LYS B 585 27.27 20.28 36.44
N GLU B 586 28.16 20.85 37.25
CA GLU B 586 27.91 22.19 37.82
C GLU B 586 27.43 23.15 36.73
N LYS B 587 28.16 23.20 35.62
CA LYS B 587 27.84 24.04 34.45
C LYS B 587 26.46 23.74 33.85
N ILE B 588 26.07 22.47 33.85
CA ILE B 588 24.76 22.05 33.35
C ILE B 588 23.64 22.32 34.32
N ALA B 589 23.97 22.32 35.60
CA ALA B 589 23.02 22.68 36.64
C ALA B 589 22.60 24.12 36.46
N LYS B 590 23.60 24.97 36.19
CA LYS B 590 23.44 26.41 36.01
C LYS B 590 22.64 26.80 34.74
N TYR B 591 22.87 26.12 33.60
CA TYR B 591 22.33 26.56 32.33
C TYR B 591 21.51 25.53 31.53
N GLY B 592 21.44 24.28 31.99
CA GLY B 592 20.84 23.19 31.20
C GLY B 592 21.51 22.88 29.87
N ILE B 593 20.81 22.16 28.99
CA ILE B 593 21.32 21.85 27.64
C ILE B 593 20.24 22.01 26.58
N ARG B 594 20.68 22.24 25.34
CA ARG B 594 19.82 22.44 24.18
C ARG B 594 19.23 21.15 23.57
N ASN B 595 19.93 20.02 23.65
CA ASN B 595 19.48 18.85 22.92
C ASN B 595 19.24 17.68 23.83
N SER B 596 18.16 16.96 23.60
CA SER B 596 17.82 15.80 24.44
C SER B 596 18.84 14.64 24.29
N LEU B 597 19.32 14.45 23.06
CA LEU B 597 20.36 13.45 22.77
C LEU B 597 21.43 14.00 21.77
N LEU B 598 22.65 13.46 21.91
CA LEU B 598 23.87 13.96 21.23
C LEU B 598 24.64 12.89 20.44
N ILE B 599 24.84 11.72 21.02
CA ILE B 599 25.79 10.75 20.48
C ILE B 599 25.10 9.53 19.89
N ALA B 600 25.43 9.19 18.64
CA ALA B 600 24.76 8.07 18.02
C ALA B 600 25.55 7.39 16.94
N PRO B 601 26.58 6.59 17.31
CA PRO B 601 27.53 5.97 16.36
C PRO B 601 26.81 5.19 15.25
N MET B 602 26.90 5.69 14.04
CA MET B 602 26.08 5.16 12.97
C MET B 602 26.93 4.55 11.86
N PRO B 603 26.28 3.79 10.95
CA PRO B 603 27.00 3.27 9.81
C PRO B 603 27.30 4.43 8.88
N THR B 604 28.55 4.52 8.43
CA THR B 604 28.97 5.60 7.54
C THR B 604 29.58 4.95 6.34
N ALA B 605 28.75 4.44 5.44
CA ALA B 605 29.21 3.61 4.35
C ALA B 605 29.96 4.49 3.35
N SER B 606 29.24 5.45 2.77
CA SER B 606 29.79 6.24 1.70
C SER B 606 30.76 7.31 2.20
N THR B 607 30.38 8.06 3.24
CA THR B 607 31.24 9.13 3.74
C THR B 607 32.56 8.62 4.21
N ALA B 608 32.63 7.35 4.63
CA ALA B 608 33.91 6.78 5.10
C ALA B 608 34.74 6.34 3.92
N GLN B 609 34.10 5.78 2.88
CA GLN B 609 34.85 5.45 1.67
C GLN B 609 35.49 6.68 1.02
N ILE B 610 35.07 7.88 1.45
CA ILE B 610 35.55 9.16 0.89
C ILE B 610 36.81 9.66 1.55
N LEU B 611 36.81 9.65 2.87
CA LEU B 611 37.94 10.08 3.64
C LEU B 611 39.00 8.99 3.73
N GLY B 612 38.73 7.84 3.11
CA GLY B 612 39.65 6.69 3.14
C GLY B 612 39.67 5.91 4.45
N ASN B 613 38.75 6.26 5.35
CA ASN B 613 38.61 5.63 6.67
C ASN B 613 37.80 4.35 6.67
N ASN B 614 38.08 3.47 7.63
CA ASN B 614 37.27 2.29 7.82
C ASN B 614 35.98 2.67 8.47
N GLU B 615 34.95 1.96 8.09
CA GLU B 615 33.60 2.16 8.57
C GLU B 615 33.48 2.23 10.10
N SER B 616 33.13 3.42 10.57
CA SER B 616 32.76 3.72 11.95
C SER B 616 33.55 2.99 13.05
N ILE B 617 32.89 2.08 13.75
CA ILE B 617 33.47 1.43 14.92
C ILE B 617 33.96 0.02 14.64
N GLU B 618 33.71 -0.48 13.44
CA GLU B 618 34.02 -1.86 13.14
C GLU B 618 35.51 -1.95 12.85
N PRO B 619 36.22 -2.97 13.43
CA PRO B 619 37.66 -3.21 13.15
C PRO B 619 37.89 -3.44 11.66
N TYR B 620 39.14 -3.37 11.20
CA TYR B 620 39.40 -3.62 9.77
C TYR B 620 38.93 -5.00 9.41
N THR B 621 38.16 -5.10 8.33
CA THR B 621 37.45 -6.36 8.04
C THR B 621 38.31 -7.27 7.20
N SER B 622 39.44 -6.74 6.76
CA SER B 622 40.46 -7.52 6.07
C SER B 622 41.59 -6.60 5.62
N ASN B 623 42.63 -7.20 5.07
CA ASN B 623 43.79 -6.46 4.59
C ASN B 623 43.78 -6.27 3.09
N ILE B 624 42.94 -7.04 2.41
CA ILE B 624 42.76 -6.93 0.98
C ILE B 624 41.30 -6.58 0.72
N TYR B 625 41.06 -5.36 0.24
CA TYR B 625 39.72 -4.95 -0.16
C TYR B 625 39.67 -4.93 -1.69
N THR B 626 38.57 -4.42 -2.24
CA THR B 626 38.34 -4.47 -3.68
C THR B 626 37.39 -3.36 -4.14
N PHE B 634 39.72 -3.85 -10.02
CA PHE B 634 40.27 -3.24 -8.77
C PHE B 634 41.27 -4.20 -8.05
N GLN B 635 40.96 -4.58 -6.79
CA GLN B 635 41.74 -5.55 -5.94
C GLN B 635 43.06 -5.08 -5.30
N ILE B 636 42.97 -4.27 -4.23
CA ILE B 636 44.14 -3.60 -3.59
C ILE B 636 44.32 -3.80 -2.08
N VAL B 637 45.51 -3.47 -1.59
CA VAL B 637 45.96 -3.79 -0.20
C VAL B 637 45.76 -2.67 0.82
N ASN B 638 45.49 -3.04 2.08
CA ASN B 638 45.34 -2.10 3.23
C ASN B 638 46.52 -1.11 3.29
N PRO B 639 46.23 0.18 3.03
CA PRO B 639 47.29 1.19 2.93
C PRO B 639 48.16 1.17 4.18
N HIS B 640 47.52 1.12 5.35
CA HIS B 640 48.19 1.18 6.63
C HIS B 640 49.21 0.08 6.78
N LEU B 641 48.78 -1.16 6.57
CA LEU B 641 49.70 -2.30 6.64
C LEU B 641 50.83 -2.15 5.65
N LEU B 642 50.49 -1.69 4.45
CA LEU B 642 51.44 -1.63 3.37
C LEU B 642 52.58 -0.61 3.60
N LYS B 643 52.26 0.56 4.16
CA LYS B 643 53.26 1.62 4.42
C LYS B 643 54.13 1.26 5.63
N ASP B 644 53.71 0.22 6.35
CA ASP B 644 54.49 -0.39 7.42
C ASP B 644 55.40 -1.49 6.85
N LEU B 645 54.79 -2.36 6.05
CA LEU B 645 55.46 -3.52 5.54
C LEU B 645 56.65 -3.18 4.73
N THR B 646 56.48 -2.24 3.80
CA THR B 646 57.59 -1.80 2.93
C THR B 646 58.55 -0.88 3.66
N GLU B 647 58.04 -0.08 4.60
CA GLU B 647 58.88 0.73 5.49
C GLU B 647 59.93 -0.14 6.19
N ARG B 648 59.54 -1.35 6.59
CA ARG B 648 60.46 -2.31 7.21
C ARG B 648 61.16 -3.21 6.17
N GLY B 649 61.02 -2.87 4.89
CA GLY B 649 61.62 -3.64 3.79
C GLY B 649 61.32 -5.13 3.81
N LEU B 650 60.10 -5.50 4.20
CA LEU B 650 59.69 -6.91 4.34
C LEU B 650 58.70 -7.39 3.27
N TRP B 651 58.10 -6.47 2.54
CA TRP B 651 57.09 -6.80 1.53
C TRP B 651 57.69 -7.06 0.16
N HIS B 652 57.41 -8.21 -0.45
CA HIS B 652 57.77 -8.40 -1.85
C HIS B 652 56.57 -8.69 -2.75
N GLU B 653 56.87 -8.88 -4.03
CA GLU B 653 55.88 -9.13 -5.08
C GLU B 653 54.76 -10.09 -4.66
N GLU B 654 55.02 -11.41 -4.78
CA GLU B 654 54.01 -12.49 -4.64
C GLU B 654 53.16 -12.52 -3.34
N MET B 655 53.27 -11.46 -2.54
CA MET B 655 52.71 -11.47 -1.20
C MET B 655 51.22 -11.14 -1.12
N LYS B 656 50.71 -10.44 -2.13
CA LYS B 656 49.26 -10.25 -2.26
C LYS B 656 48.50 -11.59 -2.47
N ASN B 657 49.11 -12.49 -3.26
CA ASN B 657 48.58 -13.82 -3.57
C ASN B 657 48.31 -14.61 -2.29
N GLN B 658 49.34 -14.66 -1.46
CA GLN B 658 49.29 -15.38 -0.20
C GLN B 658 48.18 -14.83 0.69
N ILE B 659 48.08 -13.51 0.78
CA ILE B 659 47.03 -12.87 1.61
C ILE B 659 45.60 -13.19 1.09
N ILE B 660 45.46 -13.25 -0.24
CA ILE B 660 44.20 -13.66 -0.88
C ILE B 660 43.88 -15.10 -0.49
N ALA B 661 44.92 -15.94 -0.55
CA ALA B 661 44.86 -17.34 -0.15
C ALA B 661 44.47 -17.58 1.32
N CYS B 662 44.06 -16.52 2.02
CA CYS B 662 43.55 -16.68 3.38
C CYS B 662 42.38 -15.74 3.56
N ASN B 663 41.80 -15.30 2.44
CA ASN B 663 40.79 -14.26 2.44
C ASN B 663 41.25 -13.17 3.42
N GLY B 664 42.33 -12.48 3.03
CA GLY B 664 42.79 -11.28 3.70
C GLY B 664 43.37 -11.43 5.09
N SER B 665 43.77 -12.64 5.45
CA SER B 665 44.43 -12.88 6.73
C SER B 665 45.96 -12.79 6.58
N ILE B 666 46.61 -12.02 7.45
CA ILE B 666 48.07 -11.86 7.41
C ILE B 666 48.76 -12.72 8.45
N GLN B 667 48.05 -13.75 8.93
CA GLN B 667 48.48 -14.55 10.11
C GLN B 667 49.39 -15.75 9.83
N SER B 668 49.46 -16.22 8.59
CA SER B 668 50.39 -17.32 8.30
C SER B 668 51.74 -16.86 7.68
N ILE B 669 51.70 -15.86 6.80
CA ILE B 669 52.91 -15.26 6.27
C ILE B 669 53.95 -15.05 7.40
N PRO B 670 55.10 -15.78 7.33
CA PRO B 670 56.04 -15.90 8.45
C PRO B 670 57.17 -14.85 8.57
N GLU B 671 57.54 -14.16 7.48
CA GLU B 671 58.55 -13.07 7.58
C GLU B 671 57.98 -11.78 8.21
N ILE B 672 56.65 -11.76 8.39
CA ILE B 672 55.99 -10.74 9.21
C ILE B 672 56.05 -11.17 10.67
N PRO B 673 56.55 -10.30 11.55
CA PRO B 673 56.66 -10.67 12.97
C PRO B 673 55.34 -10.48 13.74
N ASP B 674 55.22 -11.14 14.91
CA ASP B 674 53.98 -11.20 15.76
C ASP B 674 53.34 -9.85 16.15
N ASP B 675 54.18 -8.88 16.49
CA ASP B 675 53.83 -7.47 16.65
C ASP B 675 52.88 -6.94 15.57
N LEU B 676 53.33 -7.02 14.31
CA LEU B 676 52.50 -6.63 13.17
C LEU B 676 51.32 -7.56 12.91
N LYS B 677 51.46 -8.86 13.17
CA LYS B 677 50.36 -9.78 13.02
C LYS B 677 49.29 -9.35 14.02
N GLN B 678 49.72 -8.97 15.21
CA GLN B 678 48.79 -8.57 16.28
C GLN B 678 47.94 -7.36 15.99
N LEU B 679 48.49 -6.39 15.25
CA LEU B 679 47.70 -5.23 14.78
C LEU B 679 46.66 -5.69 13.78
N TYR B 680 47.17 -6.22 12.67
CA TYR B 680 46.39 -6.44 11.48
C TYR B 680 45.58 -7.73 11.46
N LYS B 681 44.96 -8.02 12.60
CA LYS B 681 43.96 -9.07 12.67
C LYS B 681 42.68 -8.58 11.98
N THR B 682 42.25 -9.32 10.98
CA THR B 682 40.99 -9.09 10.31
C THR B 682 39.89 -9.41 11.29
N VAL B 683 38.69 -8.87 11.08
CA VAL B 683 37.59 -9.05 12.03
C VAL B 683 37.22 -10.53 12.34
N TRP B 684 37.66 -11.46 11.50
CA TRP B 684 37.28 -12.88 11.64
C TRP B 684 38.16 -13.65 12.57
N GLU B 685 39.26 -13.04 12.97
CA GLU B 685 40.15 -13.62 13.98
C GLU B 685 40.11 -12.73 15.25
N ILE B 686 38.96 -12.12 15.51
CA ILE B 686 38.78 -11.20 16.67
C ILE B 686 37.56 -11.59 17.47
N SER B 687 37.74 -11.71 18.78
CA SER B 687 36.63 -12.11 19.59
C SER B 687 35.42 -11.16 19.52
N GLN B 688 34.33 -11.64 18.94
CA GLN B 688 33.10 -10.87 18.95
C GLN B 688 32.73 -10.51 20.38
N LYS B 689 32.99 -11.41 21.32
CA LYS B 689 32.76 -11.14 22.74
C LYS B 689 33.46 -9.86 23.15
N THR B 690 34.67 -9.68 22.65
CA THR B 690 35.45 -8.49 22.99
C THR B 690 34.92 -7.28 22.23
N VAL B 691 34.35 -7.54 21.04
CA VAL B 691 33.76 -6.47 20.26
C VAL B 691 32.69 -5.85 21.11
N LEU B 692 31.88 -6.71 21.73
CA LEU B 692 30.74 -6.31 22.54
C LEU B 692 31.16 -5.67 23.83
N LYS B 693 32.22 -6.20 24.44
CA LYS B 693 32.73 -5.60 25.66
C LYS B 693 33.12 -4.14 25.40
N MET B 694 33.92 -3.87 24.37
CA MET B 694 34.23 -2.48 24.08
C MET B 694 32.97 -1.70 23.72
N ALA B 695 32.19 -2.29 22.83
CA ALA B 695 30.90 -1.73 22.46
C ALA B 695 30.06 -1.18 23.62
N ALA B 696 30.04 -1.89 24.75
CA ALA B 696 29.25 -1.48 25.92
C ALA B 696 29.98 -0.43 26.73
N GLU B 697 31.19 -0.78 27.14
CA GLU B 697 32.14 0.14 27.74
C GLU B 697 32.10 1.55 27.15
N ARG B 698 32.13 1.68 25.82
CA ARG B 698 31.98 3.03 25.27
C ARG B 698 30.53 3.40 25.28
N GLY B 699 29.67 2.38 25.30
CA GLY B 699 28.22 2.53 25.34
C GLY B 699 27.78 3.39 26.50
N ALA B 700 28.54 3.33 27.57
CA ALA B 700 28.24 4.11 28.75
C ALA B 700 28.29 5.63 28.49
N PHE B 701 28.91 6.04 27.39
CA PHE B 701 28.92 7.47 27.05
C PHE B 701 28.17 7.72 25.77
N ILE B 702 27.40 6.74 25.33
CA ILE B 702 26.48 6.99 24.25
C ILE B 702 25.03 6.99 24.77
N ASP B 703 24.43 8.18 24.79
CA ASP B 703 23.06 8.38 25.26
C ASP B 703 22.01 7.72 24.36
N GLN B 704 22.32 7.64 23.06
CA GLN B 704 21.57 6.80 22.13
C GLN B 704 22.26 5.43 22.01
N SER B 705 22.02 4.74 20.91
CA SER B 705 22.68 3.47 20.69
C SER B 705 23.81 3.58 19.66
N GLN B 706 24.35 2.44 19.28
CA GLN B 706 25.32 2.33 18.21
C GLN B 706 24.98 1.12 17.35
N SER B 707 25.12 1.25 16.02
CA SER B 707 24.87 0.12 15.11
C SER B 707 26.04 -0.87 15.08
N LEU B 708 25.94 -1.93 15.88
CA LEU B 708 26.96 -2.96 15.93
C LEU B 708 26.67 -4.05 14.95
N ASN B 709 27.68 -4.43 14.17
CA ASN B 709 27.61 -5.63 13.32
C ASN B 709 28.41 -6.80 13.89
N ILE B 710 27.89 -8.00 13.77
CA ILE B 710 28.60 -9.15 14.34
C ILE B 710 29.15 -10.10 13.29
N HIS B 711 30.45 -10.36 13.39
CA HIS B 711 31.15 -11.12 12.39
C HIS B 711 31.48 -12.49 12.96
N ILE B 712 30.65 -13.48 12.60
CA ILE B 712 30.91 -14.88 12.97
C ILE B 712 31.12 -15.68 11.69
N ALA B 713 32.30 -16.24 11.55
CA ALA B 713 32.65 -17.01 10.36
C ALA B 713 31.65 -18.11 10.00
N GLU B 714 31.58 -19.15 10.84
CA GLU B 714 30.72 -20.32 10.63
C GLU B 714 29.90 -20.42 11.90
N PRO B 715 28.63 -20.02 11.82
CA PRO B 715 27.83 -19.83 13.02
C PRO B 715 26.94 -21.01 13.39
N ASN B 716 27.13 -21.54 14.60
CA ASN B 716 26.15 -22.47 15.15
C ASN B 716 25.23 -21.82 16.19
N TYR B 717 24.25 -22.59 16.67
CA TYR B 717 23.31 -22.10 17.66
C TYR B 717 24.04 -21.61 18.89
N GLY B 718 24.94 -22.46 19.38
CA GLY B 718 25.67 -22.24 20.62
C GLY B 718 26.41 -20.93 20.57
N LYS B 719 27.10 -20.72 19.45
CA LYS B 719 27.75 -19.44 19.19
C LYS B 719 26.80 -18.23 19.38
N LEU B 720 25.74 -18.16 18.57
CA LEU B 720 24.85 -17.01 18.54
C LEU B 720 24.14 -16.79 19.84
N THR B 721 23.67 -17.88 20.40
CA THR B 721 22.97 -17.87 21.69
C THR B 721 23.85 -17.19 22.76
N SER B 722 24.96 -17.85 23.09
CA SER B 722 25.86 -17.40 24.11
C SER B 722 26.31 -15.99 23.80
N MET B 723 26.27 -15.60 22.54
CA MET B 723 26.76 -14.29 22.23
C MET B 723 25.65 -13.24 22.38
N HIS B 724 24.40 -13.61 22.15
CA HIS B 724 23.35 -12.66 22.46
C HIS B 724 23.26 -12.35 23.96
N PHE B 725 23.15 -13.41 24.75
CA PHE B 725 23.12 -13.29 26.20
C PHE B 725 24.29 -12.56 26.77
N TYR B 726 25.49 -12.79 26.23
CA TYR B 726 26.65 -12.03 26.69
C TYR B 726 26.47 -10.51 26.48
N GLY B 727 25.96 -10.09 25.31
CA GLY B 727 25.84 -8.67 24.99
C GLY B 727 24.69 -8.05 25.73
N TRP B 728 23.64 -8.86 25.90
CA TRP B 728 22.53 -8.47 26.76
C TRP B 728 23.09 -8.22 28.13
N LYS B 729 23.76 -9.22 28.70
CA LYS B 729 24.30 -9.07 30.06
C LYS B 729 25.18 -7.82 30.17
N GLN B 730 25.79 -7.42 29.05
CA GLN B 730 26.62 -6.18 28.96
C GLN B 730 25.84 -4.92 29.31
N GLY B 731 24.54 -4.93 29.00
CA GLY B 731 23.71 -3.74 29.08
C GLY B 731 23.56 -3.06 27.72
N LEU B 732 23.81 -3.79 26.64
CA LEU B 732 23.82 -3.13 25.34
C LEU B 732 22.38 -2.74 24.95
N LYS B 733 22.20 -1.71 24.12
CA LYS B 733 20.86 -1.37 23.61
C LYS B 733 20.55 -2.07 22.28
N THR B 734 21.38 -1.82 21.25
CA THR B 734 21.48 -2.73 20.09
C THR B 734 22.55 -3.74 20.45
N GLY B 735 22.16 -5.00 20.53
CA GLY B 735 23.13 -6.05 20.78
C GLY B 735 23.46 -6.81 19.51
N MET B 736 23.05 -6.25 18.38
CA MET B 736 23.28 -6.85 17.07
C MET B 736 22.49 -6.18 15.97
N TYR B 737 23.21 -5.46 15.10
CA TYR B 737 22.68 -4.95 13.85
C TYR B 737 22.66 -6.13 12.88
N TYR B 738 23.49 -6.08 11.84
CA TYR B 738 23.57 -7.15 10.86
C TYR B 738 24.54 -8.20 11.33
N LEU B 739 24.18 -9.46 11.13
CA LEU B 739 25.07 -10.60 11.34
C LEU B 739 25.73 -10.88 10.02
N ARG B 740 26.96 -10.40 9.89
CA ARG B 740 27.80 -10.71 8.75
C ARG B 740 28.45 -12.07 9.02
N THR B 741 28.31 -12.97 8.07
CA THR B 741 28.67 -14.37 8.24
C THR B 741 29.07 -14.95 6.88
N ARG B 742 30.18 -15.67 6.82
CA ARG B 742 30.76 -16.09 5.53
C ARG B 742 31.36 -17.52 5.49
#